data_5EFO
#
_entry.id   5EFO
#
_cell.length_a   59.949
_cell.length_b   76.336
_cell.length_c   89.694
_cell.angle_alpha   67.540
_cell.angle_beta   73.740
_cell.angle_gamma   84.920
#
_symmetry.space_group_name_H-M   'P 1'
#
loop_
_entity.id
_entity.type
_entity.pdbx_description
1 polymer 'Uridine phosphorylase'
2 non-polymer 'SODIUM ION'
3 non-polymer 6-AMINOPYRIMIDIN-2(1H)-ONE
4 non-polymer 2-AMINO-2-HYDROXYMETHYL-PROPANE-1,3-DIOL
5 non-polymer GLYCEROL
6 non-polymer DI(HYDROXYETHYL)ETHER
7 non-polymer 1,2-ETHANEDIOL
8 non-polymer 4-AMINO-1-BETA-D-RIBOFURANOSYL-2(1H)-PYRIMIDINONE
9 water water
#
_entity_poly.entity_id   1
_entity_poly.type   'polypeptide(L)'
_entity_poly.pdbx_seq_one_letter_code
;MTKTVFHLGVTEADLNGATLAIIPGDPARVQKIAELMDNPVFLASHREYTVYRAELDGQSVVVCSTGIGGPSTSIAVEEL
AQLGVRTFLRVGTTGAIQPHVNVGDMIVTTGSVRLDGASLHFAPMEFPAVPDFDVATAMKAAAQESGATVHMGVTASSDT
FYPGQERYDTFTGRVVRRFQGSMKEWQDMGVLNFEMESATLLTMCASSGLKAGCVAGVIINRTQKEIPDHATLKETEARS
IKVVVEAARKMLK
;
_entity_poly.pdbx_strand_id   A,B,C,D,E,F
#
loop_
_chem_comp.id
_chem_comp.type
_chem_comp.name
_chem_comp.formula
CTN non-polymer 4-AMINO-1-BETA-D-RIBOFURANOSYL-2(1H)-PYRIMIDINONE 'C9 H13 N3 O5'
CYT non-polymer 6-AMINOPYRIMIDIN-2(1H)-ONE 'C4 H5 N3 O'
EDO non-polymer 1,2-ETHANEDIOL 'C2 H6 O2'
GOL non-polymer GLYCEROL 'C3 H8 O3'
NA non-polymer 'SODIUM ION' 'Na 1'
PEG non-polymer DI(HYDROXYETHYL)ETHER 'C4 H10 O3'
TRS non-polymer 2-AMINO-2-HYDROXYMETHYL-PROPANE-1,3-DIOL 'C4 H12 N O3 1'
#
# COMPACT_ATOMS: atom_id res chain seq x y z
N LYS A 3 11.87 -38.40 11.85
CA LYS A 3 11.59 -36.95 11.61
C LYS A 3 10.53 -36.42 12.57
N THR A 4 10.98 -35.81 13.66
CA THR A 4 10.08 -35.12 14.58
C THR A 4 10.04 -33.64 14.19
N VAL A 5 8.84 -33.11 13.95
CA VAL A 5 8.64 -31.70 13.61
C VAL A 5 9.01 -30.77 14.78
N PHE A 6 9.27 -29.50 14.47
CA PHE A 6 9.85 -28.55 15.44
CA PHE A 6 9.86 -28.58 15.45
C PHE A 6 8.95 -28.26 16.63
N HIS A 7 7.67 -28.03 16.38
CA HIS A 7 6.76 -27.60 17.46
C HIS A 7 5.80 -28.67 18.00
N LEU A 8 5.26 -29.49 17.09
CA LEU A 8 4.17 -30.41 17.43
C LEU A 8 4.59 -31.63 18.25
N GLY A 9 5.86 -32.03 18.13
CA GLY A 9 6.40 -33.16 18.89
C GLY A 9 5.89 -34.53 18.48
N VAL A 10 5.54 -34.66 17.21
CA VAL A 10 5.04 -35.93 16.68
C VAL A 10 5.78 -36.27 15.39
N THR A 11 5.77 -37.55 15.03
CA THR A 11 6.41 -38.04 13.82
C THR A 11 5.31 -38.50 12.87
N GLU A 12 5.69 -38.86 11.64
CA GLU A 12 4.73 -39.38 10.66
C GLU A 12 4.09 -40.67 11.17
N ALA A 13 4.91 -41.53 11.79
CA ALA A 13 4.43 -42.80 12.35
C ALA A 13 3.34 -42.64 13.41
N ASP A 14 3.45 -41.59 14.23
CA ASP A 14 2.44 -41.28 15.26
C ASP A 14 1.04 -41.11 14.67
N LEU A 15 0.96 -40.65 13.43
CA LEU A 15 -0.32 -40.33 12.79
C LEU A 15 -0.97 -41.53 12.11
N ASN A 16 -0.23 -42.64 12.01
CA ASN A 16 -0.78 -43.90 11.48
C ASN A 16 -1.48 -43.73 10.12
N GLY A 17 -0.87 -42.93 9.24
CA GLY A 17 -1.36 -42.74 7.88
C GLY A 17 -2.45 -41.70 7.71
N ALA A 18 -2.75 -40.94 8.77
CA ALA A 18 -3.79 -39.91 8.69
C ALA A 18 -3.46 -38.86 7.63
N THR A 19 -4.43 -38.54 6.77
CA THR A 19 -4.25 -37.46 5.78
C THR A 19 -5.24 -36.32 6.00
N LEU A 20 -6.04 -36.45 7.07
CA LEU A 20 -7.03 -35.45 7.44
C LEU A 20 -6.87 -35.06 8.89
N ALA A 21 -6.92 -33.74 9.14
CA ALA A 21 -6.85 -33.21 10.50
C ALA A 21 -8.05 -32.35 10.80
N ILE A 22 -8.56 -32.51 12.02
CA ILE A 22 -9.53 -31.57 12.57
C ILE A 22 -8.74 -30.63 13.47
N ILE A 23 -8.90 -29.33 13.23
CA ILE A 23 -8.08 -28.33 13.90
C ILE A 23 -8.88 -27.27 14.70
N PRO A 24 -9.18 -27.58 15.98
CA PRO A 24 -9.83 -26.59 16.84
C PRO A 24 -8.76 -25.63 17.34
N GLY A 25 -9.20 -24.52 17.92
CA GLY A 25 -8.25 -23.54 18.45
C GLY A 25 -7.80 -23.89 19.85
N ASP A 26 -8.74 -24.37 20.66
CA ASP A 26 -8.52 -24.58 22.09
C ASP A 26 -7.93 -25.98 22.37
N PRO A 27 -6.71 -26.06 22.94
CA PRO A 27 -6.15 -27.39 23.23
C PRO A 27 -7.07 -28.30 24.07
N ALA A 28 -7.92 -27.71 24.92
CA ALA A 28 -8.85 -28.48 25.77
C ALA A 28 -10.00 -29.15 25.01
N ARG A 29 -10.28 -28.65 23.80
CA ARG A 29 -11.31 -29.25 22.95
C ARG A 29 -10.81 -30.47 22.17
N VAL A 30 -9.48 -30.68 22.14
CA VAL A 30 -8.90 -31.75 21.31
C VAL A 30 -9.35 -33.15 21.71
N GLN A 31 -9.24 -33.47 23.01
CA GLN A 31 -9.71 -34.74 23.54
C GLN A 31 -11.22 -34.93 23.27
N LYS A 32 -12.00 -33.87 23.50
CA LYS A 32 -13.45 -33.92 23.29
C LYS A 32 -13.82 -34.34 21.86
N ILE A 33 -13.08 -33.83 20.88
CA ILE A 33 -13.31 -34.15 19.47
C ILE A 33 -12.86 -35.59 19.16
N ALA A 34 -11.65 -35.93 19.62
CA ALA A 34 -11.11 -37.28 19.44
C ALA A 34 -12.04 -38.35 19.99
N GLU A 35 -12.70 -38.06 21.11
CA GLU A 35 -13.58 -39.04 21.77
C GLU A 35 -14.89 -39.27 21.04
N LEU A 36 -15.21 -38.41 20.08
CA LEU A 36 -16.37 -38.62 19.21
C LEU A 36 -16.09 -39.71 18.16
N MET A 37 -14.83 -40.09 18.04
CA MET A 37 -14.40 -41.09 17.06
C MET A 37 -13.90 -42.35 17.77
N ASP A 38 -13.37 -43.30 17.00
CA ASP A 38 -12.94 -44.59 17.56
C ASP A 38 -11.46 -44.59 17.95
N ASN A 39 -11.12 -45.38 18.97
CA ASN A 39 -9.75 -45.55 19.44
C ASN A 39 -8.95 -44.25 19.60
N PRO A 40 -9.49 -43.26 20.36
CA PRO A 40 -8.75 -42.00 20.54
C PRO A 40 -7.47 -42.20 21.36
N VAL A 41 -6.37 -41.63 20.90
CA VAL A 41 -5.06 -41.83 21.52
C VAL A 41 -4.34 -40.48 21.62
N PHE A 42 -3.93 -40.13 22.84
CA PHE A 42 -3.10 -38.95 23.10
C PHE A 42 -1.72 -39.13 22.47
N LEU A 43 -1.28 -38.13 21.70
CA LEU A 43 0.05 -38.17 21.07
C LEU A 43 1.08 -37.27 21.74
N ALA A 44 0.72 -36.00 21.93
CA ALA A 44 1.66 -35.00 22.46
C ALA A 44 0.93 -33.73 22.89
N SER A 45 1.50 -33.03 23.87
CA SER A 45 1.08 -31.66 24.19
C SER A 45 2.33 -30.80 24.42
N HIS A 46 2.52 -29.79 23.57
CA HIS A 46 3.61 -28.81 23.71
C HIS A 46 3.01 -27.44 23.39
N ARG A 47 3.25 -26.44 24.24
CA ARG A 47 2.70 -25.08 24.05
C ARG A 47 1.18 -25.16 23.82
N GLU A 48 0.65 -24.43 22.83
CA GLU A 48 -0.79 -24.50 22.55
C GLU A 48 -1.21 -25.69 21.68
N TYR A 49 -0.26 -26.59 21.40
CA TYR A 49 -0.50 -27.71 20.50
C TYR A 49 -0.71 -29.02 21.25
N THR A 50 -1.97 -29.45 21.32
CA THR A 50 -2.32 -30.75 21.87
C THR A 50 -2.78 -31.60 20.70
N VAL A 51 -2.19 -32.78 20.57
CA VAL A 51 -2.36 -33.64 19.39
C VAL A 51 -2.86 -35.01 19.81
N TYR A 52 -3.99 -35.40 19.22
CA TYR A 52 -4.56 -36.74 19.35
C TYR A 52 -4.69 -37.39 17.98
N ARG A 53 -4.83 -38.72 18.00
CA ARG A 53 -5.21 -39.48 16.82
C ARG A 53 -6.48 -40.23 17.18
N ALA A 54 -7.33 -40.49 16.19
CA ALA A 54 -8.49 -41.37 16.33
C ALA A 54 -8.81 -42.05 14.99
N GLU A 55 -9.83 -42.90 15.00
CA GLU A 55 -10.25 -43.62 13.80
C GLU A 55 -11.70 -43.30 13.48
N LEU A 56 -11.95 -43.07 12.20
CA LEU A 56 -13.27 -42.71 11.71
C LEU A 56 -13.53 -43.61 10.51
N ASP A 57 -14.55 -44.47 10.64
CA ASP A 57 -14.84 -45.49 9.63
C ASP A 57 -13.58 -46.25 9.21
N GLY A 58 -12.72 -46.56 10.17
CA GLY A 58 -11.52 -47.37 9.93
C GLY A 58 -10.28 -46.60 9.49
N GLN A 59 -10.43 -45.30 9.26
CA GLN A 59 -9.31 -44.47 8.80
C GLN A 59 -8.80 -43.54 9.88
N SER A 60 -7.48 -43.40 9.93
CA SER A 60 -6.83 -42.52 10.91
CA SER A 60 -6.84 -42.53 10.92
C SER A 60 -7.13 -41.06 10.65
N VAL A 61 -7.43 -40.33 11.72
CA VAL A 61 -7.68 -38.89 11.66
C VAL A 61 -6.87 -38.25 12.79
N VAL A 62 -6.26 -37.09 12.53
CA VAL A 62 -5.57 -36.35 13.58
CA VAL A 62 -5.54 -36.32 13.55
C VAL A 62 -6.43 -35.19 14.06
N VAL A 63 -6.40 -34.95 15.38
CA VAL A 63 -7.02 -33.77 15.96
C VAL A 63 -5.85 -32.99 16.56
N CYS A 64 -5.70 -31.72 16.15
CA CYS A 64 -4.59 -30.90 16.61
C CYS A 64 -5.05 -29.48 16.85
N SER A 65 -4.83 -28.96 18.06
CA SER A 65 -5.19 -27.55 18.35
C SER A 65 -4.23 -26.59 17.68
N THR A 66 -4.71 -25.37 17.42
CA THR A 66 -3.94 -24.34 16.72
C THR A 66 -3.47 -23.19 17.61
N GLY A 67 -4.10 -23.00 18.76
CA GLY A 67 -3.99 -21.75 19.50
C GLY A 67 -4.76 -20.63 18.82
N ILE A 68 -4.70 -19.44 19.43
CA ILE A 68 -5.33 -18.25 18.86
C ILE A 68 -4.43 -17.60 17.82
N GLY A 69 -5.00 -17.30 16.66
CA GLY A 69 -4.34 -16.49 15.65
C GLY A 69 -3.68 -17.24 14.51
N GLY A 70 -3.51 -16.51 13.41
CA GLY A 70 -2.82 -17.03 12.23
C GLY A 70 -1.40 -17.54 12.46
N PRO A 71 -0.58 -16.81 13.23
CA PRO A 71 0.79 -17.29 13.37
C PRO A 71 0.90 -18.70 13.94
N SER A 72 0.25 -18.95 15.08
CA SER A 72 0.32 -20.31 15.65
C SER A 72 -0.39 -21.36 14.77
N THR A 73 -1.46 -20.96 14.09
CA THR A 73 -2.18 -21.85 13.16
C THR A 73 -1.26 -22.27 12.02
N SER A 74 -0.51 -21.31 11.46
CA SER A 74 0.36 -21.57 10.32
C SER A 74 1.45 -22.61 10.63
N ILE A 75 1.93 -22.62 11.88
CA ILE A 75 2.92 -23.62 12.30
C ILE A 75 2.29 -25.02 12.32
N ALA A 76 1.14 -25.15 12.97
CA ALA A 76 0.43 -26.42 13.07
C ALA A 76 0.12 -27.00 11.68
N VAL A 77 -0.42 -26.16 10.80
CA VAL A 77 -0.75 -26.59 9.45
C VAL A 77 0.48 -27.04 8.68
N GLU A 78 1.54 -26.24 8.72
CA GLU A 78 2.78 -26.58 8.03
C GLU A 78 3.34 -27.90 8.51
N GLU A 79 3.39 -28.08 9.84
CA GLU A 79 4.06 -29.25 10.38
C GLU A 79 3.22 -30.52 10.17
N LEU A 80 1.89 -30.39 10.25
CA LEU A 80 1.01 -31.49 9.91
C LEU A 80 1.14 -31.87 8.43
N ALA A 81 1.30 -30.86 7.58
CA ALA A 81 1.48 -31.13 6.15
C ALA A 81 2.82 -31.84 5.86
N GLN A 82 3.86 -31.53 6.63
CA GLN A 82 5.14 -32.22 6.51
C GLN A 82 4.99 -33.71 6.87
N LEU A 83 4.01 -34.00 7.70
CA LEU A 83 3.75 -35.35 8.17
C LEU A 83 2.67 -36.07 7.35
N GLY A 84 2.27 -35.46 6.24
CA GLY A 84 1.37 -36.11 5.29
C GLY A 84 -0.09 -35.68 5.30
N VAL A 85 -0.44 -34.73 6.17
CA VAL A 85 -1.83 -34.28 6.23
C VAL A 85 -2.10 -33.34 5.04
N ARG A 86 -3.22 -33.58 4.35
CA ARG A 86 -3.60 -32.79 3.15
C ARG A 86 -4.92 -32.05 3.27
N THR A 87 -5.76 -32.45 4.23
CA THR A 87 -7.09 -31.88 4.43
C THR A 87 -7.25 -31.39 5.87
N PHE A 88 -7.71 -30.15 6.01
CA PHE A 88 -7.79 -29.46 7.31
C PHE A 88 -9.19 -28.91 7.57
N LEU A 89 -9.85 -29.43 8.60
CA LEU A 89 -11.18 -28.97 8.94
C LEU A 89 -11.16 -28.15 10.22
N ARG A 90 -11.34 -26.85 10.07
CA ARG A 90 -11.38 -25.92 11.21
C ARG A 90 -12.77 -25.90 11.84
N VAL A 91 -12.83 -26.07 13.16
CA VAL A 91 -14.10 -25.95 13.89
C VAL A 91 -13.98 -24.97 15.05
N GLY A 92 -15.09 -24.29 15.35
CA GLY A 92 -15.16 -23.45 16.53
C GLY A 92 -16.56 -22.95 16.81
N THR A 93 -16.65 -22.04 17.76
CA THR A 93 -17.88 -21.28 17.98
C THR A 93 -17.55 -19.80 17.76
N THR A 94 -18.56 -19.00 17.43
CA THR A 94 -18.33 -17.65 16.97
C THR A 94 -19.48 -16.71 17.32
N GLY A 95 -19.20 -15.40 17.26
CA GLY A 95 -20.23 -14.38 17.39
C GLY A 95 -20.64 -13.84 16.02
N ALA A 96 -21.92 -13.57 15.85
CA ALA A 96 -22.44 -13.08 14.57
C ALA A 96 -22.56 -11.55 14.60
N ILE A 97 -22.50 -10.93 13.43
CA ILE A 97 -22.69 -9.47 13.33
C ILE A 97 -23.87 -9.09 12.44
N GLN A 98 -24.57 -10.10 11.93
CA GLN A 98 -25.84 -9.89 11.21
C GLN A 98 -27.02 -10.21 12.11
N PRO A 99 -28.04 -9.32 12.14
CA PRO A 99 -29.20 -9.55 13.00
C PRO A 99 -29.99 -10.83 12.71
N HIS A 100 -29.99 -11.29 11.46
CA HIS A 100 -30.79 -12.47 11.09
C HIS A 100 -30.15 -13.80 11.51
N VAL A 101 -28.89 -13.76 11.94
CA VAL A 101 -28.17 -14.95 12.38
C VAL A 101 -28.43 -15.20 13.86
N ASN A 102 -29.02 -16.36 14.17
CA ASN A 102 -29.45 -16.69 15.54
C ASN A 102 -28.48 -17.63 16.26
N VAL A 103 -28.46 -17.54 17.58
CA VAL A 103 -27.68 -18.47 18.41
CA VAL A 103 -27.67 -18.47 18.39
C VAL A 103 -28.13 -19.91 18.11
N GLY A 104 -27.18 -20.79 17.88
CA GLY A 104 -27.49 -22.17 17.53
C GLY A 104 -27.37 -22.42 16.04
N ASP A 105 -27.38 -21.34 15.26
CA ASP A 105 -27.09 -21.43 13.82
C ASP A 105 -25.63 -21.77 13.58
N MET A 106 -25.35 -22.29 12.39
CA MET A 106 -23.98 -22.59 12.01
CA MET A 106 -23.99 -22.63 11.97
C MET A 106 -23.57 -21.75 10.81
N ILE A 107 -22.30 -21.35 10.80
CA ILE A 107 -21.73 -20.60 9.69
C ILE A 107 -20.65 -21.45 9.03
N VAL A 108 -20.76 -21.60 7.71
CA VAL A 108 -19.69 -22.16 6.91
C VAL A 108 -19.11 -21.05 6.04
N THR A 109 -17.82 -20.77 6.25
CA THR A 109 -17.12 -19.66 5.59
C THR A 109 -16.89 -19.94 4.10
N THR A 110 -17.42 -19.08 3.22
CA THR A 110 -17.17 -19.20 1.77
C THR A 110 -15.98 -18.37 1.32
N GLY A 111 -15.55 -17.45 2.19
CA GLY A 111 -14.40 -16.60 1.94
C GLY A 111 -14.14 -15.75 3.17
N SER A 112 -12.88 -15.37 3.37
CA SER A 112 -12.55 -14.54 4.52
C SER A 112 -11.98 -13.18 4.14
N VAL A 113 -12.41 -12.16 4.87
CA VAL A 113 -11.80 -10.82 4.80
C VAL A 113 -10.45 -10.93 5.52
N ARG A 114 -9.38 -10.60 4.82
CA ARG A 114 -8.01 -10.83 5.32
C ARG A 114 -7.55 -9.66 6.18
N LEU A 115 -7.99 -9.67 7.45
CA LEU A 115 -7.58 -8.62 8.41
C LEU A 115 -6.45 -9.15 9.32
N ASP A 116 -5.63 -10.00 8.73
CA ASP A 116 -4.52 -10.67 9.41
C ASP A 116 -3.21 -10.29 8.74
N GLY A 117 -2.10 -10.80 9.25
CA GLY A 117 -0.81 -10.61 8.63
C GLY A 117 -0.22 -11.88 8.03
N ALA A 118 -0.52 -13.05 8.61
CA ALA A 118 0.12 -14.30 8.17
C ALA A 118 -0.28 -14.76 6.76
N SER A 119 -1.53 -14.48 6.36
CA SER A 119 -1.96 -14.80 4.99
C SER A 119 -1.01 -14.23 3.93
N LEU A 120 -0.49 -13.02 4.21
CA LEU A 120 0.42 -12.32 3.32
C LEU A 120 1.78 -12.99 3.23
N HIS A 121 2.06 -13.88 4.17
CA HIS A 121 3.29 -14.68 4.10
C HIS A 121 3.16 -15.86 3.12
N PHE A 122 1.97 -16.07 2.54
CA PHE A 122 1.73 -17.16 1.59
C PHE A 122 1.29 -16.68 0.21
N ALA A 123 0.54 -15.59 0.19
CA ALA A 123 0.02 -15.05 -1.06
C ALA A 123 -0.24 -13.57 -0.88
N PRO A 124 -0.08 -12.78 -1.96
CA PRO A 124 -0.32 -11.36 -1.84
C PRO A 124 -1.81 -11.07 -1.58
N MET A 125 -2.14 -9.85 -1.16
CA MET A 125 -3.49 -9.55 -0.69
C MET A 125 -4.59 -9.81 -1.72
N GLU A 126 -4.24 -9.70 -3.00
CA GLU A 126 -5.25 -9.88 -4.07
CA GLU A 126 -5.20 -9.90 -4.12
C GLU A 126 -5.78 -11.31 -4.15
N PHE A 127 -5.03 -12.28 -3.62
CA PHE A 127 -5.43 -13.69 -3.58
C PHE A 127 -6.61 -13.93 -2.62
N PRO A 128 -7.59 -14.75 -3.06
CA PRO A 128 -8.78 -14.96 -2.23
C PRO A 128 -8.55 -15.95 -1.09
N ALA A 129 -8.97 -15.56 0.12
CA ALA A 129 -8.97 -16.47 1.28
C ALA A 129 -10.23 -17.33 1.19
N VAL A 130 -10.11 -18.38 0.38
CA VAL A 130 -11.26 -19.22 0.06
CA VAL A 130 -11.23 -19.22 -0.03
C VAL A 130 -11.06 -20.69 0.43
N PRO A 131 -12.15 -21.34 0.87
CA PRO A 131 -12.05 -22.77 1.21
C PRO A 131 -12.02 -23.65 -0.03
N ASP A 132 -11.46 -24.85 0.12
CA ASP A 132 -11.64 -25.92 -0.86
C ASP A 132 -13.14 -26.20 -1.00
N PHE A 133 -13.60 -26.32 -2.25
CA PHE A 133 -15.03 -26.48 -2.52
C PHE A 133 -15.59 -27.77 -1.94
N ASP A 134 -14.83 -28.86 -2.02
CA ASP A 134 -15.29 -30.13 -1.44
C ASP A 134 -15.47 -30.03 0.07
N VAL A 135 -14.52 -29.39 0.74
CA VAL A 135 -14.63 -29.25 2.18
C VAL A 135 -15.83 -28.38 2.57
N ALA A 136 -15.98 -27.25 1.90
CA ALA A 136 -17.11 -26.36 2.16
C ALA A 136 -18.45 -27.08 1.92
N THR A 137 -18.51 -27.88 0.86
CA THR A 137 -19.69 -28.69 0.52
C THR A 137 -19.99 -29.73 1.61
N ALA A 138 -18.95 -30.41 2.08
CA ALA A 138 -19.08 -31.39 3.16
C ALA A 138 -19.53 -30.73 4.48
N MET A 139 -18.99 -29.55 4.79
CA MET A 139 -19.40 -28.84 6.00
C MET A 139 -20.86 -28.35 5.96
N LYS A 140 -21.29 -27.86 4.79
CA LYS A 140 -22.67 -27.45 4.60
C LYS A 140 -23.60 -28.65 4.81
N ALA A 141 -23.25 -29.77 4.18
CA ALA A 141 -24.05 -30.99 4.24
C ALA A 141 -24.19 -31.48 5.67
N ALA A 142 -23.06 -31.57 6.39
CA ALA A 142 -23.05 -32.03 7.78
C ALA A 142 -23.82 -31.06 8.68
N ALA A 143 -23.62 -29.76 8.48
CA ALA A 143 -24.30 -28.75 9.30
C ALA A 143 -25.81 -28.80 9.06
N GLN A 144 -26.23 -28.89 7.80
CA GLN A 144 -27.65 -28.97 7.48
C GLN A 144 -28.29 -30.27 7.96
N GLU A 145 -27.59 -31.38 7.79
CA GLU A 145 -28.09 -32.70 8.21
C GLU A 145 -28.30 -32.78 9.73
N SER A 146 -27.54 -32.00 10.47
CA SER A 146 -27.70 -31.89 11.93
C SER A 146 -29.03 -31.26 12.34
N GLY A 147 -29.68 -30.56 11.42
CA GLY A 147 -30.93 -29.86 11.72
C GLY A 147 -30.79 -28.37 11.94
N ALA A 148 -29.54 -27.89 12.03
CA ALA A 148 -29.29 -26.47 12.26
C ALA A 148 -29.64 -25.64 11.05
N THR A 149 -29.93 -24.36 11.29
CA THR A 149 -30.01 -23.37 10.23
C THR A 149 -28.57 -22.95 9.90
N VAL A 150 -28.22 -23.01 8.62
CA VAL A 150 -26.86 -22.82 8.16
C VAL A 150 -26.77 -21.59 7.28
N HIS A 151 -25.72 -20.81 7.51
CA HIS A 151 -25.40 -19.63 6.70
C HIS A 151 -24.08 -19.87 5.98
N MET A 152 -24.10 -19.73 4.66
CA MET A 152 -22.90 -19.77 3.83
C MET A 152 -22.55 -18.31 3.57
N GLY A 153 -21.34 -17.91 3.92
CA GLY A 153 -20.98 -16.51 3.66
C GLY A 153 -19.60 -16.12 4.11
N VAL A 154 -19.38 -14.80 4.05
CA VAL A 154 -18.06 -14.23 4.29
C VAL A 154 -17.83 -13.99 5.79
N THR A 155 -16.60 -14.28 6.23
CA THR A 155 -16.16 -14.14 7.63
C THR A 155 -15.04 -13.10 7.67
N ALA A 156 -15.11 -12.16 8.62
CA ALA A 156 -14.01 -11.21 8.80
C ALA A 156 -13.00 -11.81 9.78
N SER A 157 -11.75 -11.95 9.32
CA SER A 157 -10.72 -12.69 10.07
C SER A 157 -9.61 -11.74 10.53
N SER A 158 -9.59 -11.49 11.82
CA SER A 158 -8.82 -10.41 12.43
C SER A 158 -7.66 -10.90 13.29
N ASP A 159 -6.53 -10.22 13.18
CA ASP A 159 -5.36 -10.49 14.03
C ASP A 159 -5.54 -10.06 15.48
N THR A 160 -6.61 -9.32 15.77
CA THR A 160 -6.92 -8.92 17.16
C THR A 160 -8.37 -9.24 17.53
N PHE A 161 -8.59 -9.45 18.83
CA PHE A 161 -9.93 -9.67 19.39
C PHE A 161 -10.60 -8.31 19.64
N TYR A 162 -9.77 -7.32 19.97
CA TYR A 162 -10.28 -6.03 20.42
C TYR A 162 -10.39 -4.94 19.34
N PRO A 163 -9.29 -4.22 18.99
CA PRO A 163 -9.52 -3.13 18.02
C PRO A 163 -9.94 -3.58 16.61
N GLY A 164 -9.38 -4.69 16.13
CA GLY A 164 -9.70 -5.24 14.79
C GLY A 164 -11.12 -5.75 14.68
N GLN A 165 -11.79 -5.92 15.82
CA GLN A 165 -13.23 -6.25 15.82
C GLN A 165 -14.04 -5.07 16.31
N GLU A 166 -13.41 -3.89 16.25
CA GLU A 166 -13.97 -2.61 16.70
C GLU A 166 -14.63 -2.65 18.09
N ARG A 167 -13.94 -3.26 19.05
CA ARG A 167 -14.36 -3.23 20.45
C ARG A 167 -13.78 -1.98 21.12
N TYR A 168 -14.65 -1.22 21.78
CA TYR A 168 -14.26 0.01 22.47
C TYR A 168 -14.16 -0.10 23.99
N ASP A 169 -14.72 -1.17 24.55
CA ASP A 169 -14.69 -1.40 26.00
CA ASP A 169 -14.69 -1.38 26.01
C ASP A 169 -13.33 -2.00 26.40
N THR A 170 -12.28 -1.18 26.28
CA THR A 170 -10.91 -1.63 26.40
C THR A 170 -10.13 -0.67 27.28
N PHE A 171 -8.88 -1.03 27.57
CA PHE A 171 -8.00 -0.20 28.35
C PHE A 171 -7.94 1.25 27.85
N THR A 172 -7.74 1.45 26.56
CA THR A 172 -7.60 2.81 26.01
C THR A 172 -8.93 3.39 25.50
N GLY A 173 -9.85 2.51 25.13
CA GLY A 173 -11.11 2.94 24.49
C GLY A 173 -10.92 3.49 23.09
N ARG A 174 -9.72 3.28 22.53
CA ARG A 174 -9.37 3.80 21.21
CA ARG A 174 -9.32 3.81 21.24
C ARG A 174 -9.29 2.69 20.19
N VAL A 175 -9.69 3.01 18.96
CA VAL A 175 -9.53 2.10 17.85
C VAL A 175 -8.81 2.86 16.73
N VAL A 176 -7.75 2.27 16.19
CA VAL A 176 -6.93 2.90 15.15
C VAL A 176 -7.83 3.26 13.95
N ARG A 177 -7.46 4.33 13.25
CA ARG A 177 -8.22 4.86 12.10
C ARG A 177 -8.73 3.77 11.16
N ARG A 178 -7.83 2.87 10.78
CA ARG A 178 -8.15 1.76 9.86
C ARG A 178 -9.44 1.02 10.24
N PHE A 179 -9.66 0.83 11.53
CA PHE A 179 -10.78 0.03 12.03
C PHE A 179 -11.97 0.81 12.59
N GLN A 180 -11.84 2.13 12.67
CA GLN A 180 -12.99 2.98 13.03
C GLN A 180 -14.07 2.82 11.97
N GLY A 181 -15.28 2.49 12.43
CA GLY A 181 -16.44 2.32 11.56
C GLY A 181 -16.42 1.01 10.80
N SER A 182 -15.45 0.13 11.12
CA SER A 182 -15.27 -1.09 10.32
C SER A 182 -16.37 -2.14 10.53
N MET A 183 -16.90 -2.28 11.76
CA MET A 183 -17.98 -3.24 11.98
C MET A 183 -19.19 -2.94 11.10
N LYS A 184 -19.65 -1.68 11.11
CA LYS A 184 -20.77 -1.24 10.25
C LYS A 184 -20.48 -1.47 8.77
N GLU A 185 -19.25 -1.21 8.34
N GLU A 185 -19.25 -1.20 8.36
CA GLU A 185 -18.86 -1.46 6.95
CA GLU A 185 -18.79 -1.44 7.00
C GLU A 185 -18.99 -2.95 6.60
C GLU A 185 -18.94 -2.93 6.59
N TRP A 186 -18.44 -3.84 7.43
CA TRP A 186 -18.59 -5.28 7.16
C TRP A 186 -20.05 -5.73 7.21
N GLN A 187 -20.82 -5.19 8.15
CA GLN A 187 -22.26 -5.49 8.26
C GLN A 187 -22.99 -5.15 6.95
N ASP A 188 -22.72 -3.94 6.44
CA ASP A 188 -23.36 -3.47 5.21
C ASP A 188 -22.92 -4.26 3.98
N MET A 189 -21.73 -4.85 4.06
CA MET A 189 -21.20 -5.70 3.00
C MET A 189 -21.63 -7.15 3.13
N GLY A 190 -22.49 -7.44 4.12
CA GLY A 190 -23.07 -8.79 4.29
C GLY A 190 -22.19 -9.79 5.00
N VAL A 191 -21.10 -9.33 5.61
CA VAL A 191 -20.21 -10.21 6.35
C VAL A 191 -20.97 -10.78 7.56
N LEU A 192 -20.79 -12.07 7.82
CA LEU A 192 -21.57 -12.79 8.83
C LEU A 192 -21.04 -12.71 10.24
N ASN A 193 -19.71 -12.71 10.37
CA ASN A 193 -19.09 -12.93 11.69
C ASN A 193 -17.61 -12.55 11.71
N PHE A 194 -17.08 -12.39 12.92
CA PHE A 194 -15.64 -12.23 13.16
C PHE A 194 -15.05 -13.49 13.76
N GLU A 195 -13.83 -13.83 13.36
CA GLU A 195 -12.98 -14.76 14.12
C GLU A 195 -11.52 -14.40 13.83
N MET A 196 -10.56 -15.27 14.19
CA MET A 196 -9.16 -14.83 14.15
C MET A 196 -8.15 -15.74 13.43
N GLU A 197 -8.62 -16.78 12.73
CA GLU A 197 -7.69 -17.76 12.13
C GLU A 197 -7.98 -18.11 10.67
N SER A 198 -9.20 -17.87 10.19
CA SER A 198 -9.61 -18.36 8.87
C SER A 198 -8.86 -17.72 7.69
N ALA A 199 -8.55 -16.43 7.75
CA ALA A 199 -7.84 -15.81 6.63
C ALA A 199 -6.47 -16.49 6.43
N THR A 200 -5.76 -16.74 7.53
CA THR A 200 -4.47 -17.40 7.45
C THR A 200 -4.62 -18.83 6.95
N LEU A 201 -5.52 -19.59 7.59
CA LEU A 201 -5.75 -20.99 7.23
C LEU A 201 -6.12 -21.13 5.76
N LEU A 202 -7.14 -20.40 5.34
CA LEU A 202 -7.65 -20.53 3.97
C LEU A 202 -6.66 -20.07 2.89
N THR A 203 -5.99 -18.94 3.11
CA THR A 203 -5.00 -18.46 2.17
C THR A 203 -3.80 -19.39 2.06
N MET A 204 -3.25 -19.82 3.20
CA MET A 204 -2.14 -20.76 3.20
C MET A 204 -2.48 -22.04 2.44
N CYS A 205 -3.65 -22.62 2.72
CA CYS A 205 -3.99 -23.91 2.15
C CYS A 205 -4.31 -23.80 0.65
N ALA A 206 -5.11 -22.79 0.29
CA ALA A 206 -5.51 -22.58 -1.11
C ALA A 206 -4.34 -22.29 -2.04
N SER A 207 -3.23 -21.80 -1.48
CA SER A 207 -2.05 -21.45 -2.26
C SER A 207 -0.94 -22.50 -2.14
N SER A 208 -1.21 -23.57 -1.40
CA SER A 208 -0.18 -24.58 -1.09
C SER A 208 -0.56 -26.03 -1.42
N GLY A 209 -1.64 -26.21 -2.17
CA GLY A 209 -2.12 -27.57 -2.51
C GLY A 209 -2.71 -28.33 -1.34
N LEU A 210 -3.27 -27.61 -0.37
CA LEU A 210 -3.95 -28.23 0.77
C LEU A 210 -5.44 -27.90 0.74
N LYS A 211 -6.27 -28.82 1.22
CA LYS A 211 -7.71 -28.63 1.28
C LYS A 211 -8.14 -28.16 2.66
N ALA A 212 -8.87 -27.05 2.71
CA ALA A 212 -9.29 -26.48 3.99
C ALA A 212 -10.70 -25.88 3.96
N GLY A 213 -11.31 -25.84 5.13
CA GLY A 213 -12.59 -25.18 5.32
C GLY A 213 -12.82 -24.86 6.78
N CYS A 214 -13.84 -24.05 7.03
CA CYS A 214 -14.16 -23.58 8.38
C CYS A 214 -15.65 -23.68 8.66
N VAL A 215 -15.98 -24.29 9.80
CA VAL A 215 -17.36 -24.30 10.30
C VAL A 215 -17.38 -23.81 11.73
N ALA A 216 -18.41 -23.04 12.08
CA ALA A 216 -18.54 -22.49 13.42
C ALA A 216 -19.99 -22.43 13.90
N GLY A 217 -20.19 -22.75 15.19
CA GLY A 217 -21.49 -22.58 15.82
C GLY A 217 -21.63 -21.17 16.37
N VAL A 218 -22.79 -20.56 16.15
CA VAL A 218 -23.05 -19.22 16.67
C VAL A 218 -23.52 -19.30 18.13
N ILE A 219 -22.75 -18.67 19.02
CA ILE A 219 -23.05 -18.64 20.45
C ILE A 219 -23.46 -17.25 20.99
N ILE A 220 -23.20 -16.20 20.21
CA ILE A 220 -23.58 -14.83 20.57
C ILE A 220 -23.71 -13.95 19.32
N ASN A 221 -24.41 -12.83 19.46
CA ASN A 221 -24.64 -11.92 18.36
C ASN A 221 -24.37 -10.46 18.79
N ARG A 222 -23.34 -9.84 18.19
CA ARG A 222 -22.92 -8.45 18.52
C ARG A 222 -24.07 -7.43 18.38
N THR A 223 -25.15 -7.81 17.71
CA THR A 223 -26.27 -6.89 17.46
C THR A 223 -27.48 -7.14 18.38
N GLN A 224 -27.56 -8.35 18.94
CA GLN A 224 -28.69 -8.77 19.77
C GLN A 224 -28.44 -8.56 21.25
N PRO A 228 -28.79 -15.71 25.57
CA PRO A 228 -28.65 -17.12 25.21
C PRO A 228 -28.57 -18.03 26.45
N ASP A 229 -29.36 -19.10 26.42
CA ASP A 229 -29.45 -20.05 27.54
C ASP A 229 -28.23 -20.97 27.59
N HIS A 230 -27.76 -21.27 28.81
CA HIS A 230 -26.60 -22.15 29.01
C HIS A 230 -26.81 -23.55 28.39
N ALA A 231 -28.05 -24.02 28.43
CA ALA A 231 -28.43 -25.29 27.80
C ALA A 231 -28.29 -25.24 26.28
N THR A 232 -28.68 -24.12 25.68
CA THR A 232 -28.50 -23.90 24.25
C THR A 232 -27.03 -23.73 23.89
N LEU A 233 -26.29 -23.05 24.76
CA LEU A 233 -24.87 -22.77 24.53
C LEU A 233 -24.00 -24.04 24.53
N LYS A 234 -24.20 -24.89 25.54
CA LYS A 234 -23.51 -26.18 25.61
C LYS A 234 -23.93 -27.08 24.44
N GLU A 235 -25.21 -27.03 24.07
CA GLU A 235 -25.74 -27.74 22.90
C GLU A 235 -25.06 -27.28 21.60
N THR A 236 -24.86 -25.97 21.45
CA THR A 236 -24.24 -25.40 20.26
C THR A 236 -22.78 -25.86 20.14
N GLU A 237 -22.06 -25.83 21.27
CA GLU A 237 -20.67 -26.29 21.31
CA GLU A 237 -20.67 -26.29 21.29
C GLU A 237 -20.56 -27.78 20.95
N ALA A 238 -21.44 -28.59 21.54
CA ALA A 238 -21.51 -30.03 21.27
C ALA A 238 -21.86 -30.30 19.80
N ARG A 239 -22.81 -29.51 19.28
CA ARG A 239 -23.24 -29.65 17.88
CA ARG A 239 -23.24 -29.64 17.89
C ARG A 239 -22.11 -29.29 16.91
N SER A 240 -21.34 -28.25 17.22
CA SER A 240 -20.27 -27.79 16.32
CA SER A 240 -20.28 -27.80 16.31
C SER A 240 -19.26 -28.90 16.05
N ILE A 241 -18.86 -29.61 17.11
CA ILE A 241 -17.88 -30.68 16.96
C ILE A 241 -18.48 -31.98 16.40
N LYS A 242 -19.77 -32.23 16.67
CA LYS A 242 -20.45 -33.35 16.02
C LYS A 242 -20.49 -33.10 14.51
N VAL A 243 -20.75 -31.84 14.14
CA VAL A 243 -20.82 -31.44 12.74
C VAL A 243 -19.47 -31.61 12.04
N VAL A 244 -18.37 -31.15 12.65
CA VAL A 244 -17.07 -31.28 12.02
C VAL A 244 -16.64 -32.74 11.82
N VAL A 245 -16.95 -33.61 12.79
CA VAL A 245 -16.65 -35.03 12.65
CA VAL A 245 -16.61 -35.02 12.60
C VAL A 245 -17.44 -35.64 11.47
N GLU A 246 -18.72 -35.25 11.36
CA GLU A 246 -19.52 -35.71 10.22
C GLU A 246 -19.00 -35.16 8.90
N ALA A 247 -18.51 -33.91 8.89
CA ALA A 247 -17.87 -33.35 7.70
C ALA A 247 -16.60 -34.14 7.34
N ALA A 248 -15.80 -34.49 8.33
CA ALA A 248 -14.66 -35.38 8.10
C ALA A 248 -15.08 -36.69 7.46
N ARG A 249 -16.17 -37.31 7.97
CA ARG A 249 -16.67 -38.57 7.43
C ARG A 249 -16.92 -38.43 5.92
N LYS A 250 -17.49 -37.30 5.52
CA LYS A 250 -17.82 -37.02 4.11
C LYS A 250 -16.57 -36.78 3.24
N MET A 251 -15.48 -36.36 3.87
CA MET A 251 -14.23 -36.10 3.16
C MET A 251 -13.39 -37.37 2.94
N LEU A 252 -13.60 -38.41 3.75
CA LEU A 252 -12.81 -39.64 3.64
C LEU A 252 -13.08 -40.35 2.31
N LYS A 253 -12.03 -40.93 1.72
CA LYS A 253 -12.13 -41.54 0.40
C LYS A 253 -11.67 -42.99 0.40
N MET B 1 -11.95 -4.64 40.71
CA MET B 1 -11.07 -5.76 41.19
C MET B 1 -11.79 -7.11 41.16
N THR B 2 -13.00 -7.13 40.58
CA THR B 2 -13.90 -8.26 40.75
C THR B 2 -14.47 -8.81 39.43
N LYS B 3 -14.41 -7.99 38.38
CA LYS B 3 -14.77 -8.43 37.03
C LYS B 3 -13.68 -9.34 36.49
N THR B 4 -14.09 -10.48 35.92
CA THR B 4 -13.16 -11.43 35.33
C THR B 4 -12.94 -11.10 33.85
N VAL B 5 -11.69 -10.97 33.44
CA VAL B 5 -11.38 -10.72 32.03
C VAL B 5 -11.71 -11.96 31.19
N PHE B 6 -11.97 -11.75 29.91
CA PHE B 6 -12.59 -12.74 29.03
C PHE B 6 -11.76 -14.01 28.80
N HIS B 7 -10.48 -13.83 28.49
CA HIS B 7 -9.62 -14.95 28.13
C HIS B 7 -8.77 -15.42 29.29
N LEU B 8 -8.23 -14.49 30.07
CA LEU B 8 -7.24 -14.84 31.10
C LEU B 8 -7.85 -15.44 32.36
N GLY B 9 -9.14 -15.21 32.59
CA GLY B 9 -9.84 -15.82 33.72
C GLY B 9 -9.35 -15.38 35.08
N VAL B 10 -8.87 -14.14 35.17
CA VAL B 10 -8.46 -13.56 36.45
C VAL B 10 -9.12 -12.21 36.69
N THR B 11 -9.14 -11.80 37.95
CA THR B 11 -9.71 -10.52 38.38
C THR B 11 -8.58 -9.58 38.79
N GLU B 12 -8.89 -8.29 39.00
CA GLU B 12 -7.88 -7.36 39.51
C GLU B 12 -7.40 -7.80 40.89
N ALA B 13 -8.32 -8.23 41.74
CA ALA B 13 -7.97 -8.70 43.09
C ALA B 13 -6.98 -9.87 43.08
N ASP B 14 -7.11 -10.76 42.10
CA ASP B 14 -6.17 -11.89 41.95
C ASP B 14 -4.71 -11.44 41.78
N LEU B 15 -4.51 -10.25 41.22
CA LEU B 15 -3.16 -9.77 40.92
C LEU B 15 -2.46 -9.07 42.10
N ASN B 16 -3.19 -8.86 43.19
CA ASN B 16 -2.66 -8.21 44.41
C ASN B 16 -1.88 -6.91 44.19
N GLY B 17 -2.40 -6.07 43.31
CA GLY B 17 -1.79 -4.76 43.04
C GLY B 17 -0.64 -4.75 42.05
N ALA B 18 -0.38 -5.88 41.38
CA ALA B 18 0.70 -5.96 40.38
C ALA B 18 0.52 -4.94 39.26
N THR B 19 1.58 -4.20 38.94
CA THR B 19 1.55 -3.30 37.76
C THR B 19 2.59 -3.69 36.72
N LEU B 20 3.31 -4.77 36.99
CA LEU B 20 4.33 -5.27 36.08
C LEU B 20 4.07 -6.74 35.79
N ALA B 21 4.19 -7.10 34.52
CA ALA B 21 4.02 -8.47 34.07
C ALA B 21 5.25 -8.94 33.31
N ILE B 22 5.62 -10.19 33.55
CA ILE B 22 6.59 -10.89 32.71
C ILE B 22 5.83 -11.85 31.80
N ILE B 23 6.07 -11.72 30.49
CA ILE B 23 5.24 -12.43 29.52
C ILE B 23 6.03 -13.35 28.59
N PRO B 24 6.29 -14.60 29.03
CA PRO B 24 6.92 -15.57 28.13
C PRO B 24 5.91 -16.08 27.10
N GLY B 25 6.38 -16.79 26.08
CA GLY B 25 5.47 -17.38 25.09
C GLY B 25 4.83 -18.68 25.56
N ASP B 26 5.65 -19.56 26.12
CA ASP B 26 5.28 -20.93 26.47
C ASP B 26 4.60 -21.00 27.84
N PRO B 27 3.36 -21.52 27.89
CA PRO B 27 2.72 -21.71 29.21
C PRO B 27 3.57 -22.48 30.24
N ALA B 28 4.39 -23.43 29.78
CA ALA B 28 5.26 -24.22 30.66
C ALA B 28 6.36 -23.38 31.32
N ARG B 29 6.70 -22.24 30.71
CA ARG B 29 7.73 -21.35 31.25
C ARG B 29 7.24 -20.46 32.40
N VAL B 30 5.93 -20.32 32.55
CA VAL B 30 5.34 -19.42 33.57
C VAL B 30 5.73 -19.81 35.01
N GLN B 31 5.54 -21.07 35.36
CA GLN B 31 5.94 -21.54 36.70
C GLN B 31 7.45 -21.39 36.91
N LYS B 32 8.23 -21.68 35.89
CA LYS B 32 9.70 -21.60 35.99
C LYS B 32 10.18 -20.18 36.30
N ILE B 33 9.51 -19.19 35.72
CA ILE B 33 9.78 -17.78 36.02
C ILE B 33 9.27 -17.42 37.42
N ALA B 34 8.02 -17.79 37.70
CA ALA B 34 7.40 -17.47 39.00
C ALA B 34 8.21 -17.98 40.19
N GLU B 35 8.79 -19.19 40.05
CA GLU B 35 9.58 -19.78 41.14
C GLU B 35 10.91 -19.08 41.43
N LEU B 36 11.35 -18.20 40.53
CA LEU B 36 12.54 -17.36 40.81
C LEU B 36 12.21 -16.19 41.74
N MET B 37 10.93 -15.96 41.97
CA MET B 37 10.48 -14.89 42.87
C MET B 37 9.83 -15.48 44.12
N ASP B 38 9.34 -14.61 45.01
CA ASP B 38 8.77 -15.06 46.28
C ASP B 38 7.30 -15.38 46.18
N ASN B 39 6.87 -16.39 46.94
CA ASN B 39 5.45 -16.77 47.10
C ASN B 39 4.70 -16.97 45.78
N PRO B 40 5.26 -17.77 44.85
CA PRO B 40 4.57 -17.99 43.56
C PRO B 40 3.26 -18.76 43.75
N VAL B 41 2.19 -18.28 43.10
CA VAL B 41 0.88 -18.92 43.21
C VAL B 41 0.24 -19.01 41.83
N PHE B 42 -0.24 -20.20 41.48
CA PHE B 42 -0.99 -20.42 40.25
C PHE B 42 -2.34 -19.72 40.36
N LEU B 43 -2.70 -18.94 39.33
CA LEU B 43 -3.97 -18.23 39.32
C LEU B 43 -4.99 -18.88 38.37
N ALA B 44 -4.57 -19.14 37.14
CA ALA B 44 -5.48 -19.64 36.11
C ALA B 44 -4.73 -20.20 34.91
N SER B 45 -5.38 -21.12 34.22
CA SER B 45 -4.92 -21.61 32.94
C SER B 45 -6.13 -21.81 32.03
N HIS B 46 -6.08 -21.15 30.87
CA HIS B 46 -7.12 -21.27 29.83
CA HIS B 46 -7.11 -21.28 29.82
C HIS B 46 -6.43 -21.08 28.48
N ARG B 47 -6.67 -22.00 27.55
CA ARG B 47 -6.03 -21.99 26.24
C ARG B 47 -4.52 -21.86 26.44
N GLU B 48 -3.87 -20.96 25.69
CA GLU B 48 -2.42 -20.76 25.85
C GLU B 48 -2.01 -19.84 26.99
N TYR B 49 -2.99 -19.45 27.83
CA TYR B 49 -2.75 -18.49 28.90
C TYR B 49 -2.70 -19.13 30.27
N THR B 50 -1.48 -19.25 30.79
CA THR B 50 -1.24 -19.71 32.14
C THR B 50 -0.77 -18.48 32.91
N VAL B 51 -1.39 -18.22 34.04
CA VAL B 51 -1.12 -17.00 34.83
C VAL B 51 -0.69 -17.39 36.25
N TYR B 52 0.44 -16.84 36.70
CA TYR B 52 0.89 -16.97 38.09
C TYR B 52 1.06 -15.57 38.67
N ARG B 53 1.02 -15.48 40.00
CA ARG B 53 1.40 -14.26 40.71
C ARG B 53 2.59 -14.60 41.58
N ALA B 54 3.46 -13.62 41.80
CA ALA B 54 4.59 -13.75 42.72
C ALA B 54 4.97 -12.39 43.31
N GLU B 55 5.96 -12.39 44.19
CA GLU B 55 6.42 -11.16 44.81
C GLU B 55 7.91 -10.97 44.58
N LEU B 56 8.28 -9.75 44.21
CA LEU B 56 9.67 -9.40 43.94
C LEU B 56 9.98 -8.18 44.78
N ASP B 57 10.88 -8.34 45.75
CA ASP B 57 11.24 -7.26 46.68
C ASP B 57 10.00 -6.67 47.34
N GLY B 58 9.05 -7.54 47.69
CA GLY B 58 7.82 -7.12 48.38
C GLY B 58 6.71 -6.60 47.47
N GLN B 59 6.96 -6.59 46.16
CA GLN B 59 5.97 -6.09 45.20
C GLN B 59 5.39 -7.21 44.36
N SER B 60 4.08 -7.17 44.14
CA SER B 60 3.38 -8.19 43.36
C SER B 60 3.75 -8.08 41.88
N VAL B 61 3.98 -9.24 41.27
CA VAL B 61 4.36 -9.35 39.86
C VAL B 61 3.53 -10.46 39.25
N VAL B 62 3.02 -10.24 38.03
CA VAL B 62 2.24 -11.25 37.32
CA VAL B 62 2.26 -11.27 37.34
C VAL B 62 3.13 -11.89 36.26
N VAL B 63 3.01 -13.22 36.10
CA VAL B 63 3.68 -13.92 35.01
C VAL B 63 2.57 -14.54 34.17
N CYS B 64 2.54 -14.25 32.87
CA CYS B 64 1.43 -14.70 32.04
C CYS B 64 1.96 -15.09 30.67
N SER B 65 1.65 -16.31 30.22
CA SER B 65 2.08 -16.71 28.88
C SER B 65 1.24 -16.04 27.79
N THR B 66 1.85 -15.93 26.61
CA THR B 66 1.22 -15.25 25.50
C THR B 66 0.78 -16.16 24.39
N GLY B 67 1.35 -17.38 24.32
CA GLY B 67 1.23 -18.19 23.12
C GLY B 67 2.12 -17.64 22.01
N ILE B 68 2.10 -18.31 20.86
CA ILE B 68 2.89 -17.90 19.70
C ILE B 68 2.12 -16.87 18.90
N GLY B 69 2.77 -15.74 18.63
CA GLY B 69 2.25 -14.76 17.69
C GLY B 69 1.60 -13.52 18.26
N GLY B 70 1.59 -12.47 17.43
CA GLY B 70 0.95 -11.21 17.78
C GLY B 70 -0.50 -11.29 18.25
N PRO B 71 -1.34 -12.07 17.56
CA PRO B 71 -2.75 -12.10 17.97
C PRO B 71 -3.00 -12.57 19.41
N SER B 72 -2.45 -13.72 19.79
CA SER B 72 -2.63 -14.21 21.16
C SER B 72 -1.96 -13.30 22.19
N THR B 73 -0.81 -12.74 21.81
CA THR B 73 -0.10 -11.76 22.67
C THR B 73 -0.97 -10.52 22.93
N SER B 74 -1.60 -10.00 21.89
CA SER B 74 -2.42 -8.80 22.01
C SER B 74 -3.57 -8.95 22.99
N ILE B 75 -4.16 -10.14 23.05
CA ILE B 75 -5.23 -10.42 24.00
C ILE B 75 -4.72 -10.35 25.46
N ALA B 76 -3.58 -10.98 25.69
CA ALA B 76 -3.01 -11.09 27.04
C ALA B 76 -2.61 -9.69 27.55
N VAL B 77 -2.00 -8.90 26.67
CA VAL B 77 -1.56 -7.56 27.05
C VAL B 77 -2.76 -6.66 27.36
N GLU B 78 -3.76 -6.66 26.47
CA GLU B 78 -4.96 -5.89 26.71
C GLU B 78 -5.65 -6.25 28.03
N GLU B 79 -5.85 -7.54 28.28
CA GLU B 79 -6.60 -7.95 29.48
C GLU B 79 -5.81 -7.68 30.77
N LEU B 80 -4.50 -7.86 30.72
CA LEU B 80 -3.66 -7.47 31.85
C LEU B 80 -3.68 -5.96 32.09
N ALA B 81 -3.69 -5.18 31.01
CA ALA B 81 -3.81 -3.72 31.11
C ALA B 81 -5.12 -3.31 31.75
N GLN B 82 -6.21 -4.00 31.40
CA GLN B 82 -7.52 -3.75 32.02
C GLN B 82 -7.50 -3.93 33.54
N LEU B 83 -6.63 -4.83 34.00
CA LEU B 83 -6.50 -5.16 35.40
C LEU B 83 -5.37 -4.40 36.12
N GLY B 84 -4.79 -3.40 35.45
CA GLY B 84 -3.85 -2.49 36.11
C GLY B 84 -2.38 -2.63 35.75
N VAL B 85 -2.04 -3.59 34.90
CA VAL B 85 -0.65 -3.80 34.48
C VAL B 85 -0.25 -2.71 33.48
N ARG B 86 0.90 -2.09 33.73
CA ARG B 86 1.37 -0.99 32.89
C ARG B 86 2.75 -1.28 32.29
N THR B 87 3.45 -2.27 32.83
CA THR B 87 4.78 -2.62 32.38
C THR B 87 4.90 -4.09 31.98
N PHE B 88 5.40 -4.35 30.77
CA PHE B 88 5.41 -5.69 30.17
C PHE B 88 6.80 -6.07 29.73
N LEU B 89 7.36 -7.11 30.35
CA LEU B 89 8.69 -7.59 30.03
C LEU B 89 8.60 -8.94 29.30
N ARG B 90 8.91 -8.91 28.02
CA ARG B 90 8.90 -10.11 27.19
C ARG B 90 10.25 -10.86 27.28
N VAL B 91 10.17 -12.16 27.53
CA VAL B 91 11.32 -13.05 27.47
C VAL B 91 10.98 -14.19 26.49
N GLY B 92 11.97 -14.62 25.71
CA GLY B 92 11.72 -15.64 24.68
C GLY B 92 12.97 -16.22 24.05
N THR B 93 12.77 -17.06 23.03
CA THR B 93 13.86 -17.63 22.25
C THR B 93 13.92 -16.95 20.90
N THR B 94 15.09 -17.02 20.25
CA THR B 94 15.25 -16.37 18.96
C THR B 94 16.29 -17.04 18.06
N GLY B 95 16.14 -16.84 16.76
CA GLY B 95 17.14 -17.27 15.79
C GLY B 95 17.96 -16.07 15.35
N ALA B 96 19.26 -16.11 15.62
CA ALA B 96 20.16 -15.05 15.15
C ALA B 96 20.46 -15.20 13.66
N ILE B 97 20.64 -14.06 12.99
CA ILE B 97 20.98 -14.06 11.55
C ILE B 97 22.31 -13.38 11.23
N GLN B 98 23.01 -12.91 12.27
CA GLN B 98 24.34 -12.34 12.13
C GLN B 98 25.38 -13.36 12.58
N PRO B 99 26.43 -13.58 11.76
CA PRO B 99 27.48 -14.56 12.08
C PRO B 99 28.21 -14.33 13.40
N HIS B 100 28.25 -13.07 13.87
CA HIS B 100 29.02 -12.75 15.07
C HIS B 100 28.29 -13.04 16.38
N VAL B 101 26.99 -13.31 16.29
CA VAL B 101 26.17 -13.67 17.43
C VAL B 101 26.27 -15.18 17.66
N ASN B 102 26.50 -15.58 18.89
CA ASN B 102 26.60 -16.99 19.22
C ASN B 102 25.35 -17.53 19.91
N VAL B 103 25.04 -18.80 19.66
CA VAL B 103 24.00 -19.50 20.42
C VAL B 103 24.34 -19.32 21.90
N GLY B 104 23.36 -18.93 22.70
CA GLY B 104 23.58 -18.64 24.11
C GLY B 104 23.70 -17.16 24.45
N ASP B 105 23.99 -16.32 23.44
CA ASP B 105 24.03 -14.87 23.63
C ASP B 105 22.63 -14.36 23.92
N MET B 106 22.52 -13.11 24.38
N MET B 106 22.53 -13.12 24.42
CA MET B 106 21.24 -12.50 24.58
CA MET B 106 21.25 -12.46 24.66
C MET B 106 21.09 -11.28 23.70
C MET B 106 21.09 -11.28 23.70
N ILE B 107 19.86 -11.06 23.23
CA ILE B 107 19.54 -9.91 22.37
C ILE B 107 18.46 -9.11 23.05
N VAL B 108 18.68 -7.80 23.17
CA VAL B 108 17.66 -6.87 23.62
C VAL B 108 17.27 -6.01 22.41
N THR B 109 15.99 -6.08 22.06
CA THR B 109 15.44 -5.40 20.88
C THR B 109 15.36 -3.88 21.06
N THR B 110 15.97 -3.13 20.14
CA THR B 110 15.86 -1.66 20.15
C THR B 110 14.77 -1.17 19.19
N GLY B 111 14.29 -2.06 18.34
CA GLY B 111 13.21 -1.74 17.39
C GLY B 111 12.91 -3.00 16.59
N SER B 112 11.65 -3.14 16.15
CA SER B 112 11.28 -4.34 15.42
C SER B 112 10.86 -4.02 13.99
N VAL B 113 11.31 -4.85 13.05
CA VAL B 113 10.81 -4.82 11.69
C VAL B 113 9.42 -5.45 11.77
N ARG B 114 8.40 -4.71 11.35
CA ARG B 114 7.00 -5.12 11.53
C ARG B 114 6.51 -6.04 10.39
N LEU B 115 6.87 -7.33 10.50
CA LEU B 115 6.45 -8.36 9.52
C LEU B 115 5.25 -9.14 10.05
N ASP B 116 4.42 -8.45 10.83
CA ASP B 116 3.25 -9.01 11.47
C ASP B 116 2.00 -8.29 10.96
N GLY B 117 0.84 -8.70 11.45
CA GLY B 117 -0.40 -7.99 11.14
C GLY B 117 -1.03 -7.24 12.32
N ALA B 118 -0.87 -7.77 13.55
CA ALA B 118 -1.56 -7.18 14.69
C ALA B 118 -1.06 -5.78 15.05
N SER B 119 0.23 -5.49 14.80
CA SER B 119 0.73 -4.15 15.05
C SER B 119 -0.11 -3.09 14.32
N LEU B 120 -0.55 -3.41 13.11
CA LEU B 120 -1.39 -2.50 12.29
C LEU B 120 -2.78 -2.27 12.88
N HIS B 121 -3.17 -3.09 13.86
CA HIS B 121 -4.45 -2.89 14.55
C HIS B 121 -4.35 -1.86 15.66
N PHE B 122 -3.12 -1.36 15.89
CA PHE B 122 -2.85 -0.34 16.91
C PHE B 122 -2.28 0.95 16.37
N ALA B 123 -1.49 0.84 15.30
CA ALA B 123 -0.88 2.02 14.70
C ALA B 123 -0.51 1.72 13.25
N PRO B 124 -0.56 2.75 12.38
CA PRO B 124 -0.20 2.50 10.97
C PRO B 124 1.28 2.13 10.82
N MET B 125 1.65 1.60 9.66
CA MET B 125 2.98 1.01 9.47
C MET B 125 4.14 1.98 9.74
N GLU B 126 3.90 3.28 9.52
CA GLU B 126 4.93 4.29 9.73
CA GLU B 126 4.89 4.34 9.74
C GLU B 126 5.38 4.43 11.19
N PHE B 127 4.54 4.01 12.13
CA PHE B 127 4.83 4.11 13.56
C PHE B 127 5.92 3.11 13.96
N PRO B 128 6.91 3.53 14.78
CA PRO B 128 8.03 2.64 15.08
C PRO B 128 7.69 1.59 16.16
N ALA B 129 8.07 0.34 15.91
CA ALA B 129 7.87 -0.75 16.88
C ALA B 129 9.06 -0.68 17.83
N VAL B 130 8.94 0.19 18.84
CA VAL B 130 10.06 0.58 19.68
CA VAL B 130 10.08 0.54 19.69
C VAL B 130 9.77 0.29 21.16
N PRO B 131 10.78 -0.21 21.92
CA PRO B 131 10.56 -0.46 23.33
C PRO B 131 10.60 0.84 24.15
N ASP B 132 10.02 0.76 25.35
CA ASP B 132 10.24 1.77 26.39
C ASP B 132 11.74 1.81 26.71
N PHE B 133 12.28 3.01 26.83
CA PHE B 133 13.72 3.17 27.00
C PHE B 133 14.22 2.64 28.34
N ASP B 134 13.42 2.85 29.39
CA ASP B 134 13.76 2.34 30.73
C ASP B 134 13.82 0.81 30.75
N VAL B 135 12.85 0.16 30.10
CA VAL B 135 12.83 -1.30 30.02
C VAL B 135 14.03 -1.84 29.26
N ALA B 136 14.32 -1.27 28.09
CA ALA B 136 15.46 -1.72 27.27
C ALA B 136 16.78 -1.56 28.03
N THR B 137 16.89 -0.46 28.76
CA THR B 137 18.06 -0.17 29.60
C THR B 137 18.22 -1.18 30.74
N ALA B 138 17.11 -1.48 31.42
CA ALA B 138 17.11 -2.45 32.51
C ALA B 138 17.44 -3.85 32.01
N MET B 139 16.90 -4.19 30.84
CA MET B 139 17.22 -5.48 30.21
C MET B 139 18.69 -5.63 29.85
N LYS B 140 19.28 -4.58 29.26
CA LYS B 140 20.70 -4.58 28.94
CA LYS B 140 20.70 -4.59 28.94
C LYS B 140 21.55 -4.80 30.19
N ALA B 141 21.25 -4.06 31.26
CA ALA B 141 21.99 -4.12 32.51
C ALA B 141 21.87 -5.50 33.13
N ALA B 142 20.64 -6.03 33.20
CA ALA B 142 20.40 -7.36 33.75
C ALA B 142 21.19 -8.43 32.99
N ALA B 143 21.17 -8.33 31.66
CA ALA B 143 21.86 -9.29 30.80
C ALA B 143 23.38 -9.23 30.99
N GLN B 144 23.94 -8.02 30.99
CA GLN B 144 25.38 -7.84 31.26
C GLN B 144 25.81 -8.34 32.63
N GLU B 145 24.98 -8.07 33.65
CA GLU B 145 25.30 -8.45 35.02
C GLU B 145 25.30 -9.96 35.27
N SER B 146 24.59 -10.70 34.42
CA SER B 146 24.56 -12.16 34.49
C SER B 146 25.81 -12.81 33.87
N GLY B 147 26.66 -11.98 33.26
CA GLY B 147 27.86 -12.46 32.60
C GLY B 147 27.64 -12.85 31.15
N ALA B 148 26.38 -12.71 30.69
CA ALA B 148 26.01 -13.00 29.32
C ALA B 148 26.60 -11.99 28.33
N THR B 149 26.82 -12.44 27.09
CA THR B 149 27.16 -11.56 25.99
C THR B 149 25.86 -10.98 25.44
N VAL B 150 25.75 -9.64 25.44
CA VAL B 150 24.50 -8.96 25.07
C VAL B 150 24.64 -8.15 23.79
N HIS B 151 23.61 -8.23 22.95
CA HIS B 151 23.55 -7.46 21.72
C HIS B 151 22.32 -6.57 21.72
N MET B 152 22.52 -5.28 21.47
CA MET B 152 21.41 -4.34 21.30
C MET B 152 21.15 -4.15 19.82
N GLY B 153 19.91 -4.29 19.37
CA GLY B 153 19.65 -3.99 17.98
C GLY B 153 18.27 -4.35 17.47
N VAL B 154 18.15 -4.28 16.16
CA VAL B 154 16.88 -4.47 15.45
C VAL B 154 16.55 -5.96 15.28
N THR B 155 15.29 -6.29 15.53
CA THR B 155 14.76 -7.65 15.43
C THR B 155 13.69 -7.69 14.33
N ALA B 156 13.75 -8.69 13.45
CA ALA B 156 12.70 -8.92 12.45
C ALA B 156 11.61 -9.79 13.08
N SER B 157 10.39 -9.27 13.12
CA SER B 157 9.29 -9.90 13.85
C SER B 157 8.21 -10.37 12.89
N SER B 158 8.11 -11.69 12.76
CA SER B 158 7.38 -12.33 11.67
C SER B 158 6.12 -13.05 12.15
N ASP B 159 5.05 -12.89 11.39
CA ASP B 159 3.81 -13.61 11.68
C ASP B 159 3.88 -15.10 11.32
N THR B 160 4.98 -15.53 10.70
CA THR B 160 5.19 -16.97 10.45
C THR B 160 6.57 -17.42 10.90
N PHE B 161 6.69 -18.71 11.22
CA PHE B 161 7.98 -19.33 11.53
C PHE B 161 8.71 -19.73 10.25
N TYR B 162 7.95 -20.04 9.22
CA TYR B 162 8.51 -20.64 8.03
C TYR B 162 8.76 -19.64 6.89
N PRO B 163 7.74 -19.27 6.08
CA PRO B 163 8.12 -18.41 4.94
C PRO B 163 8.58 -16.98 5.32
N GLY B 164 8.00 -16.42 6.37
CA GLY B 164 8.35 -15.07 6.84
C GLY B 164 9.75 -14.98 7.44
N GLN B 165 10.36 -16.14 7.69
CA GLN B 165 11.76 -16.21 8.15
C GLN B 165 12.65 -16.84 7.06
N GLU B 166 12.09 -16.84 5.85
CA GLU B 166 12.69 -17.40 4.64
C GLU B 166 13.27 -18.80 4.81
N ARG B 167 12.46 -19.69 5.38
CA ARG B 167 12.78 -21.11 5.48
C ARG B 167 12.20 -21.83 4.25
N TYR B 168 13.03 -22.65 3.61
CA TYR B 168 12.65 -23.40 2.40
C TYR B 168 12.46 -24.90 2.62
N ASP B 169 12.90 -25.42 3.77
CA ASP B 169 12.74 -26.85 4.04
CA ASP B 169 12.76 -26.85 4.05
C ASP B 169 11.37 -27.11 4.63
N THR B 170 10.38 -26.95 3.76
CA THR B 170 8.99 -26.94 4.15
C THR B 170 8.22 -27.86 3.22
N PHE B 171 6.91 -27.96 3.45
CA PHE B 171 6.06 -28.81 2.63
C PHE B 171 6.08 -28.39 1.16
N THR B 172 5.98 -27.08 0.90
CA THR B 172 5.97 -26.61 -0.48
C THR B 172 7.36 -26.27 -1.03
N GLY B 173 8.29 -25.94 -0.13
CA GLY B 173 9.63 -25.49 -0.54
C GLY B 173 9.59 -24.14 -1.23
N ARG B 174 8.46 -23.45 -1.07
CA ARG B 174 8.22 -22.19 -1.76
C ARG B 174 8.15 -21.03 -0.75
N VAL B 175 8.66 -19.87 -1.14
CA VAL B 175 8.49 -18.64 -0.36
C VAL B 175 7.91 -17.54 -1.24
N VAL B 176 6.81 -16.92 -0.80
CA VAL B 176 6.13 -15.86 -1.57
C VAL B 176 7.12 -14.73 -1.92
N ARG B 177 6.88 -14.08 -3.05
CA ARG B 177 7.72 -13.00 -3.58
C ARG B 177 8.20 -11.99 -2.52
N ARG B 178 7.26 -11.51 -1.70
CA ARG B 178 7.55 -10.55 -0.63
C ARG B 178 8.77 -10.98 0.19
N PHE B 179 8.89 -12.27 0.48
CA PHE B 179 9.92 -12.76 1.41
C PHE B 179 11.14 -13.42 0.77
N GLN B 180 11.11 -13.58 -0.55
CA GLN B 180 12.26 -14.06 -1.32
CA GLN B 180 12.27 -14.07 -1.29
C GLN B 180 13.41 -13.07 -1.18
N GLY B 181 14.58 -13.56 -0.80
CA GLY B 181 15.76 -12.72 -0.60
C GLY B 181 15.74 -11.92 0.69
N SER B 182 14.69 -12.08 1.50
CA SER B 182 14.48 -11.21 2.67
C SER B 182 15.48 -11.43 3.79
N MET B 183 15.91 -12.67 4.03
CA MET B 183 16.89 -12.87 5.13
C MET B 183 18.20 -12.12 4.83
N LYS B 184 18.70 -12.23 3.59
CA LYS B 184 19.93 -11.51 3.17
C LYS B 184 19.74 -10.00 3.30
N GLU B 185 18.56 -9.51 2.91
CA GLU B 185 18.23 -8.09 3.04
CA GLU B 185 18.19 -8.10 3.04
C GLU B 185 18.30 -7.60 4.49
N TRP B 186 17.70 -8.34 5.42
CA TRP B 186 17.78 -7.96 6.83
C TRP B 186 19.22 -8.08 7.34
N GLN B 187 19.90 -9.15 6.94
CA GLN B 187 21.33 -9.33 7.29
C GLN B 187 22.17 -8.11 6.91
N ASP B 188 22.01 -7.66 5.67
CA ASP B 188 22.78 -6.53 5.18
C ASP B 188 22.38 -5.21 5.86
N MET B 189 21.17 -5.17 6.40
CA MET B 189 20.65 -3.98 7.09
C MET B 189 21.00 -4.00 8.58
N GLY B 190 21.68 -5.05 9.03
CA GLY B 190 22.17 -5.16 10.41
C GLY B 190 21.20 -5.75 11.42
N VAL B 191 20.09 -6.29 10.93
CA VAL B 191 19.09 -6.92 11.77
C VAL B 191 19.72 -8.13 12.46
N LEU B 192 19.46 -8.29 13.76
CA LEU B 192 20.14 -9.33 14.56
C LEU B 192 19.50 -10.71 14.52
N ASN B 193 18.17 -10.75 14.43
CA ASN B 193 17.43 -11.95 14.78
C ASN B 193 16.00 -11.94 14.28
N PHE B 194 15.41 -13.14 14.26
CA PHE B 194 14.00 -13.35 13.95
C PHE B 194 13.30 -13.84 15.22
N GLU B 195 12.08 -13.35 15.46
CA GLU B 195 11.12 -13.97 16.37
C GLU B 195 9.72 -13.56 15.92
N MET B 196 8.70 -13.74 16.77
CA MET B 196 7.31 -13.70 16.28
C MET B 196 6.30 -12.84 17.03
N GLU B 197 6.75 -12.08 18.03
CA GLU B 197 5.82 -11.34 18.88
C GLU B 197 6.19 -9.88 19.14
N SER B 198 7.46 -9.52 18.95
CA SER B 198 7.94 -8.22 19.37
C SER B 198 7.29 -7.05 18.63
N ALA B 199 7.02 -7.21 17.32
CA ALA B 199 6.42 -6.11 16.57
C ALA B 199 5.06 -5.78 17.15
N THR B 200 4.25 -6.81 17.39
CA THR B 200 2.92 -6.59 17.96
C THR B 200 3.01 -5.96 19.35
N LEU B 201 3.82 -6.57 20.21
CA LEU B 201 3.94 -6.11 21.58
C LEU B 201 4.40 -4.65 21.69
N LEU B 202 5.49 -4.35 21.00
CA LEU B 202 6.12 -3.02 21.11
C LEU B 202 5.24 -1.94 20.48
N THR B 203 4.61 -2.25 19.34
CA THR B 203 3.73 -1.26 18.72
C THR B 203 2.49 -1.01 19.57
N MET B 204 1.85 -2.10 20.05
CA MET B 204 0.69 -1.96 20.90
CA MET B 204 0.67 -1.95 20.91
C MET B 204 1.00 -1.13 22.15
N CYS B 205 2.10 -1.47 22.82
CA CYS B 205 2.42 -0.76 24.06
C CYS B 205 2.84 0.70 23.85
N ALA B 206 3.70 0.94 22.87
CA ALA B 206 4.23 2.30 22.60
C ALA B 206 3.15 3.27 22.16
N SER B 207 2.06 2.72 21.61
CA SER B 207 0.93 3.52 21.15
C SER B 207 -0.23 3.56 22.16
N SER B 208 -0.07 2.88 23.30
CA SER B 208 -1.17 2.74 24.27
C SER B 208 -0.80 3.20 25.68
N GLY B 209 0.36 3.82 25.83
CA GLY B 209 0.77 4.32 27.15
C GLY B 209 1.19 3.20 28.09
N LEU B 210 1.68 2.10 27.52
CA LEU B 210 2.22 0.98 28.31
C LEU B 210 3.70 0.85 28.03
N LYS B 211 4.47 0.42 29.04
CA LYS B 211 5.91 0.26 28.88
CA LYS B 211 5.92 0.26 28.91
C LYS B 211 6.26 -1.19 28.57
N ALA B 212 7.01 -1.39 27.50
CA ALA B 212 7.40 -2.74 27.10
C ALA B 212 8.81 -2.87 26.60
N GLY B 213 9.35 -4.08 26.73
CA GLY B 213 10.63 -4.42 26.14
C GLY B 213 10.73 -5.91 25.93
N CYS B 214 11.75 -6.31 25.17
CA CYS B 214 11.98 -7.69 24.78
C CYS B 214 13.44 -8.09 24.96
N VAL B 215 13.65 -9.20 25.65
CA VAL B 215 14.95 -9.84 25.75
C VAL B 215 14.79 -11.30 25.33
N ALA B 216 15.76 -11.81 24.57
CA ALA B 216 15.69 -13.19 24.06
C ALA B 216 17.05 -13.89 24.09
N GLY B 217 17.03 -15.19 24.36
CA GLY B 217 18.23 -16.03 24.30
C GLY B 217 18.35 -16.66 22.93
N VAL B 218 19.56 -16.65 22.38
CA VAL B 218 19.80 -17.19 21.03
C VAL B 218 19.86 -18.71 21.05
N ILE B 219 18.93 -19.36 20.36
CA ILE B 219 18.88 -20.83 20.32
C ILE B 219 19.39 -21.42 19.00
N ILE B 220 19.37 -20.61 17.95
CA ILE B 220 19.73 -21.03 16.61
C ILE B 220 20.45 -19.85 15.97
N ASN B 221 21.47 -20.12 15.16
CA ASN B 221 22.04 -19.07 14.32
C ASN B 221 21.89 -19.54 12.88
N ARG B 222 21.16 -18.77 12.08
CA ARG B 222 20.83 -19.19 10.71
C ARG B 222 22.05 -19.32 9.82
N THR B 223 23.16 -18.69 10.20
CA THR B 223 24.39 -18.74 9.42
C THR B 223 25.26 -19.94 9.81
N GLN B 224 24.80 -20.74 10.78
CA GLN B 224 25.57 -21.89 11.30
C GLN B 224 24.71 -23.15 11.33
N LYS B 225 25.04 -24.10 10.46
CA LYS B 225 24.24 -25.30 10.24
C LYS B 225 24.44 -26.37 11.30
N GLU B 226 24.27 -25.97 12.57
CA GLU B 226 24.42 -26.87 13.71
C GLU B 226 23.05 -27.29 14.24
N ILE B 227 22.88 -28.59 14.47
CA ILE B 227 21.66 -29.14 15.08
C ILE B 227 21.63 -28.76 16.57
N PRO B 228 20.59 -28.02 17.00
CA PRO B 228 20.44 -27.56 18.39
C PRO B 228 20.75 -28.63 19.44
N ASP B 229 21.68 -28.31 20.34
CA ASP B 229 22.04 -29.18 21.46
C ASP B 229 21.03 -29.04 22.60
N HIS B 230 20.69 -30.16 23.25
CA HIS B 230 19.72 -30.16 24.34
C HIS B 230 20.20 -29.43 25.61
N ALA B 231 21.42 -29.72 26.04
CA ALA B 231 22.01 -29.09 27.23
C ALA B 231 22.21 -27.59 27.05
N THR B 232 22.52 -27.18 25.82
CA THR B 232 22.71 -25.78 25.49
C THR B 232 21.39 -25.01 25.51
N LEU B 233 20.34 -25.60 24.94
CA LEU B 233 19.02 -24.98 24.91
C LEU B 233 18.46 -24.81 26.32
N LYS B 234 18.68 -25.80 27.18
CA LYS B 234 18.26 -25.70 28.58
C LYS B 234 19.04 -24.60 29.33
N GLU B 235 20.35 -24.53 29.10
CA GLU B 235 21.23 -23.52 29.67
CA GLU B 235 21.20 -23.52 29.72
C GLU B 235 20.79 -22.11 29.25
N THR B 236 20.49 -21.98 27.96
CA THR B 236 20.08 -20.69 27.41
C THR B 236 18.77 -20.21 28.03
N GLU B 237 17.82 -21.12 28.21
CA GLU B 237 16.51 -20.74 28.75
CA GLU B 237 16.51 -20.77 28.76
C GLU B 237 16.59 -20.35 30.23
N ALA B 238 17.38 -21.09 31.02
CA ALA B 238 17.58 -20.75 32.43
C ALA B 238 18.19 -19.36 32.59
N ARG B 239 19.21 -19.06 31.80
CA ARG B 239 19.85 -17.74 31.79
CA ARG B 239 19.83 -17.73 31.82
C ARG B 239 18.84 -16.66 31.39
N SER B 240 18.08 -16.92 30.33
CA SER B 240 17.09 -15.95 29.85
C SER B 240 16.12 -15.52 30.94
N ILE B 241 15.60 -16.48 31.71
CA ILE B 241 14.63 -16.14 32.74
C ILE B 241 15.25 -15.48 33.98
N LYS B 242 16.48 -15.87 34.33
CA LYS B 242 17.21 -15.17 35.37
C LYS B 242 17.31 -13.67 34.99
N VAL B 243 17.68 -13.41 33.73
CA VAL B 243 17.85 -12.04 33.23
C VAL B 243 16.54 -11.22 33.31
N VAL B 244 15.43 -11.79 32.85
CA VAL B 244 14.19 -11.02 32.84
C VAL B 244 13.68 -10.72 34.26
N VAL B 245 13.90 -11.63 35.21
CA VAL B 245 13.51 -11.36 36.59
C VAL B 245 14.35 -10.20 37.19
N GLU B 246 15.65 -10.18 36.90
CA GLU B 246 16.54 -9.09 37.31
CA GLU B 246 16.52 -9.09 37.34
C GLU B 246 16.18 -7.79 36.61
N ALA B 247 15.73 -7.88 35.35
CA ALA B 247 15.25 -6.69 34.66
C ALA B 247 13.99 -6.12 35.35
N ALA B 248 13.07 -6.99 35.76
CA ALA B 248 11.88 -6.55 36.52
C ALA B 248 12.28 -5.90 37.85
N ARG B 249 13.25 -6.51 38.54
CA ARG B 249 13.76 -5.95 39.79
C ARG B 249 14.16 -4.50 39.58
N LYS B 250 14.86 -4.24 38.48
CA LYS B 250 15.34 -2.89 38.13
C LYS B 250 14.20 -1.92 37.80
N MET B 251 13.13 -2.44 37.21
CA MET B 251 11.96 -1.62 36.89
C MET B 251 11.10 -1.26 38.11
N LEU B 252 11.16 -2.08 39.16
CA LEU B 252 10.36 -1.85 40.37
C LEU B 252 10.98 -0.80 41.29
N LYS B 253 12.21 -0.40 40.99
CA LYS B 253 12.90 0.69 41.69
C LYS B 253 13.66 1.57 40.72
N LYS C 3 38.92 12.11 -0.83
CA LYS C 3 38.61 12.76 -2.14
C LYS C 3 37.40 13.69 -2.03
N THR C 4 37.22 14.57 -3.01
CA THR C 4 36.14 15.56 -2.97
C THR C 4 34.79 14.96 -3.31
N VAL C 5 33.95 14.83 -2.29
CA VAL C 5 32.56 14.40 -2.44
C VAL C 5 31.74 15.43 -3.24
N PHE C 6 30.62 14.99 -3.82
CA PHE C 6 29.90 15.79 -4.81
C PHE C 6 29.33 17.11 -4.29
N HIS C 7 28.68 17.06 -3.13
CA HIS C 7 27.96 18.22 -2.59
C HIS C 7 28.70 18.96 -1.48
N LEU C 8 29.36 18.21 -0.60
CA LEU C 8 29.95 18.82 0.60
C LEU C 8 31.21 19.65 0.38
N GLY C 9 31.96 19.37 -0.68
CA GLY C 9 33.16 20.15 -1.05
C GLY C 9 34.34 19.96 -0.11
N VAL C 10 34.38 18.82 0.56
CA VAL C 10 35.49 18.46 1.46
C VAL C 10 36.08 17.10 1.10
N THR C 11 37.31 16.87 1.55
CA THR C 11 38.05 15.62 1.33
C THR C 11 38.17 14.89 2.66
N GLU C 12 38.55 13.61 2.61
CA GLU C 12 38.83 12.84 3.82
C GLU C 12 39.94 13.50 4.65
N ALA C 13 40.95 14.05 3.99
CA ALA C 13 42.05 14.74 4.68
C ALA C 13 41.57 15.98 5.46
N ASP C 14 40.58 16.69 4.91
CA ASP C 14 40.03 17.88 5.58
C ASP C 14 39.47 17.56 6.97
N LEU C 15 38.99 16.33 7.13
CA LEU C 15 38.33 15.89 8.36
C LEU C 15 39.30 15.47 9.47
N ASN C 16 40.58 15.34 9.14
CA ASN C 16 41.63 15.00 10.12
C ASN C 16 41.28 13.78 10.99
N GLY C 17 40.78 12.73 10.35
CA GLY C 17 40.49 11.49 11.05
C GLY C 17 39.18 11.44 11.85
N ALA C 18 38.35 12.48 11.72
CA ALA C 18 37.06 12.51 12.42
C ALA C 18 36.18 11.34 12.00
N THR C 19 35.60 10.65 12.98
CA THR C 19 34.63 9.58 12.69
C THR C 19 33.25 9.91 13.28
N LEU C 20 33.11 11.11 13.83
CA LEU C 20 31.85 11.56 14.42
C LEU C 20 31.53 12.94 13.88
N ALA C 21 30.26 13.11 13.50
CA ALA C 21 29.74 14.42 13.06
C ALA C 21 28.53 14.84 13.90
N ILE C 22 28.46 16.14 14.19
CA ILE C 22 27.27 16.76 14.75
C ILE C 22 26.58 17.42 13.59
N ILE C 23 25.30 17.12 13.39
CA ILE C 23 24.59 17.56 12.19
C ILE C 23 23.34 18.38 12.49
N PRO C 24 23.49 19.71 12.63
CA PRO C 24 22.32 20.57 12.80
C PRO C 24 21.66 20.81 11.45
N GLY C 25 20.45 21.36 11.44
CA GLY C 25 19.77 21.67 10.18
C GLY C 25 20.23 22.97 9.56
N ASP C 26 20.38 23.99 10.39
CA ASP C 26 20.64 25.36 9.96
C ASP C 26 22.13 25.64 9.71
N PRO C 27 22.51 26.01 8.47
CA PRO C 27 23.92 26.30 8.20
C PRO C 27 24.52 27.33 9.17
N ALA C 28 23.71 28.29 9.62
CA ALA C 28 24.16 29.36 10.53
C ALA C 28 24.53 28.87 11.93
N ARG C 29 24.04 27.67 12.29
CA ARG C 29 24.30 27.09 13.61
CA ARG C 29 24.28 27.06 13.60
C ARG C 29 25.62 26.32 13.66
N VAL C 30 26.21 26.05 12.51
CA VAL C 30 27.42 25.23 12.43
C VAL C 30 28.61 25.84 13.19
N GLN C 31 28.90 27.10 12.90
CA GLN C 31 30.00 27.80 13.58
CA GLN C 31 29.97 27.86 13.58
C GLN C 31 29.77 27.85 15.09
N LYS C 32 28.54 28.10 15.52
CA LYS C 32 28.19 28.16 16.94
C LYS C 32 28.52 26.85 17.68
N ILE C 33 28.25 25.72 17.03
CA ILE C 33 28.53 24.41 17.61
C ILE C 33 30.03 24.16 17.64
N ALA C 34 30.68 24.43 16.52
CA ALA C 34 32.13 24.26 16.38
C ALA C 34 32.89 25.07 17.43
N GLU C 35 32.40 26.28 17.72
CA GLU C 35 33.07 27.17 18.68
C GLU C 35 32.92 26.79 20.15
N LEU C 36 32.08 25.78 20.41
CA LEU C 36 32.00 25.16 21.73
C LEU C 36 33.14 24.16 21.94
N MET C 37 33.82 23.81 20.86
CA MET C 37 34.95 22.88 20.90
C MET C 37 36.28 23.59 20.67
N ASP C 38 37.37 22.82 20.64
CA ASP C 38 38.71 23.41 20.49
C ASP C 38 39.12 23.54 19.03
N ASN C 39 39.92 24.55 18.72
CA ASN C 39 40.41 24.80 17.34
C ASN C 39 39.35 24.65 16.23
N PRO C 40 38.26 25.44 16.28
CA PRO C 40 37.28 25.32 15.19
C PRO C 40 37.86 25.85 13.88
N VAL C 41 37.61 25.13 12.79
CA VAL C 41 38.16 25.48 11.48
C VAL C 41 37.05 25.34 10.42
N PHE C 42 36.81 26.43 9.69
CA PHE C 42 35.87 26.43 8.55
C PHE C 42 36.46 25.63 7.38
N LEU C 43 35.67 24.70 6.85
CA LEU C 43 36.15 23.85 5.75
C LEU C 43 35.53 24.25 4.41
N ALA C 44 34.20 24.35 4.37
CA ALA C 44 33.48 24.66 3.14
C ALA C 44 32.06 25.15 3.40
N SER C 45 31.54 25.94 2.45
CA SER C 45 30.12 26.27 2.43
C SER C 45 29.61 26.22 0.99
N HIS C 46 28.65 25.32 0.76
CA HIS C 46 27.96 25.17 -0.53
CA HIS C 46 27.96 25.20 -0.53
C HIS C 46 26.50 24.86 -0.28
N ARG C 47 25.60 25.60 -0.95
CA ARG C 47 24.14 25.39 -0.79
C ARG C 47 23.78 25.38 0.72
N GLU C 48 23.00 24.41 1.17
CA GLU C 48 22.66 24.29 2.61
C GLU C 48 23.70 23.60 3.48
N TYR C 49 24.89 23.33 2.92
CA TYR C 49 25.95 22.58 3.61
C TYR C 49 27.15 23.44 4.00
N THR C 50 27.19 23.77 5.28
CA THR C 50 28.32 24.48 5.86
C THR C 50 29.03 23.45 6.73
N VAL C 51 30.34 23.31 6.54
CA VAL C 51 31.13 22.25 7.17
C VAL C 51 32.28 22.88 7.95
N TYR C 52 32.38 22.52 9.23
CA TYR C 52 33.51 22.90 10.09
C TYR C 52 34.15 21.64 10.65
N ARG C 53 35.41 21.77 11.08
CA ARG C 53 36.07 20.77 11.89
C ARG C 53 36.42 21.42 13.22
N ALA C 54 36.46 20.63 14.29
CA ALA C 54 36.97 21.07 15.58
C ALA C 54 37.55 19.89 16.35
N GLU C 55 38.04 20.16 17.55
CA GLU C 55 38.63 19.12 18.39
C GLU C 55 37.94 19.03 19.74
N LEU C 56 37.67 17.81 20.15
CA LEU C 56 36.98 17.55 21.40
C LEU C 56 37.79 16.50 22.13
N ASP C 57 38.32 16.88 23.30
CA ASP C 57 39.27 16.03 24.04
C ASP C 57 40.35 15.48 23.12
N GLY C 58 40.87 16.35 22.25
CA GLY C 58 41.95 16.01 21.34
C GLY C 58 41.57 15.21 20.10
N GLN C 59 40.28 14.88 19.96
CA GLN C 59 39.81 14.12 18.80
C GLN C 59 39.06 15.02 17.84
N SER C 60 39.28 14.79 16.54
CA SER C 60 38.62 15.58 15.49
C SER C 60 37.14 15.25 15.43
N VAL C 61 36.32 16.29 15.37
CA VAL C 61 34.87 16.17 15.17
C VAL C 61 34.45 17.05 14.00
N VAL C 62 33.52 16.55 13.18
CA VAL C 62 32.95 17.34 12.09
C VAL C 62 31.61 17.92 12.52
N VAL C 63 31.35 19.14 12.11
CA VAL C 63 30.04 19.76 12.24
C VAL C 63 29.59 20.11 10.82
N CYS C 64 28.41 19.62 10.44
CA CYS C 64 27.96 19.79 9.06
C CYS C 64 26.45 20.00 9.07
N SER C 65 25.99 21.07 8.43
CA SER C 65 24.54 21.31 8.35
C SER C 65 23.89 20.38 7.32
N THR C 66 22.58 20.15 7.48
CA THR C 66 21.82 19.21 6.66
C THR C 66 20.81 19.89 5.73
N GLY C 67 20.43 21.13 6.04
CA GLY C 67 19.25 21.74 5.43
C GLY C 67 17.98 21.11 6.01
N ILE C 68 16.83 21.56 5.50
CA ILE C 68 15.54 21.04 5.95
C ILE C 68 15.16 19.82 5.10
N GLY C 69 14.78 18.75 5.77
CA GLY C 69 14.18 17.59 5.11
C GLY C 69 15.12 16.42 4.92
N GLY C 70 14.53 15.23 4.81
CA GLY C 70 15.28 14.01 4.54
C GLY C 70 16.15 13.99 3.29
N PRO C 71 15.67 14.56 2.16
CA PRO C 71 16.53 14.48 0.97
C PRO C 71 17.91 15.17 1.13
N SER C 72 17.93 16.41 1.59
CA SER C 72 19.22 17.09 1.77
C SER C 72 20.05 16.42 2.88
N THR C 73 19.39 15.94 3.93
CA THR C 73 20.04 15.20 5.03
C THR C 73 20.74 13.93 4.52
N SER C 74 20.02 13.15 3.70
CA SER C 74 20.55 11.90 3.16
C SER C 74 21.84 12.10 2.37
N ILE C 75 21.94 13.24 1.67
CA ILE C 75 23.16 13.57 0.92
C ILE C 75 24.34 13.82 1.86
N ALA C 76 24.11 14.65 2.88
CA ALA C 76 25.15 14.99 3.86
C ALA C 76 25.66 13.74 4.58
N VAL C 77 24.73 12.89 5.02
CA VAL C 77 25.10 11.66 5.74
C VAL C 77 25.91 10.69 4.87
N GLU C 78 25.45 10.46 3.63
CA GLU C 78 26.15 9.59 2.69
C GLU C 78 27.57 10.07 2.40
N GLU C 79 27.70 11.35 2.10
CA GLU C 79 29.01 11.90 1.75
C GLU C 79 29.96 11.92 2.94
N LEU C 80 29.45 12.23 4.13
CA LEU C 80 30.27 12.15 5.35
C LEU C 80 30.71 10.69 5.64
N ALA C 81 29.81 9.74 5.44
CA ALA C 81 30.17 8.32 5.56
C ALA C 81 31.26 7.91 4.57
N GLN C 82 31.17 8.42 3.34
CA GLN C 82 32.22 8.15 2.35
C GLN C 82 33.59 8.64 2.82
N LEU C 83 33.57 9.67 3.65
CA LEU C 83 34.81 10.26 4.16
C LEU C 83 35.23 9.72 5.53
N GLY C 84 34.50 8.71 6.02
CA GLY C 84 34.92 7.96 7.21
C GLY C 84 34.11 8.21 8.47
N VAL C 85 33.10 9.06 8.37
CA VAL C 85 32.24 9.33 9.52
C VAL C 85 31.29 8.16 9.75
N ARG C 86 31.19 7.71 11.00
CA ARG C 86 30.37 6.55 11.35
C ARG C 86 29.28 6.87 12.38
N THR C 87 29.42 7.99 13.07
CA THR C 87 28.52 8.38 14.16
C THR C 87 27.95 9.76 13.89
N PHE C 88 26.63 9.87 13.95
CA PHE C 88 25.94 11.10 13.55
C PHE C 88 25.03 11.58 14.67
N LEU C 89 25.30 12.77 15.18
CA LEU C 89 24.51 13.32 16.27
C LEU C 89 23.67 14.49 15.79
N ARG C 90 22.36 14.27 15.66
CA ARG C 90 21.45 15.31 15.23
C ARG C 90 21.03 16.18 16.42
N VAL C 91 21.14 17.49 16.25
CA VAL C 91 20.63 18.44 17.24
C VAL C 91 19.69 19.46 16.59
N GLY C 92 18.71 19.91 17.35
CA GLY C 92 17.85 20.99 16.90
C GLY C 92 16.98 21.49 18.03
N THR C 93 16.02 22.33 17.68
CA THR C 93 14.95 22.71 18.60
C THR C 93 13.64 22.38 17.93
N THR C 94 12.64 22.05 18.74
CA THR C 94 11.41 21.44 18.23
C THR C 94 10.16 21.98 18.96
N GLY C 95 8.99 21.74 18.38
CA GLY C 95 7.71 21.98 19.06
C GLY C 95 7.02 20.70 19.52
N ALA C 96 6.46 20.74 20.72
CA ALA C 96 5.84 19.56 21.32
C ALA C 96 4.34 19.52 21.08
N ILE C 97 3.77 18.32 21.16
CA ILE C 97 2.33 18.11 20.96
C ILE C 97 1.65 17.49 22.18
N GLN C 98 2.42 17.34 23.26
CA GLN C 98 1.88 16.84 24.53
C GLN C 98 1.83 17.97 25.55
N PRO C 99 0.70 18.09 26.28
CA PRO C 99 0.57 19.14 27.30
C PRO C 99 1.61 19.07 28.42
N HIS C 100 2.14 17.88 28.71
CA HIS C 100 3.05 17.71 29.85
C HIS C 100 4.51 18.09 29.52
N VAL C 101 4.79 18.31 28.23
CA VAL C 101 6.13 18.70 27.78
C VAL C 101 6.24 20.22 27.74
N ASN C 102 7.18 20.77 28.51
CA ASN C 102 7.29 22.22 28.64
C ASN C 102 8.39 22.82 27.76
N VAL C 103 8.23 24.11 27.44
CA VAL C 103 9.29 24.85 26.75
C VAL C 103 10.51 24.88 27.68
N GLY C 104 11.67 24.52 27.14
CA GLY C 104 12.89 24.39 27.93
C GLY C 104 13.26 22.94 28.18
N ASP C 105 12.26 22.05 28.10
CA ASP C 105 12.50 20.62 28.18
C ASP C 105 13.26 20.11 26.97
N MET C 106 13.85 18.92 27.10
CA MET C 106 14.54 18.31 25.98
CA MET C 106 14.60 18.27 26.03
C MET C 106 13.92 16.96 25.65
N ILE C 107 13.97 16.62 24.37
CA ILE C 107 13.45 15.34 23.86
C ILE C 107 14.57 14.56 23.21
N VAL C 108 14.72 13.31 23.60
CA VAL C 108 15.61 12.38 22.91
C VAL C 108 14.71 11.35 22.24
N THR C 109 14.85 11.25 20.91
CA THR C 109 13.98 10.39 20.10
C THR C 109 14.35 8.93 20.27
N THR C 110 13.39 8.09 20.69
CA THR C 110 13.59 6.65 20.79
C THR C 110 13.14 5.91 19.50
N GLY C 111 12.34 6.59 18.68
CA GLY C 111 11.88 6.05 17.42
C GLY C 111 11.06 7.11 16.72
N SER C 112 11.04 7.07 15.39
CA SER C 112 10.31 8.07 14.63
C SER C 112 9.17 7.48 13.80
N VAL C 113 8.04 8.18 13.80
CA VAL C 113 6.95 7.90 12.85
C VAL C 113 7.44 8.36 11.46
N ARG C 114 7.45 7.45 10.49
CA ARG C 114 8.07 7.69 9.20
C ARG C 114 7.06 8.32 8.25
N LEU C 115 6.87 9.63 8.40
CA LEU C 115 5.96 10.40 7.54
C LEU C 115 6.77 11.13 6.45
N ASP C 116 7.86 10.49 6.05
CA ASP C 116 8.78 11.00 5.04
C ASP C 116 8.82 10.11 3.80
N GLY C 117 9.63 10.49 2.81
CA GLY C 117 9.85 9.63 1.65
C GLY C 117 11.23 9.02 1.60
N ALA C 118 12.24 9.76 2.06
CA ALA C 118 13.62 9.31 1.90
C ALA C 118 13.97 8.03 2.70
N SER C 119 13.34 7.83 3.85
CA SER C 119 13.55 6.60 4.63
C SER C 119 13.29 5.34 3.79
N LEU C 120 12.26 5.40 2.93
CA LEU C 120 11.90 4.29 2.06
C LEU C 120 12.94 4.03 0.95
N HIS C 121 13.90 4.94 0.80
CA HIS C 121 14.97 4.73 -0.17
C HIS C 121 16.08 3.89 0.44
N PHE C 122 15.93 3.54 1.72
CA PHE C 122 16.94 2.76 2.46
C PHE C 122 16.39 1.47 3.04
N ALA C 123 15.12 1.49 3.42
CA ALA C 123 14.46 0.33 4.01
C ALA C 123 12.95 0.41 3.82
N PRO C 124 12.29 -0.73 3.67
CA PRO C 124 10.84 -0.65 3.49
C PRO C 124 10.17 -0.16 4.77
N MET C 125 8.91 0.25 4.68
CA MET C 125 8.23 0.91 5.79
C MET C 125 8.19 0.11 7.10
N GLU C 126 8.22 -1.22 6.98
CA GLU C 126 8.16 -2.09 8.15
CA GLU C 126 8.19 -2.12 8.15
C GLU C 126 9.40 -1.93 9.05
N PHE C 127 10.50 -1.45 8.49
CA PHE C 127 11.74 -1.27 9.25
C PHE C 127 11.60 -0.11 10.25
N PRO C 128 12.11 -0.26 11.49
CA PRO C 128 11.91 0.78 12.50
C PRO C 128 12.93 1.92 12.38
N ALA C 129 12.44 3.16 12.42
CA ALA C 129 13.28 4.35 12.44
C ALA C 129 13.75 4.54 13.87
N VAL C 130 14.83 3.86 14.22
CA VAL C 130 15.29 3.86 15.60
CA VAL C 130 15.31 3.75 15.60
C VAL C 130 16.75 4.28 15.70
N PRO C 131 17.09 4.98 16.80
CA PRO C 131 18.47 5.41 17.01
C PRO C 131 19.36 4.25 17.46
N ASP C 132 20.66 4.39 17.24
CA ASP C 132 21.65 3.56 17.91
C ASP C 132 21.49 3.69 19.44
N PHE C 133 21.53 2.57 20.14
CA PHE C 133 21.29 2.57 21.59
C PHE C 133 22.34 3.38 22.35
N ASP C 134 23.61 3.25 21.95
CA ASP C 134 24.70 4.00 22.60
C ASP C 134 24.52 5.50 22.42
N VAL C 135 24.16 5.94 21.21
CA VAL C 135 23.95 7.37 20.98
C VAL C 135 22.77 7.87 21.81
N ALA C 136 21.63 7.15 21.79
CA ALA C 136 20.47 7.56 22.58
C ALA C 136 20.78 7.63 24.08
N THR C 137 21.59 6.67 24.55
CA THR C 137 22.01 6.62 25.96
C THR C 137 22.89 7.84 26.30
N ALA C 138 23.82 8.15 25.40
CA ALA C 138 24.70 9.32 25.56
C ALA C 138 23.91 10.63 25.56
N MET C 139 22.94 10.74 24.66
CA MET C 139 22.11 11.94 24.59
C MET C 139 21.24 12.11 25.83
N LYS C 140 20.67 11.02 26.35
CA LYS C 140 19.88 11.09 27.56
C LYS C 140 20.77 11.56 28.72
N ALA C 141 21.95 10.95 28.84
CA ALA C 141 22.88 11.29 29.91
C ALA C 141 23.29 12.77 29.86
N ALA C 142 23.66 13.23 28.67
CA ALA C 142 24.06 14.64 28.49
C ALA C 142 22.89 15.59 28.78
N ALA C 143 21.71 15.28 28.25
CA ALA C 143 20.54 16.11 28.50
C ALA C 143 20.19 16.19 29.99
N GLN C 144 20.18 15.04 30.66
CA GLN C 144 19.87 14.98 32.07
C GLN C 144 20.91 15.69 32.94
N GLU C 145 22.19 15.49 32.59
CA GLU C 145 23.30 16.11 33.34
C GLU C 145 23.29 17.64 33.23
N SER C 146 22.66 18.17 32.16
CA SER C 146 22.54 19.61 31.99
C SER C 146 21.53 20.21 32.98
N GLY C 147 20.69 19.36 33.56
CA GLY C 147 19.69 19.78 34.53
C GLY C 147 18.30 19.94 33.97
N ALA C 148 18.17 19.79 32.65
CA ALA C 148 16.87 19.89 31.98
C ALA C 148 15.98 18.71 32.29
N THR C 149 14.67 18.90 32.18
CA THR C 149 13.72 17.79 32.18
C THR C 149 13.76 17.17 30.78
N VAL C 150 13.95 15.86 30.74
CA VAL C 150 14.21 15.13 29.51
C VAL C 150 13.10 14.12 29.27
N HIS C 151 12.66 14.05 28.01
CA HIS C 151 11.61 13.13 27.60
C HIS C 151 12.18 12.16 26.58
N MET C 152 12.06 10.87 26.87
CA MET C 152 12.44 9.81 25.93
C MET C 152 11.16 9.37 25.23
N GLY C 153 11.14 9.42 23.92
CA GLY C 153 9.94 8.93 23.23
C GLY C 153 9.92 9.11 21.73
N VAL C 154 8.72 8.88 21.20
CA VAL C 154 8.49 8.85 19.77
C VAL C 154 8.29 10.25 19.18
N THR C 155 8.92 10.47 18.03
CA THR C 155 8.85 11.72 17.28
CA THR C 155 8.80 11.72 17.29
C THR C 155 8.16 11.46 15.94
N ALA C 156 7.22 12.33 15.56
CA ALA C 156 6.60 12.22 14.24
C ALA C 156 7.44 13.04 13.25
N SER C 157 7.94 12.38 12.21
CA SER C 157 8.92 12.99 11.29
C SER C 157 8.31 13.15 9.91
N SER C 158 8.02 14.40 9.56
CA SER C 158 7.19 14.76 8.43
C SER C 158 7.98 15.42 7.29
N ASP C 159 7.66 15.02 6.05
CA ASP C 159 8.21 15.67 4.86
C ASP C 159 7.65 17.09 4.61
N THR C 160 6.66 17.52 5.39
CA THR C 160 6.16 18.90 5.30
C THR C 160 6.05 19.57 6.67
N PHE C 161 6.13 20.90 6.67
CA PHE C 161 5.95 21.69 7.87
C PHE C 161 4.46 21.95 8.08
N TYR C 162 3.72 22.01 6.97
CA TYR C 162 2.33 22.43 7.03
C TYR C 162 1.31 21.27 7.07
N PRO C 163 0.92 20.68 5.91
CA PRO C 163 -0.16 19.68 6.01
C PRO C 163 0.20 18.39 6.77
N GLY C 164 1.47 17.98 6.69
CA GLY C 164 1.96 16.79 7.36
C GLY C 164 2.03 16.95 8.86
N GLN C 165 1.95 18.19 9.33
CA GLN C 165 1.87 18.48 10.76
C GLN C 165 0.46 18.98 11.13
N GLU C 166 -0.48 18.70 10.22
CA GLU C 166 -1.89 19.09 10.31
C GLU C 166 -2.12 20.59 10.67
N ARG C 167 -1.43 21.46 9.94
CA ARG C 167 -1.64 22.91 10.03
C ARG C 167 -2.67 23.31 9.00
N TYR C 168 -3.72 24.01 9.44
CA TYR C 168 -4.78 24.52 8.55
C TYR C 168 -4.65 26.01 8.25
N ASP C 169 -3.74 26.69 8.94
CA ASP C 169 -3.56 28.14 8.75
C ASP C 169 -2.62 28.37 7.57
N THR C 170 -3.09 28.00 6.40
CA THR C 170 -2.27 27.94 5.20
C THR C 170 -3.02 28.58 4.06
N PHE C 171 -2.36 28.70 2.91
CA PHE C 171 -2.94 29.30 1.71
C PHE C 171 -4.27 28.65 1.33
N THR C 172 -4.31 27.32 1.31
CA THR C 172 -5.54 26.64 0.90
C THR C 172 -6.46 26.31 2.07
N GLY C 173 -5.89 26.20 3.27
CA GLY C 173 -6.64 25.73 4.42
C GLY C 173 -7.05 24.26 4.37
N ARG C 174 -6.49 23.53 3.39
CA ARG C 174 -6.86 22.15 3.16
CA ARG C 174 -6.84 22.14 3.10
C ARG C 174 -5.76 21.21 3.65
N VAL C 175 -6.17 20.07 4.20
CA VAL C 175 -5.25 19.00 4.57
C VAL C 175 -5.76 17.72 3.91
N VAL C 176 -4.88 17.06 3.16
CA VAL C 176 -5.18 15.81 2.46
C VAL C 176 -5.71 14.76 3.45
N ARG C 177 -6.62 13.91 2.97
CA ARG C 177 -7.25 12.87 3.79
C ARG C 177 -6.28 12.18 4.75
N ARG C 178 -5.13 11.73 4.22
CA ARG C 178 -4.12 11.01 5.01
C ARG C 178 -3.82 11.70 6.36
N PHE C 179 -3.76 13.03 6.33
CA PHE C 179 -3.33 13.79 7.51
C PHE C 179 -4.46 14.47 8.31
N GLN C 180 -5.71 14.32 7.85
CA GLN C 180 -6.83 14.86 8.60
C GLN C 180 -6.99 14.04 9.88
N GLY C 181 -7.03 14.74 11.01
CA GLY C 181 -7.15 14.10 12.31
C GLY C 181 -5.86 13.47 12.81
N SER C 182 -4.77 13.61 12.05
CA SER C 182 -3.50 12.93 12.38
C SER C 182 -2.85 13.46 13.64
N MET C 183 -2.91 14.77 13.89
CA MET C 183 -2.28 15.28 15.12
C MET C 183 -2.90 14.67 16.39
N LYS C 184 -4.23 14.64 16.47
CA LYS C 184 -4.91 14.00 17.62
C LYS C 184 -4.55 12.50 17.73
N GLU C 185 -4.44 11.82 16.58
CA GLU C 185 -4.05 10.43 16.58
CA GLU C 185 -4.00 10.42 16.51
C GLU C 185 -2.65 10.25 17.19
N TRP C 186 -1.68 11.06 16.77
CA TRP C 186 -0.33 10.94 17.34
C TRP C 186 -0.32 11.33 18.81
N GLN C 187 -1.11 12.34 19.18
CA GLN C 187 -1.21 12.73 20.60
C GLN C 187 -1.70 11.57 21.46
N ASP C 188 -2.78 10.92 21.01
CA ASP C 188 -3.35 9.79 21.74
C ASP C 188 -2.39 8.60 21.81
N MET C 189 -1.50 8.49 20.82
CA MET C 189 -0.50 7.43 20.78
C MET C 189 0.77 7.77 21.56
N GLY C 190 0.80 8.96 22.17
CA GLY C 190 1.90 9.35 23.06
C GLY C 190 3.10 9.98 22.36
N VAL C 191 2.95 10.30 21.08
CA VAL C 191 4.02 10.94 20.30
C VAL C 191 4.31 12.32 20.93
N LEU C 192 5.59 12.66 21.01
CA LEU C 192 6.04 13.84 21.75
C LEU C 192 6.07 15.13 20.93
N ASN C 193 6.44 15.02 19.66
CA ASN C 193 6.79 16.19 18.85
C ASN C 193 6.82 15.88 17.36
N PHE C 194 6.74 16.96 16.58
CA PHE C 194 6.99 16.92 15.14
C PHE C 194 8.37 17.51 14.83
N GLU C 195 9.06 16.89 13.88
CA GLU C 195 10.14 17.56 13.15
C GLU C 195 10.22 16.96 11.75
N MET C 196 11.30 17.20 11.02
CA MET C 196 11.31 16.91 9.58
C MET C 196 12.48 16.11 9.03
N GLU C 197 13.37 15.60 9.90
CA GLU C 197 14.54 14.86 9.41
C GLU C 197 14.87 13.50 10.05
N SER C 198 14.33 13.24 11.24
CA SER C 198 14.74 12.06 12.02
C SER C 198 14.38 10.72 11.36
N ALA C 199 13.24 10.64 10.68
CA ALA C 199 12.88 9.35 10.08
C ALA C 199 13.91 8.94 9.03
N THR C 200 14.27 9.90 8.18
CA THR C 200 15.28 9.66 7.18
C THR C 200 16.62 9.32 7.85
N LEU C 201 17.05 10.17 8.77
CA LEU C 201 18.35 9.96 9.41
C LEU C 201 18.43 8.60 10.11
N LEU C 202 17.43 8.31 10.95
CA LEU C 202 17.49 7.10 11.76
C LEU C 202 17.38 5.84 10.89
N THR C 203 16.46 5.85 9.92
CA THR C 203 16.30 4.70 9.04
C THR C 203 17.54 4.44 8.18
N MET C 204 18.07 5.50 7.58
CA MET C 204 19.26 5.39 6.76
CA MET C 204 19.27 5.41 6.75
C MET C 204 20.43 4.82 7.56
N CYS C 205 20.64 5.35 8.76
CA CYS C 205 21.79 4.92 9.56
C CYS C 205 21.63 3.51 10.13
N ALA C 206 20.44 3.21 10.66
CA ALA C 206 20.18 1.89 11.28
C ALA C 206 20.24 0.75 10.26
N SER C 207 20.04 1.07 9.00
CA SER C 207 20.08 0.07 7.93
C SER C 207 21.41 0.07 7.14
N SER C 208 22.33 0.96 7.52
CA SER C 208 23.58 1.15 6.78
C SER C 208 24.85 1.03 7.62
N GLY C 209 24.74 0.48 8.82
CA GLY C 209 25.90 0.30 9.70
C GLY C 209 26.47 1.58 10.26
N LEU C 210 25.63 2.61 10.39
CA LEU C 210 26.05 3.89 10.97
C LEU C 210 25.28 4.12 12.27
N LYS C 211 25.90 4.82 13.21
CA LYS C 211 25.29 5.10 14.51
C LYS C 211 24.69 6.49 14.53
N ALA C 212 23.41 6.60 14.85
CA ALA C 212 22.73 7.91 14.85
C ALA C 212 21.77 8.09 16.02
N GLY C 213 21.56 9.35 16.39
CA GLY C 213 20.60 9.72 17.42
C GLY C 213 20.14 11.15 17.23
N CYS C 214 19.06 11.50 17.92
CA CYS C 214 18.43 12.82 17.81
CA CYS C 214 18.45 12.81 17.80
C CYS C 214 18.10 13.38 19.17
N VAL C 215 18.50 14.63 19.38
CA VAL C 215 18.15 15.38 20.58
C VAL C 215 17.68 16.78 20.18
N ALA C 216 16.69 17.30 20.91
CA ALA C 216 16.10 18.60 20.58
C ALA C 216 15.60 19.32 21.82
N GLY C 217 15.76 20.65 21.86
CA GLY C 217 15.17 21.48 22.91
C GLY C 217 13.77 21.89 22.51
N VAL C 218 12.86 21.92 23.48
CA VAL C 218 11.48 22.35 23.21
C VAL C 218 11.37 23.87 23.36
N ILE C 219 10.97 24.53 22.27
CA ILE C 219 10.85 25.99 22.21
C ILE C 219 9.41 26.46 21.99
N ILE C 220 8.51 25.52 21.71
CA ILE C 220 7.07 25.79 21.54
C ILE C 220 6.23 24.52 21.76
N ASN C 221 4.96 24.72 22.12
CA ASN C 221 4.02 23.62 22.34
C ASN C 221 2.70 23.93 21.63
N ARG C 222 2.33 23.06 20.66
CA ARG C 222 1.11 23.22 19.84
CA ARG C 222 1.13 23.25 19.85
C ARG C 222 -0.16 23.35 20.67
N THR C 223 -0.14 22.78 21.88
CA THR C 223 -1.33 22.74 22.75
C THR C 223 -1.47 23.94 23.68
N GLN C 224 -0.40 24.75 23.77
CA GLN C 224 -0.35 25.88 24.71
C GLN C 224 -0.52 27.22 23.99
N LYS C 225 -1.38 28.07 24.53
CA LYS C 225 -1.68 29.37 23.93
C LYS C 225 -0.59 30.40 24.23
N GLU C 226 -0.03 30.32 25.44
CA GLU C 226 0.96 31.28 25.93
C GLU C 226 2.23 31.29 25.09
N ILE C 227 2.73 32.48 24.81
CA ILE C 227 3.98 32.66 24.10
C ILE C 227 5.15 32.60 25.11
N PRO C 228 6.16 31.74 24.85
CA PRO C 228 7.37 31.75 25.67
C PRO C 228 8.19 33.03 25.45
N ASP C 229 8.83 33.52 26.51
CA ASP C 229 9.60 34.77 26.45
C ASP C 229 10.95 34.58 25.73
N HIS C 230 11.50 35.69 25.26
CA HIS C 230 12.74 35.71 24.46
C HIS C 230 13.92 35.02 25.15
N ALA C 231 14.06 35.25 26.46
CA ALA C 231 15.14 34.66 27.26
C ALA C 231 15.07 33.13 27.30
N THR C 232 13.86 32.58 27.39
CA THR C 232 13.68 31.13 27.40
C THR C 232 14.11 30.49 26.07
N LEU C 233 13.76 31.13 24.95
CA LEU C 233 14.15 30.64 23.61
C LEU C 233 15.67 30.61 23.42
N LYS C 234 16.33 31.71 23.78
CA LYS C 234 17.79 31.84 23.75
C LYS C 234 18.47 30.74 24.58
N GLU C 235 18.04 30.61 25.83
CA GLU C 235 18.58 29.61 26.77
C GLU C 235 18.43 28.18 26.24
N THR C 236 17.29 27.90 25.61
CA THR C 236 17.00 26.55 25.10
C THR C 236 17.89 26.20 23.90
N GLU C 237 18.04 27.15 22.99
CA GLU C 237 18.93 26.97 21.83
C GLU C 237 20.38 26.77 22.28
N ALA C 238 20.83 27.60 23.22
CA ALA C 238 22.14 27.45 23.84
C ALA C 238 22.31 26.09 24.52
N ARG C 239 21.31 25.68 25.30
CA ARG C 239 21.39 24.40 26.02
CA ARG C 239 21.38 24.40 26.03
C ARG C 239 21.46 23.21 25.06
N SER C 240 20.64 23.25 24.01
CA SER C 240 20.60 22.15 23.05
CA SER C 240 20.60 22.16 23.02
C SER C 240 21.97 21.85 22.42
N ILE C 241 22.71 22.89 22.04
CA ILE C 241 24.03 22.64 21.45
C ILE C 241 25.11 22.27 22.48
N LYS C 242 25.01 22.80 23.70
CA LYS C 242 25.90 22.36 24.78
C LYS C 242 25.69 20.87 25.03
N VAL C 243 24.42 20.46 25.04
CA VAL C 243 24.05 19.06 25.28
C VAL C 243 24.58 18.14 24.18
N VAL C 244 24.40 18.50 22.90
CA VAL C 244 24.91 17.65 21.83
C VAL C 244 26.44 17.48 21.87
N VAL C 245 27.15 18.53 22.29
CA VAL C 245 28.60 18.44 22.39
C VAL C 245 29.01 17.48 23.52
N GLU C 246 28.32 17.55 24.66
CA GLU C 246 28.57 16.63 25.77
CA GLU C 246 28.61 16.62 25.75
C GLU C 246 28.20 15.20 25.36
N ALA C 247 27.15 15.06 24.54
CA ALA C 247 26.79 13.73 24.06
C ALA C 247 27.91 13.19 23.17
N ALA C 248 28.48 14.06 22.34
CA ALA C 248 29.65 13.70 21.53
C ALA C 248 30.86 13.27 22.37
N ARG C 249 31.13 14.01 23.45
CA ARG C 249 32.17 13.65 24.42
C ARG C 249 31.99 12.20 24.91
N LYS C 250 30.75 11.85 25.25
CA LYS C 250 30.43 10.52 25.76
C LYS C 250 30.59 9.41 24.72
N MET C 251 30.48 9.78 23.44
CA MET C 251 30.62 8.82 22.33
C MET C 251 32.07 8.56 21.92
N LEU C 252 32.98 9.48 22.24
CA LEU C 252 34.38 9.36 21.81
C LEU C 252 35.09 8.19 22.49
N LYS C 253 35.97 7.51 21.76
CA LYS C 253 36.68 6.33 22.25
C LYS C 253 38.16 6.61 22.49
N LYS D 3 1.88 38.13 9.45
CA LYS D 3 2.26 39.15 8.42
C LYS D 3 3.65 38.87 7.83
N THR D 4 4.57 38.39 8.67
CA THR D 4 5.85 37.87 8.19
C THR D 4 5.82 36.35 8.23
N VAL D 5 6.06 35.71 7.09
CA VAL D 5 6.03 34.25 7.00
C VAL D 5 7.19 33.61 7.77
N PHE D 6 6.94 32.41 8.28
CA PHE D 6 7.75 31.74 9.29
C PHE D 6 9.21 31.47 8.92
N HIS D 7 9.45 31.02 7.70
CA HIS D 7 10.80 30.65 7.27
C HIS D 7 11.46 31.69 6.37
N LEU D 8 10.68 32.28 5.47
CA LEU D 8 11.25 33.14 4.44
C LEU D 8 11.60 34.53 4.96
N GLY D 9 10.93 34.94 6.04
CA GLY D 9 11.24 36.22 6.68
C GLY D 9 10.87 37.46 5.89
N VAL D 10 9.89 37.30 4.99
CA VAL D 10 9.43 38.42 4.17
C VAL D 10 7.93 38.66 4.41
N THR D 11 7.48 39.85 4.05
CA THR D 11 6.08 40.25 4.18
C THR D 11 5.46 40.39 2.78
N GLU D 12 4.13 40.49 2.72
CA GLU D 12 3.45 40.69 1.44
C GLU D 12 3.92 42.02 0.80
N ALA D 13 4.06 43.06 1.61
CA ALA D 13 4.54 44.37 1.14
C ALA D 13 5.93 44.32 0.47
N ASP D 14 6.81 43.48 1.01
N ASP D 14 6.82 43.48 1.01
CA ASP D 14 8.17 43.28 0.48
CA ASP D 14 8.18 43.34 0.45
C ASP D 14 8.17 42.84 -0.99
C ASP D 14 8.21 42.76 -0.96
N LEU D 15 7.10 42.17 -1.40
CA LEU D 15 7.01 41.57 -2.73
C LEU D 15 6.49 42.54 -3.80
N ASN D 16 5.98 43.70 -3.37
CA ASN D 16 5.52 44.76 -4.27
C ASN D 16 4.53 44.27 -5.33
N GLY D 17 3.60 43.41 -4.89
CA GLY D 17 2.54 42.89 -5.76
C GLY D 17 2.90 41.71 -6.65
N ALA D 18 4.08 41.11 -6.42
CA ALA D 18 4.53 39.97 -7.23
C ALA D 18 3.55 38.80 -7.14
N THR D 19 3.19 38.24 -8.29
CA THR D 19 2.34 37.04 -8.31
C THR D 19 3.05 35.87 -8.98
N LEU D 20 4.30 36.10 -9.36
CA LEU D 20 5.12 35.08 -10.02
C LEU D 20 6.46 34.97 -9.34
N ALA D 21 6.88 33.74 -9.09
CA ALA D 21 8.21 33.48 -8.54
C ALA D 21 9.02 32.51 -9.39
N ILE D 22 10.32 32.79 -9.50
CA ILE D 22 11.28 31.86 -10.09
C ILE D 22 11.98 31.21 -8.91
N ILE D 23 12.03 29.88 -8.93
CA ILE D 23 12.48 29.12 -7.77
C ILE D 23 13.62 28.14 -8.09
N PRO D 24 14.87 28.63 -8.02
CA PRO D 24 16.03 27.74 -8.17
C PRO D 24 16.30 26.99 -6.87
N GLY D 25 17.13 25.95 -6.93
CA GLY D 25 17.49 25.19 -5.74
C GLY D 25 18.54 25.86 -4.88
N ASP D 26 19.57 26.39 -5.55
CA ASP D 26 20.76 26.89 -4.88
C ASP D 26 20.63 28.38 -4.50
N PRO D 27 20.76 28.71 -3.20
CA PRO D 27 20.72 30.12 -2.75
C PRO D 27 21.62 31.05 -3.57
N ALA D 28 22.80 30.57 -3.96
CA ALA D 28 23.76 31.37 -4.72
C ALA D 28 23.31 31.74 -6.15
N ARG D 29 22.28 31.06 -6.63
CA ARG D 29 21.75 31.26 -7.98
CA ARG D 29 21.77 31.29 -7.98
C ARG D 29 20.70 32.37 -8.01
N VAL D 30 20.21 32.77 -6.83
CA VAL D 30 19.10 33.73 -6.74
C VAL D 30 19.46 35.11 -7.28
N GLN D 31 20.60 35.63 -6.84
CA GLN D 31 21.06 36.94 -7.31
C GLN D 31 21.33 36.91 -8.83
N LYS D 32 21.91 35.80 -9.29
CA LYS D 32 22.22 35.60 -10.71
C LYS D 32 20.97 35.65 -11.61
N ILE D 33 19.87 35.04 -11.16
CA ILE D 33 18.60 35.15 -11.87
C ILE D 33 18.03 36.56 -11.76
N ALA D 34 17.99 37.11 -10.55
CA ALA D 34 17.43 38.44 -10.30
C ALA D 34 18.10 39.54 -11.13
N GLU D 35 19.42 39.42 -11.34
CA GLU D 35 20.16 40.45 -12.09
C GLU D 35 19.87 40.46 -13.59
N LEU D 36 19.18 39.43 -14.08
CA LEU D 36 18.75 39.38 -15.48
C LEU D 36 17.50 40.23 -15.69
N MET D 37 16.92 40.68 -14.58
CA MET D 37 15.72 41.49 -14.60
C MET D 37 16.07 42.89 -14.11
N ASP D 38 15.07 43.73 -13.97
CA ASP D 38 15.29 45.12 -13.63
C ASP D 38 15.19 45.36 -12.13
N ASN D 39 15.97 46.31 -11.63
CA ASN D 39 15.94 46.70 -10.22
C ASN D 39 15.94 45.55 -9.21
N PRO D 40 16.91 44.61 -9.33
CA PRO D 40 16.93 43.52 -8.33
C PRO D 40 17.27 44.02 -6.92
N VAL D 41 16.51 43.56 -5.92
CA VAL D 41 16.73 43.94 -4.53
C VAL D 41 16.74 42.69 -3.65
N PHE D 42 17.77 42.54 -2.81
CA PHE D 42 17.83 41.48 -1.81
C PHE D 42 16.77 41.74 -0.73
N LEU D 43 16.01 40.70 -0.40
CA LEU D 43 14.96 40.83 0.61
C LEU D 43 15.34 40.15 1.93
N ALA D 44 15.82 38.92 1.86
CA ALA D 44 16.09 38.12 3.05
C ALA D 44 16.88 36.87 2.73
N SER D 45 17.65 36.42 3.72
CA SER D 45 18.28 35.11 3.66
C SER D 45 18.17 34.43 5.03
N HIS D 46 17.53 33.25 5.04
CA HIS D 46 17.47 32.41 6.25
C HIS D 46 17.58 30.96 5.83
N ARG D 47 18.46 30.20 6.47
CA ARG D 47 18.67 28.79 6.09
C ARG D 47 18.95 28.71 4.58
N GLU D 48 18.35 27.74 3.88
CA GLU D 48 18.58 27.61 2.43
C GLU D 48 17.74 28.58 1.58
N TYR D 49 17.05 29.51 2.24
CA TYR D 49 16.14 30.42 1.56
C TYR D 49 16.71 31.82 1.40
N THR D 50 17.12 32.12 0.17
CA THR D 50 17.55 33.46 -0.20
C THR D 50 16.46 34.01 -1.12
N VAL D 51 16.00 35.21 -0.80
CA VAL D 51 14.85 35.84 -1.51
C VAL D 51 15.22 37.23 -2.05
N TYR D 52 15.04 37.41 -3.36
CA TYR D 52 15.18 38.69 -4.07
C TYR D 52 13.85 39.08 -4.73
N ARG D 53 13.67 40.38 -4.94
CA ARG D 53 12.61 40.89 -5.81
C ARG D 53 13.27 41.57 -7.00
N ALA D 54 12.58 41.55 -8.14
CA ALA D 54 13.00 42.29 -9.33
C ALA D 54 11.78 42.67 -10.15
N GLU D 55 12.02 43.29 -11.30
CA GLU D 55 10.95 43.74 -12.18
C GLU D 55 11.18 43.24 -13.60
N LEU D 56 10.12 42.73 -14.20
CA LEU D 56 10.16 42.20 -15.54
C LEU D 56 9.02 42.89 -16.28
N ASP D 57 9.37 43.69 -17.28
CA ASP D 57 8.39 44.45 -18.05
C ASP D 57 7.43 45.25 -17.15
N GLY D 58 8.01 45.84 -16.11
CA GLY D 58 7.26 46.70 -15.18
C GLY D 58 6.48 45.97 -14.10
N GLN D 59 6.57 44.64 -14.06
CA GLN D 59 5.88 43.84 -13.06
C GLN D 59 6.85 43.18 -12.08
N SER D 60 6.50 43.21 -10.80
CA SER D 60 7.31 42.59 -9.75
C SER D 60 7.32 41.06 -9.88
N VAL D 61 8.52 40.50 -9.71
CA VAL D 61 8.77 39.07 -9.74
C VAL D 61 9.62 38.75 -8.52
N VAL D 62 9.38 37.58 -7.92
CA VAL D 62 10.18 37.11 -6.79
C VAL D 62 11.12 36.01 -7.26
N VAL D 63 12.34 36.00 -6.73
CA VAL D 63 13.27 34.88 -6.95
C VAL D 63 13.60 34.31 -5.58
N CYS D 64 13.35 33.02 -5.37
CA CYS D 64 13.48 32.44 -4.05
C CYS D 64 14.10 31.05 -4.17
N SER D 65 15.18 30.79 -3.45
CA SER D 65 15.74 29.45 -3.49
C SER D 65 14.92 28.46 -2.65
N THR D 66 15.03 27.18 -3.00
CA THR D 66 14.23 26.13 -2.40
C THR D 66 15.03 25.20 -1.51
N GLY D 67 16.34 25.15 -1.72
CA GLY D 67 17.15 24.07 -1.15
C GLY D 67 16.93 22.78 -1.92
N ILE D 68 17.61 21.73 -1.51
CA ILE D 68 17.48 20.40 -2.13
C ILE D 68 16.30 19.67 -1.50
N GLY D 69 15.44 19.13 -2.37
CA GLY D 69 14.40 18.20 -1.95
C GLY D 69 13.01 18.79 -1.79
N GLY D 70 12.02 17.91 -1.88
CA GLY D 70 10.62 18.28 -1.67
C GLY D 70 10.27 19.01 -0.37
N PRO D 71 10.80 18.52 0.78
CA PRO D 71 10.39 19.17 2.03
C PRO D 71 10.71 20.67 2.10
N SER D 72 11.96 21.05 1.84
CA SER D 72 12.30 22.47 1.85
C SER D 72 11.59 23.26 0.75
N THR D 73 11.42 22.63 -0.40
CA THR D 73 10.64 23.25 -1.51
C THR D 73 9.20 23.57 -1.07
N SER D 74 8.54 22.62 -0.40
CA SER D 74 7.13 22.79 0.03
C SER D 74 6.93 23.99 0.96
N ILE D 75 7.92 24.28 1.81
CA ILE D 75 7.84 25.43 2.70
C ILE D 75 7.91 26.76 1.91
N ALA D 76 8.87 26.84 0.99
CA ALA D 76 9.05 28.04 0.15
C ALA D 76 7.78 28.33 -0.67
N VAL D 77 7.21 27.30 -1.28
CA VAL D 77 6.03 27.46 -2.11
C VAL D 77 4.82 27.94 -1.29
N GLU D 78 4.55 27.26 -0.18
CA GLU D 78 3.46 27.63 0.71
C GLU D 78 3.57 29.07 1.19
N GLU D 79 4.76 29.44 1.66
CA GLU D 79 4.93 30.76 2.26
C GLU D 79 4.83 31.89 1.20
N LEU D 80 5.35 31.62 0.01
CA LEU D 80 5.16 32.57 -1.10
C LEU D 80 3.69 32.68 -1.51
N ALA D 81 2.99 31.54 -1.57
CA ALA D 81 1.56 31.55 -1.86
C ALA D 81 0.75 32.33 -0.82
N GLN D 82 1.09 32.19 0.45
CA GLN D 82 0.48 33.00 1.52
C GLN D 82 0.57 34.50 1.25
N LEU D 83 1.65 34.90 0.57
CA LEU D 83 1.90 36.31 0.30
C LEU D 83 1.49 36.74 -1.11
N GLY D 84 0.74 35.88 -1.80
CA GLY D 84 0.11 36.28 -3.07
C GLY D 84 0.68 35.69 -4.34
N VAL D 85 1.76 34.93 -4.23
CA VAL D 85 2.38 34.33 -5.42
C VAL D 85 1.52 33.15 -5.89
N ARG D 86 1.22 33.12 -7.19
CA ARG D 86 0.34 32.09 -7.76
C ARG D 86 1.01 31.23 -8.83
N THR D 87 2.11 31.72 -9.38
CA THR D 87 2.83 31.05 -10.46
C THR D 87 4.29 30.81 -10.06
N PHE D 88 4.76 29.58 -10.26
CA PHE D 88 6.07 29.13 -9.79
C PHE D 88 6.83 28.45 -10.93
N LEU D 89 7.96 29.05 -11.31
CA LEU D 89 8.80 28.51 -12.37
CA LEU D 89 8.79 28.52 -12.38
C LEU D 89 10.08 27.96 -11.78
N ARG D 90 10.24 26.65 -11.87
CA ARG D 90 11.43 25.97 -11.39
C ARG D 90 12.49 25.92 -12.49
N VAL D 91 13.70 26.35 -12.15
CA VAL D 91 14.85 26.19 -13.03
C VAL D 91 15.92 25.38 -12.31
N GLY D 92 16.68 24.58 -13.07
CA GLY D 92 17.80 23.85 -12.52
C GLY D 92 18.65 23.22 -13.59
N THR D 93 19.55 22.35 -13.17
CA THR D 93 20.29 21.51 -14.10
C THR D 93 20.05 20.05 -13.67
N THR D 94 20.29 19.10 -14.56
CA THR D 94 19.80 17.72 -14.35
C THR D 94 20.65 16.66 -15.03
N GLY D 95 20.47 15.41 -14.60
CA GLY D 95 21.16 14.25 -15.19
C GLY D 95 20.24 13.41 -16.07
N ALA D 96 20.55 13.38 -17.37
CA ALA D 96 19.75 12.62 -18.35
C ALA D 96 20.02 11.12 -18.28
N ILE D 97 19.01 10.33 -18.57
CA ILE D 97 19.15 8.87 -18.57
C ILE D 97 18.87 8.23 -19.94
N GLN D 98 18.58 9.09 -20.93
CA GLN D 98 18.35 8.64 -22.31
C GLN D 98 19.55 9.00 -23.18
N PRO D 99 20.03 8.03 -23.98
CA PRO D 99 21.19 8.25 -24.86
C PRO D 99 21.04 9.41 -25.84
N HIS D 100 19.82 9.71 -26.26
CA HIS D 100 19.59 10.75 -27.27
C HIS D 100 19.58 12.17 -26.70
N VAL D 101 19.60 12.27 -25.38
CA VAL D 101 19.63 13.55 -24.70
C VAL D 101 21.08 13.93 -24.39
N ASN D 102 21.53 15.03 -24.98
CA ASN D 102 22.92 15.47 -24.87
C ASN D 102 23.12 16.60 -23.87
N VAL D 103 24.34 16.72 -23.36
CA VAL D 103 24.71 17.84 -22.48
C VAL D 103 24.54 19.14 -23.28
N GLY D 104 23.86 20.11 -22.68
CA GLY D 104 23.53 21.35 -23.37
C GLY D 104 22.07 21.43 -23.77
N ASP D 105 21.41 20.27 -23.86
CA ASP D 105 19.98 20.24 -24.15
C ASP D 105 19.19 20.70 -22.94
N MET D 106 17.93 21.06 -23.18
CA MET D 106 16.98 21.50 -22.16
CA MET D 106 17.05 21.41 -22.09
C MET D 106 15.84 20.50 -22.04
N ILE D 107 15.34 20.28 -20.84
CA ILE D 107 14.19 19.42 -20.60
C ILE D 107 13.08 20.23 -19.94
N VAL D 108 11.87 20.15 -20.51
CA VAL D 108 10.69 20.70 -19.86
C VAL D 108 9.85 19.49 -19.46
N THR D 109 9.63 19.35 -18.16
CA THR D 109 8.90 18.23 -17.59
C THR D 109 7.40 18.31 -17.90
N THR D 110 6.85 17.25 -18.50
CA THR D 110 5.41 17.16 -18.77
C THR D 110 4.69 16.40 -17.65
N GLY D 111 5.47 15.72 -16.81
CA GLY D 111 4.94 14.94 -15.71
C GLY D 111 6.10 14.26 -14.97
N SER D 112 5.90 14.05 -13.67
CA SER D 112 6.96 13.48 -12.83
C SER D 112 6.60 12.14 -12.21
N VAL D 113 7.57 11.22 -12.20
CA VAL D 113 7.43 9.99 -11.45
C VAL D 113 7.64 10.36 -9.99
N ARG D 114 6.67 10.01 -9.16
CA ARG D 114 6.65 10.52 -7.79
C ARG D 114 7.43 9.61 -6.85
N LEU D 115 8.76 9.75 -6.84
CA LEU D 115 9.65 8.91 -6.01
C LEU D 115 10.05 9.71 -4.76
N ASP D 116 9.13 10.55 -4.33
CA ASP D 116 9.31 11.45 -3.20
C ASP D 116 8.33 11.10 -2.07
N GLY D 117 8.35 11.91 -1.02
CA GLY D 117 7.40 11.78 0.07
C GLY D 117 6.45 12.97 0.21
N ALA D 118 6.94 14.18 -0.03
CA ALA D 118 6.15 15.37 0.24
C ALA D 118 4.93 15.50 -0.68
N SER D 119 5.01 14.97 -1.89
CA SER D 119 3.86 15.00 -2.81
C SER D 119 2.63 14.36 -2.16
N LEU D 120 2.85 13.30 -1.39
CA LEU D 120 1.78 12.57 -0.70
C LEU D 120 1.15 13.37 0.44
N HIS D 121 1.79 14.47 0.82
CA HIS D 121 1.23 15.35 1.84
C HIS D 121 0.23 16.33 1.25
N PHE D 122 0.08 16.28 -0.09
CA PHE D 122 -0.85 17.16 -0.82
C PHE D 122 -1.90 16.39 -1.58
N ALA D 123 -1.53 15.22 -2.07
CA ALA D 123 -2.47 14.41 -2.85
C ALA D 123 -2.05 12.95 -2.83
N PRO D 124 -3.02 12.01 -2.86
CA PRO D 124 -2.62 10.60 -2.83
C PRO D 124 -1.85 10.23 -4.10
N MET D 125 -1.17 9.09 -4.09
CA MET D 125 -0.25 8.73 -5.19
C MET D 125 -0.89 8.71 -6.58
N GLU D 126 -2.19 8.42 -6.63
CA GLU D 126 -2.89 8.32 -7.91
CA GLU D 126 -2.97 8.34 -7.88
C GLU D 126 -2.97 9.67 -8.63
N PHE D 127 -2.82 10.78 -7.90
CA PHE D 127 -2.84 12.12 -8.50
C PHE D 127 -1.61 12.39 -9.39
N PRO D 128 -1.80 13.04 -10.56
CA PRO D 128 -0.65 13.19 -11.44
C PRO D 128 0.20 14.41 -11.08
N ALA D 129 1.51 14.19 -10.99
CA ALA D 129 2.49 15.27 -10.82
C ALA D 129 2.71 15.97 -12.16
N VAL D 130 1.78 16.88 -12.49
CA VAL D 130 1.84 17.54 -13.80
CA VAL D 130 1.73 17.53 -13.80
C VAL D 130 1.93 19.05 -13.71
N PRO D 131 2.64 19.67 -14.67
CA PRO D 131 2.74 21.12 -14.69
C PRO D 131 1.45 21.78 -15.18
N ASP D 132 1.30 23.06 -14.88
CA ASP D 132 0.31 23.89 -15.54
C ASP D 132 0.66 23.96 -17.04
N PHE D 133 -0.34 23.82 -17.90
CA PHE D 133 -0.12 23.76 -19.33
C PHE D 133 0.45 25.06 -19.93
N ASP D 134 -0.01 26.20 -19.43
CA ASP D 134 0.51 27.50 -19.89
C ASP D 134 1.99 27.65 -19.55
N VAL D 135 2.37 27.23 -18.35
CA VAL D 135 3.76 27.29 -17.92
C VAL D 135 4.65 26.39 -18.79
N ALA D 136 4.24 25.13 -18.98
CA ALA D 136 5.00 24.19 -19.80
C ALA D 136 5.14 24.71 -21.24
N THR D 137 4.07 25.29 -21.76
CA THR D 137 4.05 25.92 -23.09
C THR D 137 5.05 27.09 -23.19
N ALA D 138 5.04 27.96 -22.19
CA ALA D 138 5.93 29.12 -22.15
C ALA D 138 7.38 28.68 -22.00
N MET D 139 7.61 27.65 -21.19
CA MET D 139 8.97 27.10 -21.04
C MET D 139 9.48 26.48 -22.31
N LYS D 140 8.65 25.68 -22.98
CA LYS D 140 9.02 25.14 -24.29
C LYS D 140 9.41 26.25 -25.27
N ALA D 141 8.59 27.29 -25.38
CA ALA D 141 8.84 28.39 -26.32
C ALA D 141 10.13 29.13 -26.00
N ALA D 142 10.30 29.51 -24.73
CA ALA D 142 11.50 30.21 -24.28
C ALA D 142 12.76 29.37 -24.55
N ALA D 143 12.66 28.06 -24.29
CA ALA D 143 13.76 27.13 -24.52
C ALA D 143 14.16 27.02 -25.99
N GLN D 144 13.17 26.86 -26.86
CA GLN D 144 13.42 26.78 -28.29
C GLN D 144 14.00 28.08 -28.85
N GLU D 145 13.48 29.20 -28.36
CA GLU D 145 13.91 30.53 -28.81
C GLU D 145 15.36 30.83 -28.46
N SER D 146 15.87 30.17 -27.41
CA SER D 146 17.28 30.31 -27.01
C SER D 146 18.24 29.57 -27.95
N GLY D 147 17.68 28.76 -28.85
CA GLY D 147 18.47 28.02 -29.83
C GLY D 147 18.84 26.59 -29.45
N ALA D 148 18.60 26.21 -28.20
CA ALA D 148 18.95 24.87 -27.74
C ALA D 148 17.89 23.85 -28.13
N THR D 149 18.31 22.60 -28.21
CA THR D 149 17.40 21.47 -28.48
CA THR D 149 17.37 21.50 -28.48
C THR D 149 16.62 21.13 -27.21
N VAL D 150 15.29 21.05 -27.35
CA VAL D 150 14.39 20.91 -26.21
C VAL D 150 13.68 19.56 -26.25
N HIS D 151 13.58 18.95 -25.07
CA HIS D 151 12.86 17.69 -24.88
C HIS D 151 11.70 17.90 -23.92
N MET D 152 10.50 17.51 -24.35
CA MET D 152 9.33 17.49 -23.49
C MET D 152 9.15 16.04 -23.05
N GLY D 153 9.08 15.81 -21.75
CA GLY D 153 8.85 14.45 -21.28
C GLY D 153 8.81 14.28 -19.79
N VAL D 154 8.77 13.02 -19.39
CA VAL D 154 8.63 12.62 -18.01
C VAL D 154 9.98 12.62 -17.27
N THR D 155 9.92 13.09 -16.03
CA THR D 155 11.09 13.21 -15.17
C THR D 155 10.87 12.33 -13.92
N ALA D 156 11.88 11.57 -13.53
CA ALA D 156 11.82 10.78 -12.30
C ALA D 156 12.34 11.65 -11.15
N SER D 157 11.51 11.83 -10.13
CA SER D 157 11.78 12.81 -9.07
C SER D 157 11.97 12.12 -7.74
N SER D 158 13.22 12.10 -7.27
CA SER D 158 13.64 11.20 -6.20
C SER D 158 13.94 11.94 -4.90
N ASP D 159 13.55 11.34 -3.78
CA ASP D 159 13.89 11.90 -2.47
C ASP D 159 15.35 11.69 -2.11
N THR D 160 16.08 10.91 -2.90
CA THR D 160 17.54 10.77 -2.68
C THR D 160 18.35 11.00 -3.95
N PHE D 161 19.60 11.41 -3.76
CA PHE D 161 20.53 11.55 -4.85
C PHE D 161 21.15 10.21 -5.21
N TYR D 162 21.28 9.35 -4.21
CA TYR D 162 22.05 8.11 -4.34
C TYR D 162 21.19 6.86 -4.64
N PRO D 163 20.59 6.21 -3.60
CA PRO D 163 19.91 4.94 -3.92
C PRO D 163 18.65 5.09 -4.81
N GLY D 164 17.93 6.20 -4.65
CA GLY D 164 16.72 6.46 -5.45
C GLY D 164 17.01 6.81 -6.91
N GLN D 165 18.28 7.09 -7.21
CA GLN D 165 18.71 7.25 -8.60
C GLN D 165 19.58 6.07 -9.02
N GLU D 166 19.44 4.97 -8.26
CA GLU D 166 20.18 3.72 -8.43
C GLU D 166 21.68 3.90 -8.63
N ARG D 167 22.30 4.71 -7.76
CA ARG D 167 23.77 4.82 -7.69
C ARG D 167 24.31 3.77 -6.73
N TYR D 168 25.35 3.05 -7.16
CA TYR D 168 26.00 1.98 -6.38
C TYR D 168 27.40 2.36 -5.84
N ASP D 169 28.00 3.43 -6.37
CA ASP D 169 29.32 3.87 -5.89
C ASP D 169 29.10 4.70 -4.62
N THR D 170 28.77 4.01 -3.54
CA THR D 170 28.36 4.66 -2.31
C THR D 170 29.03 3.95 -1.14
N PHE D 171 28.79 4.48 0.05
CA PHE D 171 29.35 3.89 1.27
C PHE D 171 29.00 2.40 1.43
N THR D 172 27.73 2.06 1.28
CA THR D 172 27.30 0.66 1.45
C THR D 172 27.35 -0.13 0.15
N GLY D 173 27.20 0.55 -0.98
CA GLY D 173 27.15 -0.11 -2.27
C GLY D 173 25.86 -0.88 -2.53
N ARG D 174 24.88 -0.69 -1.65
CA ARG D 174 23.60 -1.36 -1.87
CA ARG D 174 23.57 -1.36 -1.74
C ARG D 174 22.46 -0.40 -2.17
N VAL D 175 21.46 -0.94 -2.84
CA VAL D 175 20.26 -0.22 -3.19
C VAL D 175 19.09 -1.11 -2.74
N VAL D 176 18.16 -0.52 -1.98
CA VAL D 176 16.99 -1.22 -1.46
C VAL D 176 16.19 -1.85 -2.61
N ARG D 177 15.56 -2.98 -2.31
CA ARG D 177 14.79 -3.75 -3.28
CA ARG D 177 14.80 -3.74 -3.29
C ARG D 177 13.96 -2.86 -4.22
N ARG D 178 13.21 -1.92 -3.62
CA ARG D 178 12.35 -1.00 -4.39
C ARG D 178 13.04 -0.40 -5.61
N PHE D 179 14.32 -0.06 -5.46
CA PHE D 179 15.03 0.69 -6.49
C PHE D 179 16.04 -0.13 -7.32
N GLN D 180 16.23 -1.39 -6.95
CA GLN D 180 17.02 -2.31 -7.78
C GLN D 180 16.40 -2.46 -9.19
N GLY D 181 17.20 -2.16 -10.21
CA GLY D 181 16.74 -2.25 -11.60
C GLY D 181 15.89 -1.08 -12.05
N SER D 182 15.72 -0.09 -11.17
CA SER D 182 14.79 1.01 -11.44
C SER D 182 15.22 1.96 -12.56
N MET D 183 16.52 2.24 -12.68
CA MET D 183 16.96 3.12 -13.78
C MET D 183 16.60 2.53 -15.14
N LYS D 184 16.89 1.24 -15.34
CA LYS D 184 16.58 0.55 -16.60
C LYS D 184 15.07 0.57 -16.85
N GLU D 185 14.28 0.39 -15.78
CA GLU D 185 12.82 0.45 -15.85
CA GLU D 185 12.82 0.44 -15.89
C GLU D 185 12.34 1.82 -16.38
N TRP D 186 12.87 2.90 -15.80
CA TRP D 186 12.47 4.25 -16.24
C TRP D 186 12.95 4.53 -17.66
N GLN D 187 14.18 4.12 -17.96
CA GLN D 187 14.69 4.23 -19.33
C GLN D 187 13.75 3.60 -20.35
N ASP D 188 13.33 2.36 -20.07
CA ASP D 188 12.45 1.64 -20.99
C ASP D 188 11.08 2.29 -21.13
N MET D 189 10.67 3.03 -20.10
CA MET D 189 9.40 3.75 -20.09
C MET D 189 9.51 5.16 -20.69
N GLY D 190 10.70 5.51 -21.17
CA GLY D 190 10.92 6.80 -21.86
C GLY D 190 11.19 8.00 -20.98
N VAL D 191 11.36 7.76 -19.67
CA VAL D 191 11.73 8.81 -18.73
C VAL D 191 13.05 9.46 -19.15
N LEU D 192 13.08 10.79 -19.10
CA LEU D 192 14.19 11.55 -19.65
C LEU D 192 15.37 11.76 -18.70
N ASN D 193 15.06 11.91 -17.41
CA ASN D 193 16.02 12.44 -16.44
C ASN D 193 15.63 12.23 -14.99
N PHE D 194 16.62 12.33 -14.11
CA PHE D 194 16.43 12.35 -12.66
C PHE D 194 16.62 13.76 -12.11
N GLU D 195 15.76 14.13 -11.15
CA GLU D 195 16.05 15.24 -10.25
C GLU D 195 15.33 15.02 -8.93
N MET D 196 15.26 16.03 -8.07
CA MET D 196 14.82 15.79 -6.70
C MET D 196 13.69 16.66 -6.16
N GLU D 197 13.10 17.55 -6.98
CA GLU D 197 12.07 18.46 -6.46
C GLU D 197 10.73 18.52 -7.20
N SER D 198 10.72 18.11 -8.47
CA SER D 198 9.55 18.31 -9.32
C SER D 198 8.29 17.58 -8.86
N ALA D 199 8.40 16.34 -8.37
CA ALA D 199 7.18 15.63 -7.96
C ALA D 199 6.48 16.41 -6.87
N THR D 200 7.24 16.91 -5.90
CA THR D 200 6.66 17.67 -4.82
C THR D 200 6.05 18.97 -5.34
N LEU D 201 6.84 19.73 -6.10
CA LEU D 201 6.39 21.02 -6.64
C LEU D 201 5.12 20.90 -7.49
N LEU D 202 5.15 19.98 -8.45
CA LEU D 202 4.05 19.85 -9.40
C LEU D 202 2.79 19.32 -8.70
N THR D 203 2.95 18.33 -7.83
CA THR D 203 1.77 17.79 -7.15
C THR D 203 1.15 18.82 -6.22
N MET D 204 1.99 19.50 -5.42
CA MET D 204 1.53 20.54 -4.52
CA MET D 204 1.51 20.54 -4.51
C MET D 204 0.76 21.64 -5.28
N CYS D 205 1.37 22.14 -6.35
CA CYS D 205 0.74 23.25 -7.08
C CYS D 205 -0.54 22.85 -7.83
N ALA D 206 -0.50 21.71 -8.51
CA ALA D 206 -1.65 21.23 -9.28
C ALA D 206 -2.86 20.87 -8.41
N SER D 207 -2.62 20.61 -7.13
CA SER D 207 -3.70 20.28 -6.19
C SER D 207 -4.05 21.46 -5.27
N SER D 208 -3.43 22.62 -5.50
CA SER D 208 -3.59 23.79 -4.62
C SER D 208 -3.95 25.10 -5.35
N GLY D 209 -4.31 25.01 -6.62
CA GLY D 209 -4.70 26.19 -7.43
C GLY D 209 -3.53 27.11 -7.74
N LEU D 210 -2.32 26.53 -7.82
CA LEU D 210 -1.11 27.26 -8.19
C LEU D 210 -0.62 26.74 -9.54
N LYS D 211 -0.02 27.63 -10.33
CA LYS D 211 0.52 27.27 -11.65
C LYS D 211 2.01 27.01 -11.51
N ALA D 212 2.46 25.85 -11.94
CA ALA D 212 3.88 25.49 -11.85
C ALA D 212 4.41 24.79 -13.08
N GLY D 213 5.72 24.89 -13.26
CA GLY D 213 6.45 24.17 -14.30
C GLY D 213 7.91 24.07 -13.97
N CYS D 214 8.60 23.17 -14.69
CA CYS D 214 10.02 22.87 -14.47
CA CYS D 214 10.00 22.87 -14.46
C CYS D 214 10.78 22.81 -15.78
N VAL D 215 11.90 23.53 -15.83
CA VAL D 215 12.80 23.50 -16.98
C VAL D 215 14.22 23.29 -16.44
N ALA D 216 15.01 22.47 -17.14
CA ALA D 216 16.35 22.16 -16.67
C ALA D 216 17.34 22.00 -17.81
N GLY D 217 18.57 22.45 -17.59
CA GLY D 217 19.65 22.20 -18.54
C GLY D 217 20.34 20.90 -18.19
N VAL D 218 20.69 20.13 -19.20
CA VAL D 218 21.36 18.85 -19.00
C VAL D 218 22.87 19.04 -18.83
N ILE D 219 23.38 18.61 -17.67
CA ILE D 219 24.79 18.77 -17.31
C ILE D 219 25.57 17.46 -17.30
N ILE D 220 24.86 16.34 -17.18
CA ILE D 220 25.48 15.00 -17.24
C ILE D 220 24.51 13.99 -17.87
N ASN D 221 25.07 12.91 -18.43
CA ASN D 221 24.29 11.79 -18.94
C ASN D 221 24.80 10.47 -18.37
N ARG D 222 23.94 9.78 -17.62
CA ARG D 222 24.30 8.53 -16.94
C ARG D 222 24.72 7.40 -17.90
N THR D 223 24.37 7.53 -19.17
CA THR D 223 24.66 6.49 -20.18
C THR D 223 25.92 6.75 -20.99
N GLN D 224 26.48 7.95 -20.88
CA GLN D 224 27.63 8.34 -21.66
C GLN D 224 28.88 8.38 -20.77
N LYS D 225 29.96 7.77 -21.27
CA LYS D 225 31.23 7.74 -20.54
C LYS D 225 32.07 9.01 -20.74
N GLU D 226 31.84 9.70 -21.87
CA GLU D 226 32.47 10.98 -22.18
C GLU D 226 32.12 12.04 -21.15
N ILE D 227 33.12 12.80 -20.71
CA ILE D 227 32.94 13.84 -19.70
C ILE D 227 32.85 15.22 -20.38
N PRO D 228 31.74 15.95 -20.16
CA PRO D 228 31.48 17.20 -20.88
C PRO D 228 32.50 18.30 -20.57
N ASP D 229 32.73 19.19 -21.54
CA ASP D 229 33.66 20.31 -21.39
C ASP D 229 33.18 21.30 -20.33
N HIS D 230 34.14 21.92 -19.64
CA HIS D 230 33.87 22.98 -18.66
C HIS D 230 33.07 24.13 -19.27
N ALA D 231 33.39 24.47 -20.52
CA ALA D 231 32.72 25.54 -21.26
C ALA D 231 31.25 25.23 -21.53
N THR D 232 30.96 23.96 -21.84
CA THR D 232 29.59 23.50 -22.05
C THR D 232 28.76 23.69 -20.78
N LEU D 233 29.33 23.29 -19.64
CA LEU D 233 28.68 23.42 -18.32
C LEU D 233 28.28 24.86 -18.03
N LYS D 234 29.23 25.77 -18.22
CA LYS D 234 29.06 27.21 -18.00
C LYS D 234 27.91 27.78 -18.83
N GLU D 235 28.00 27.57 -20.14
CA GLU D 235 27.01 28.01 -21.14
CA GLU D 235 26.99 28.10 -21.04
C GLU D 235 25.62 27.48 -20.83
N THR D 236 25.55 26.22 -20.41
CA THR D 236 24.27 25.55 -20.10
C THR D 236 23.62 26.20 -18.87
N GLU D 237 24.43 26.49 -17.86
CA GLU D 237 23.96 27.19 -16.65
C GLU D 237 23.41 28.59 -16.96
N ALA D 238 24.13 29.37 -17.75
CA ALA D 238 23.70 30.69 -18.17
C ALA D 238 22.43 30.63 -19.02
N ARG D 239 22.37 29.67 -19.95
CA ARG D 239 21.20 29.49 -20.82
C ARG D 239 19.96 29.11 -20.03
N SER D 240 20.15 28.27 -19.00
CA SER D 240 19.03 27.81 -18.16
C SER D 240 18.28 28.98 -17.55
N ILE D 241 19.02 29.95 -17.01
CA ILE D 241 18.38 31.06 -16.31
C ILE D 241 17.87 32.16 -17.25
N LYS D 242 18.52 32.31 -18.41
CA LYS D 242 18.00 33.17 -19.47
C LYS D 242 16.63 32.63 -19.90
N VAL D 243 16.56 31.32 -20.13
CA VAL D 243 15.32 30.65 -20.54
C VAL D 243 14.20 30.84 -19.50
N VAL D 244 14.49 30.62 -18.22
CA VAL D 244 13.45 30.74 -17.22
C VAL D 244 12.93 32.19 -17.08
N VAL D 245 13.81 33.18 -17.26
CA VAL D 245 13.36 34.57 -17.24
C VAL D 245 12.46 34.88 -18.46
N GLU D 246 12.83 34.36 -19.63
CA GLU D 246 12.00 34.54 -20.83
C GLU D 246 10.64 33.83 -20.72
N ALA D 247 10.64 32.66 -20.09
CA ALA D 247 9.40 31.95 -19.79
C ALA D 247 8.52 32.77 -18.84
N ALA D 248 9.14 33.40 -17.84
CA ALA D 248 8.42 34.29 -16.92
C ALA D 248 7.76 35.46 -17.66
N ARG D 249 8.53 36.07 -18.57
CA ARG D 249 8.04 37.16 -19.42
C ARG D 249 6.76 36.76 -20.17
N LYS D 250 6.75 35.54 -20.68
CA LYS D 250 5.60 35.01 -21.45
C LYS D 250 4.38 34.76 -20.57
N MET D 251 4.62 34.40 -19.30
CA MET D 251 3.53 34.18 -18.37
C MET D 251 2.88 35.49 -17.92
N LEU D 252 3.64 36.59 -17.98
CA LEU D 252 3.18 37.90 -17.49
C LEU D 252 2.39 38.70 -18.51
N LYS D 253 2.52 38.34 -19.79
CA LYS D 253 1.99 39.13 -20.91
C LYS D 253 0.47 39.29 -20.86
N LYS E 3 -1.37 -11.94 -40.50
CA LYS E 3 -1.15 -11.39 -39.13
C LYS E 3 -2.36 -10.57 -38.69
N THR E 4 -3.40 -11.29 -38.24
CA THR E 4 -4.63 -10.66 -37.75
C THR E 4 -4.57 -10.62 -36.24
N VAL E 5 -4.81 -9.44 -35.67
CA VAL E 5 -4.80 -9.26 -34.21
C VAL E 5 -6.02 -9.95 -33.57
N PHE E 6 -5.84 -10.40 -32.32
CA PHE E 6 -6.77 -11.32 -31.66
C PHE E 6 -8.21 -10.82 -31.49
N HIS E 7 -8.38 -9.55 -31.17
CA HIS E 7 -9.71 -9.01 -30.88
C HIS E 7 -10.28 -8.14 -32.00
N LEU E 8 -9.44 -7.27 -32.55
CA LEU E 8 -9.90 -6.24 -33.50
C LEU E 8 -10.25 -6.76 -34.90
N GLY E 9 -9.74 -7.94 -35.26
CA GLY E 9 -10.05 -8.58 -36.53
C GLY E 9 -9.56 -7.86 -37.78
N VAL E 10 -8.56 -7.01 -37.63
CA VAL E 10 -7.96 -6.32 -38.78
C VAL E 10 -6.47 -6.67 -38.94
N THR E 11 -5.94 -6.42 -40.14
CA THR E 11 -4.53 -6.65 -40.43
C THR E 11 -3.87 -5.30 -40.63
N GLU E 12 -2.54 -5.29 -40.73
CA GLU E 12 -1.80 -4.07 -41.00
C GLU E 12 -2.20 -3.50 -42.38
N ALA E 13 -2.31 -4.39 -43.36
CA ALA E 13 -2.76 -4.02 -44.71
C ALA E 13 -4.10 -3.28 -44.71
N ASP E 14 -5.02 -3.70 -43.85
CA ASP E 14 -6.34 -3.07 -43.69
C ASP E 14 -6.24 -1.58 -43.34
N LEU E 15 -5.20 -1.21 -42.61
CA LEU E 15 -5.06 0.16 -42.11
C LEU E 15 -4.47 1.13 -43.12
N ASN E 16 -3.94 0.60 -44.23
CA ASN E 16 -3.47 1.40 -45.37
C ASN E 16 -2.39 2.41 -45.00
N GLY E 17 -1.48 2.00 -44.12
CA GLY E 17 -0.38 2.86 -43.68
C GLY E 17 -0.71 3.86 -42.58
N ALA E 18 -1.90 3.75 -41.97
CA ALA E 18 -2.28 4.68 -40.91
C ALA E 18 -1.40 4.52 -39.67
N THR E 19 -0.92 5.63 -39.16
CA THR E 19 -0.13 5.63 -37.91
C THR E 19 -0.84 6.41 -36.81
N LEU E 20 -2.03 6.92 -37.12
CA LEU E 20 -2.84 7.67 -36.16
C LEU E 20 -4.24 7.08 -36.07
N ALA E 21 -4.74 6.95 -34.85
CA ALA E 21 -6.10 6.47 -34.63
C ALA E 21 -6.90 7.43 -33.77
N ILE E 22 -8.17 7.61 -34.11
CA ILE E 22 -9.13 8.28 -33.24
C ILE E 22 -9.89 7.16 -32.54
N ILE E 23 -9.98 7.26 -31.21
CA ILE E 23 -10.53 6.17 -30.41
C ILE E 23 -11.69 6.59 -29.50
N PRO E 24 -12.92 6.63 -30.04
CA PRO E 24 -14.09 6.89 -29.22
C PRO E 24 -14.46 5.63 -28.42
N GLY E 25 -15.38 5.75 -27.47
CA GLY E 25 -15.79 4.62 -26.65
C GLY E 25 -16.87 3.77 -27.28
N ASP E 26 -17.86 4.43 -27.89
CA ASP E 26 -19.06 3.76 -28.42
C ASP E 26 -18.85 3.25 -29.85
N PRO E 27 -19.01 1.93 -30.07
CA PRO E 27 -18.88 1.40 -31.44
C PRO E 27 -19.76 2.10 -32.47
N ALA E 28 -20.96 2.54 -32.09
CA ALA E 28 -21.89 3.21 -33.00
C ALA E 28 -21.45 4.64 -33.41
N ARG E 29 -20.41 5.12 -32.72
CA ARG E 29 -19.88 6.46 -32.97
CA ARG E 29 -19.85 6.45 -32.92
C ARG E 29 -18.75 6.45 -34.01
N VAL E 30 -18.21 5.27 -34.29
CA VAL E 30 -17.08 5.11 -35.22
C VAL E 30 -17.42 5.60 -36.63
N GLN E 31 -18.55 5.13 -37.16
CA GLN E 31 -18.95 5.52 -38.52
C GLN E 31 -19.13 7.04 -38.66
N LYS E 32 -19.73 7.65 -37.64
CA LYS E 32 -19.99 9.09 -37.62
C LYS E 32 -18.70 9.90 -37.71
N ILE E 33 -17.67 9.48 -36.97
CA ILE E 33 -16.35 10.11 -37.02
C ILE E 33 -15.69 9.89 -38.38
N ALA E 34 -15.68 8.65 -38.83
CA ALA E 34 -15.11 8.31 -40.14
C ALA E 34 -15.74 9.11 -41.28
N GLU E 35 -17.03 9.41 -41.17
CA GLU E 35 -17.76 10.13 -42.22
C GLU E 35 -17.48 11.63 -42.24
N LEU E 36 -16.84 12.13 -41.19
CA LEU E 36 -16.34 13.52 -41.16
C LEU E 36 -15.09 13.65 -42.02
N MET E 37 -14.48 12.51 -42.36
CA MET E 37 -13.27 12.47 -43.18
C MET E 37 -13.59 11.92 -44.58
N ASP E 38 -12.55 11.69 -45.39
CA ASP E 38 -12.75 11.29 -46.80
C ASP E 38 -12.65 9.79 -47.00
N ASN E 39 -13.44 9.28 -47.96
CA ASN E 39 -13.48 7.87 -48.31
C ASN E 39 -13.52 6.92 -47.10
N PRO E 40 -14.55 7.07 -46.23
CA PRO E 40 -14.59 6.15 -45.09
C PRO E 40 -14.85 4.68 -45.53
N VAL E 41 -14.13 3.75 -44.91
CA VAL E 41 -14.26 2.32 -45.24
C VAL E 41 -14.46 1.49 -43.95
N PHE E 42 -15.57 0.76 -43.88
CA PHE E 42 -15.79 -0.20 -42.80
C PHE E 42 -14.77 -1.34 -42.91
N LEU E 43 -14.08 -1.64 -41.80
CA LEU E 43 -13.09 -2.73 -41.80
C LEU E 43 -13.57 -3.97 -41.06
N ALA E 44 -14.06 -3.79 -39.84
CA ALA E 44 -14.51 -4.93 -39.02
C ALA E 44 -15.32 -4.47 -37.81
N SER E 45 -16.14 -5.39 -37.31
CA SER E 45 -16.87 -5.21 -36.07
C SER E 45 -16.90 -6.52 -35.27
N HIS E 46 -16.32 -6.49 -34.07
CA HIS E 46 -16.30 -7.63 -33.16
CA HIS E 46 -16.36 -7.62 -33.16
C HIS E 46 -16.43 -7.11 -31.73
N ARG E 47 -17.34 -7.70 -30.94
CA ARG E 47 -17.56 -7.25 -29.55
C ARG E 47 -17.74 -5.71 -29.53
N GLU E 48 -17.03 -5.00 -28.66
CA GLU E 48 -17.14 -3.53 -28.60
C GLU E 48 -16.22 -2.78 -29.57
N TYR E 49 -15.60 -3.53 -30.49
CA TYR E 49 -14.60 -2.97 -31.39
C TYR E 49 -15.10 -2.87 -32.84
N THR E 50 -15.49 -1.66 -33.23
CA THR E 50 -15.83 -1.37 -34.62
C THR E 50 -14.69 -0.53 -35.16
N VAL E 51 -14.13 -0.97 -36.29
CA VAL E 51 -12.94 -0.34 -36.90
C VAL E 51 -13.29 0.17 -38.30
N TYR E 52 -12.98 1.44 -38.54
CA TYR E 52 -13.09 2.09 -39.85
C TYR E 52 -11.74 2.66 -40.26
N ARG E 53 -11.56 2.85 -41.56
CA ARG E 53 -10.42 3.59 -42.07
C ARG E 53 -10.97 4.78 -42.83
N ALA E 54 -10.22 5.88 -42.88
CA ALA E 54 -10.59 7.03 -43.71
C ALA E 54 -9.34 7.81 -44.10
N GLU E 55 -9.54 8.87 -44.89
CA GLU E 55 -8.43 9.73 -45.31
C GLU E 55 -8.66 11.17 -44.86
N LEU E 56 -7.61 11.77 -44.33
CA LEU E 56 -7.63 13.14 -43.85
C LEU E 56 -6.45 13.85 -44.50
N ASP E 57 -6.75 14.87 -45.30
CA ASP E 57 -5.75 15.55 -46.13
C ASP E 57 -4.85 14.55 -46.86
N GLY E 58 -5.48 13.50 -47.40
CA GLY E 58 -4.77 12.50 -48.19
C GLY E 58 -4.08 11.38 -47.42
N GLN E 59 -4.11 11.46 -46.09
CA GLN E 59 -3.42 10.49 -45.24
C GLN E 59 -4.39 9.54 -44.55
N SER E 60 -4.03 8.25 -44.48
CA SER E 60 -4.87 7.24 -43.85
C SER E 60 -4.98 7.44 -42.35
N VAL E 61 -6.20 7.36 -41.84
CA VAL E 61 -6.48 7.45 -40.39
C VAL E 61 -7.40 6.28 -39.99
N VAL E 62 -7.17 5.71 -38.80
CA VAL E 62 -8.02 4.65 -38.25
C VAL E 62 -8.97 5.26 -37.21
N VAL E 63 -10.21 4.79 -37.22
CA VAL E 63 -11.18 5.08 -36.15
C VAL E 63 -11.57 3.72 -35.56
N CYS E 64 -11.39 3.57 -34.25
CA CYS E 64 -11.63 2.30 -33.60
C CYS E 64 -12.25 2.57 -32.23
N SER E 65 -13.40 1.95 -31.96
CA SER E 65 -14.00 2.10 -30.62
C SER E 65 -13.23 1.30 -29.59
N THR E 66 -13.39 1.70 -28.33
CA THR E 66 -12.64 1.10 -27.23
C THR E 66 -13.53 0.32 -26.28
N GLY E 67 -14.83 0.56 -26.32
CA GLY E 67 -15.72 0.15 -25.23
C GLY E 67 -15.53 1.01 -23.98
N ILE E 68 -16.27 0.70 -22.93
CA ILE E 68 -16.11 1.40 -21.65
C ILE E 68 -15.03 0.77 -20.81
N GLY E 69 -14.12 1.62 -20.31
CA GLY E 69 -13.12 1.20 -19.33
C GLY E 69 -11.71 0.92 -19.84
N GLY E 70 -10.76 1.00 -18.92
CA GLY E 70 -9.37 0.72 -19.22
C GLY E 70 -9.07 -0.64 -19.82
N PRO E 71 -9.68 -1.73 -19.28
CA PRO E 71 -9.37 -3.05 -19.83
C PRO E 71 -9.64 -3.20 -21.33
N SER E 72 -10.86 -2.85 -21.78
CA SER E 72 -11.16 -2.94 -23.22
C SER E 72 -10.34 -1.95 -24.05
N THR E 73 -10.09 -0.76 -23.49
CA THR E 73 -9.25 0.25 -24.12
C THR E 73 -7.81 -0.28 -24.32
N SER E 74 -7.25 -0.90 -23.29
CA SER E 74 -5.89 -1.43 -23.36
C SER E 74 -5.69 -2.46 -24.48
N ILE E 75 -6.71 -3.27 -24.75
CA ILE E 75 -6.63 -4.25 -25.84
C ILE E 75 -6.57 -3.55 -27.21
N ALA E 76 -7.47 -2.60 -27.44
CA ALA E 76 -7.53 -1.84 -28.69
C ALA E 76 -6.20 -1.11 -28.97
N VAL E 77 -5.66 -0.45 -27.95
CA VAL E 77 -4.43 0.30 -28.13
C VAL E 77 -3.27 -0.64 -28.46
N GLU E 78 -3.14 -1.72 -27.71
CA GLU E 78 -2.08 -2.71 -27.95
C GLU E 78 -2.15 -3.25 -29.37
N GLU E 79 -3.36 -3.69 -29.77
CA GLU E 79 -3.50 -4.35 -31.05
C GLU E 79 -3.31 -3.38 -32.22
N LEU E 80 -3.75 -2.13 -32.04
CA LEU E 80 -3.47 -1.08 -33.04
C LEU E 80 -1.96 -0.77 -33.13
N ALA E 81 -1.30 -0.72 -31.97
CA ALA E 81 0.14 -0.51 -31.93
C ALA E 81 0.89 -1.63 -32.66
N GLN E 82 0.46 -2.87 -32.49
CA GLN E 82 1.05 -4.00 -33.22
C GLN E 82 0.95 -3.83 -34.73
N LEU E 83 -0.08 -3.09 -35.17
CA LEU E 83 -0.35 -2.86 -36.59
C LEU E 83 0.23 -1.54 -37.10
N GLY E 84 1.04 -0.87 -36.28
CA GLY E 84 1.80 0.30 -36.70
C GLY E 84 1.27 1.65 -36.25
N VAL E 85 0.17 1.65 -35.51
CA VAL E 85 -0.38 2.90 -35.01
C VAL E 85 0.48 3.42 -33.85
N ARG E 86 0.82 4.71 -33.89
CA ARG E 86 1.68 5.33 -32.86
C ARG E 86 1.02 6.48 -32.10
N THR E 87 -0.01 7.08 -32.69
CA THR E 87 -0.68 8.25 -32.13
C THR E 87 -2.17 7.96 -31.90
N PHE E 88 -2.65 8.21 -30.69
CA PHE E 88 -4.01 7.86 -30.29
C PHE E 88 -4.73 9.08 -29.73
N LEU E 89 -5.83 9.47 -30.38
CA LEU E 89 -6.62 10.62 -29.95
C LEU E 89 -7.93 10.15 -29.35
N ARG E 90 -8.07 10.29 -28.04
CA ARG E 90 -9.30 9.88 -27.35
C ARG E 90 -10.32 11.00 -27.36
N VAL E 91 -11.55 10.67 -27.77
CA VAL E 91 -12.67 11.60 -27.62
C VAL E 91 -13.79 10.91 -26.82
N GLY E 92 -14.46 11.67 -25.95
CA GLY E 92 -15.52 11.11 -25.13
C GLY E 92 -16.41 12.15 -24.48
N THR E 93 -17.31 11.65 -23.63
CA THR E 93 -18.17 12.48 -22.80
C THR E 93 -17.63 12.47 -21.37
N THR E 94 -18.05 13.44 -20.57
CA THR E 94 -17.52 13.58 -19.22
C THR E 94 -18.46 14.35 -18.29
N GLY E 95 -18.30 14.12 -17.00
CA GLY E 95 -19.04 14.84 -15.97
C GLY E 95 -18.10 15.83 -15.31
N ALA E 96 -18.49 17.10 -15.32
CA ALA E 96 -17.70 18.14 -14.66
C ALA E 96 -17.90 18.15 -13.15
N ILE E 97 -16.82 18.32 -12.38
CA ILE E 97 -17.01 18.47 -10.94
C ILE E 97 -16.75 19.88 -10.41
N GLN E 98 -16.31 20.79 -11.29
CA GLN E 98 -16.14 22.20 -10.94
C GLN E 98 -17.39 23.00 -11.32
N PRO E 99 -17.86 23.87 -10.39
CA PRO E 99 -19.11 24.62 -10.61
C PRO E 99 -19.06 25.57 -11.81
N HIS E 100 -17.86 25.99 -12.19
CA HIS E 100 -17.69 26.97 -13.26
C HIS E 100 -17.56 26.32 -14.65
N VAL E 101 -17.52 24.99 -14.70
CA VAL E 101 -17.45 24.28 -15.98
C VAL E 101 -18.87 23.93 -16.40
N ASN E 102 -19.24 24.32 -17.62
CA ASN E 102 -20.62 24.17 -18.06
C ASN E 102 -20.85 23.01 -19.02
N VAL E 103 -22.07 22.47 -19.00
CA VAL E 103 -22.49 21.50 -20.01
C VAL E 103 -22.22 22.13 -21.39
N GLY E 104 -21.58 21.37 -22.26
CA GLY E 104 -21.19 21.86 -23.56
C GLY E 104 -19.75 22.33 -23.65
N ASP E 105 -19.10 22.57 -22.51
CA ASP E 105 -17.69 22.94 -22.52
C ASP E 105 -16.84 21.73 -22.92
N MET E 106 -15.60 22.02 -23.33
CA MET E 106 -14.66 20.98 -23.68
CA MET E 106 -14.63 21.00 -23.70
C MET E 106 -13.50 20.96 -22.68
N ILE E 107 -13.04 19.76 -22.36
CA ILE E 107 -11.90 19.60 -21.44
C ILE E 107 -10.78 18.87 -22.17
N VAL E 108 -9.57 19.40 -22.08
CA VAL E 108 -8.40 18.66 -22.56
C VAL E 108 -7.57 18.29 -21.33
N THR E 109 -7.34 17.01 -21.16
CA THR E 109 -6.71 16.45 -19.95
C THR E 109 -5.20 16.70 -19.97
N THR E 110 -4.69 17.31 -18.89
CA THR E 110 -3.24 17.52 -18.74
C THR E 110 -2.58 16.40 -17.91
N GLY E 111 -3.40 15.59 -17.27
CA GLY E 111 -2.95 14.55 -16.34
C GLY E 111 -4.19 13.90 -15.74
N SER E 112 -4.13 12.59 -15.49
CA SER E 112 -5.25 11.87 -14.91
C SER E 112 -4.96 11.31 -13.52
N VAL E 113 -5.93 11.48 -12.62
CA VAL E 113 -5.94 10.77 -11.34
C VAL E 113 -6.23 9.30 -11.65
N ARG E 114 -5.32 8.43 -11.25
CA ARG E 114 -5.38 7.02 -11.62
C ARG E 114 -6.26 6.22 -10.67
N LEU E 115 -7.57 6.30 -10.92
CA LEU E 115 -8.56 5.56 -10.12
C LEU E 115 -8.98 4.29 -10.85
N ASP E 116 -8.03 3.74 -11.60
CA ASP E 116 -8.22 2.56 -12.43
C ASP E 116 -7.28 1.46 -11.97
N GLY E 117 -7.42 0.28 -12.56
CA GLY E 117 -6.48 -0.80 -12.31
C GLY E 117 -5.54 -1.09 -13.47
N ALA E 118 -5.99 -0.84 -14.70
CA ALA E 118 -5.19 -1.23 -15.86
C ALA E 118 -3.89 -0.43 -16.01
N SER E 119 -3.90 0.84 -15.57
CA SER E 119 -2.68 1.64 -15.64
C SER E 119 -1.51 0.95 -14.91
N LEU E 120 -1.82 0.26 -13.80
CA LEU E 120 -0.82 -0.43 -12.99
C LEU E 120 -0.24 -1.66 -13.67
N HIS E 121 -0.86 -2.10 -14.74
CA HIS E 121 -0.31 -3.20 -15.54
C HIS E 121 0.76 -2.71 -16.51
N PHE E 122 0.98 -1.39 -16.56
CA PHE E 122 1.98 -0.79 -17.44
C PHE E 122 3.06 -0.02 -16.70
N ALA E 123 2.69 0.59 -15.58
CA ALA E 123 3.64 1.40 -14.79
C ALA E 123 3.16 1.46 -13.34
N PRO E 124 4.10 1.53 -12.38
CA PRO E 124 3.69 1.62 -10.99
C PRO E 124 2.95 2.93 -10.74
N MET E 125 2.24 3.03 -9.61
CA MET E 125 1.38 4.17 -9.35
C MET E 125 2.09 5.53 -9.36
N GLU E 126 3.39 5.54 -9.06
CA GLU E 126 4.18 6.79 -9.05
C GLU E 126 4.30 7.45 -10.42
N PHE E 127 4.17 6.66 -11.48
CA PHE E 127 4.31 7.17 -12.84
C PHE E 127 3.10 8.05 -13.22
N PRO E 128 3.36 9.20 -13.85
CA PRO E 128 2.25 10.13 -14.16
C PRO E 128 1.42 9.68 -15.37
N ALA E 129 0.09 9.70 -15.22
CA ALA E 129 -0.82 9.47 -16.34
C ALA E 129 -0.91 10.77 -17.13
N VAL E 130 0.11 10.97 -17.98
CA VAL E 130 0.27 12.23 -18.70
CA VAL E 130 0.33 12.23 -18.68
C VAL E 130 0.16 12.08 -20.21
N PRO E 131 -0.51 13.06 -20.88
CA PRO E 131 -0.60 12.98 -22.33
C PRO E 131 0.69 13.41 -23.04
N ASP E 132 0.87 12.96 -24.27
CA ASP E 132 1.90 13.52 -25.15
C ASP E 132 1.66 15.02 -25.35
N PHE E 133 2.73 15.80 -25.22
CA PHE E 133 2.59 17.25 -25.26
C PHE E 133 2.07 17.78 -26.59
N ASP E 134 2.53 17.18 -27.69
CA ASP E 134 2.05 17.55 -29.02
C ASP E 134 0.55 17.29 -29.20
N VAL E 135 0.10 16.11 -28.76
CA VAL E 135 -1.33 15.79 -28.87
C VAL E 135 -2.18 16.75 -28.04
N ALA E 136 -1.77 17.01 -26.79
CA ALA E 136 -2.51 17.94 -25.91
C ALA E 136 -2.56 19.36 -26.51
N THR E 137 -1.45 19.75 -27.12
CA THR E 137 -1.36 21.05 -27.78
C THR E 137 -2.33 21.11 -28.97
N ALA E 138 -2.35 20.03 -29.75
CA ALA E 138 -3.24 19.96 -30.93
C ALA E 138 -4.71 19.97 -30.51
N MET E 139 -5.03 19.22 -29.45
CA MET E 139 -6.40 19.21 -28.93
CA MET E 139 -6.39 19.18 -28.90
C MET E 139 -6.85 20.56 -28.40
N LYS E 140 -5.97 21.23 -27.66
CA LYS E 140 -6.30 22.56 -27.16
C LYS E 140 -6.58 23.52 -28.33
N ALA E 141 -5.68 23.51 -29.30
CA ALA E 141 -5.80 24.37 -30.47
C ALA E 141 -7.09 24.09 -31.24
N ALA E 142 -7.37 22.82 -31.49
CA ALA E 142 -8.60 22.43 -32.21
C ALA E 142 -9.85 22.87 -31.44
N ALA E 143 -9.86 22.63 -30.12
CA ALA E 143 -10.98 22.99 -29.27
C ALA E 143 -11.24 24.50 -29.21
N GLN E 144 -10.18 25.29 -28.99
CA GLN E 144 -10.30 26.74 -28.93
CA GLN E 144 -10.28 26.75 -28.94
C GLN E 144 -10.71 27.33 -30.29
N GLU E 145 -10.08 26.86 -31.37
CA GLU E 145 -10.39 27.34 -32.72
C GLU E 145 -11.86 27.07 -33.10
N SER E 146 -12.46 26.03 -32.54
CA SER E 146 -13.86 25.69 -32.88
C SER E 146 -14.83 26.72 -32.31
N GLY E 147 -14.37 27.50 -31.34
CA GLY E 147 -15.21 28.48 -30.65
C GLY E 147 -15.75 27.97 -29.33
N ALA E 148 -15.38 26.75 -28.96
CA ALA E 148 -15.82 26.16 -27.70
C ALA E 148 -15.16 26.85 -26.50
N THR E 149 -15.80 26.76 -25.34
CA THR E 149 -15.16 27.09 -24.08
C THR E 149 -14.35 25.87 -23.62
N VAL E 150 -13.04 26.07 -23.45
CA VAL E 150 -12.08 24.97 -23.24
C VAL E 150 -11.38 25.10 -21.88
N HIS E 151 -11.31 23.99 -21.16
CA HIS E 151 -10.57 23.90 -19.90
C HIS E 151 -9.42 22.89 -20.02
N MET E 152 -8.24 23.30 -19.58
CA MET E 152 -7.07 22.42 -19.48
C MET E 152 -6.90 22.08 -18.02
N GLY E 153 -6.78 20.80 -17.70
CA GLY E 153 -6.50 20.42 -16.33
C GLY E 153 -6.59 18.94 -16.06
N VAL E 154 -6.62 18.64 -14.76
CA VAL E 154 -6.56 17.28 -14.29
C VAL E 154 -7.95 16.62 -14.32
N THR E 155 -7.96 15.36 -14.77
CA THR E 155 -9.16 14.53 -14.89
C THR E 155 -9.06 13.34 -13.92
N ALA E 156 -10.15 13.06 -13.20
CA ALA E 156 -10.20 11.85 -12.37
C ALA E 156 -10.75 10.72 -13.23
N SER E 157 -9.96 9.66 -13.40
CA SER E 157 -10.29 8.54 -14.28
C SER E 157 -10.59 7.25 -13.50
N SER E 158 -11.86 6.88 -13.48
CA SER E 158 -12.40 5.87 -12.58
C SER E 158 -12.76 4.54 -13.29
N ASP E 159 -12.44 3.42 -12.64
CA ASP E 159 -12.89 2.10 -13.13
C ASP E 159 -14.37 1.86 -12.99
N THR E 160 -15.09 2.74 -12.29
CA THR E 160 -16.56 2.62 -12.19
C THR E 160 -17.27 3.92 -12.55
N PHE E 161 -18.51 3.80 -13.03
CA PHE E 161 -19.34 4.97 -13.27
C PHE E 161 -20.01 5.42 -11.97
N TYR E 162 -20.26 4.46 -11.07
CA TYR E 162 -21.11 4.71 -9.92
C TYR E 162 -20.32 5.04 -8.63
N PRO E 163 -19.83 4.03 -7.87
CA PRO E 163 -19.18 4.41 -6.61
C PRO E 163 -17.88 5.22 -6.76
N GLY E 164 -17.09 4.92 -7.79
CA GLY E 164 -15.81 5.61 -8.02
C GLY E 164 -15.97 7.05 -8.49
N GLN E 165 -17.18 7.42 -8.89
CA GLN E 165 -17.51 8.81 -9.19
C GLN E 165 -18.45 9.39 -8.12
N GLU E 166 -18.46 8.72 -6.97
CA GLU E 166 -19.25 9.04 -5.79
C GLU E 166 -20.73 9.35 -6.09
N ARG E 167 -21.34 8.45 -6.87
CA ARG E 167 -22.77 8.51 -7.12
C ARG E 167 -23.50 7.72 -6.02
N TYR E 168 -24.58 8.31 -5.49
CA TYR E 168 -25.35 7.72 -4.38
C TYR E 168 -26.73 7.21 -4.76
N ASP E 169 -27.25 7.66 -5.90
N ASP E 169 -27.26 7.67 -5.89
CA ASP E 169 -28.58 7.22 -6.35
CA ASP E 169 -28.58 7.23 -6.36
C ASP E 169 -28.46 5.88 -7.05
C ASP E 169 -28.45 5.88 -7.04
N THR E 170 -28.17 4.86 -6.25
CA THR E 170 -27.82 3.55 -6.75
C THR E 170 -28.59 2.47 -6.00
N PHE E 171 -28.39 1.22 -6.40
CA PHE E 171 -29.06 0.09 -5.77
C PHE E 171 -28.81 0.05 -4.26
N THR E 172 -27.54 0.11 -3.84
CA THR E 172 -27.21 0.05 -2.41
C THR E 172 -27.24 1.42 -1.75
N GLY E 173 -26.99 2.47 -2.54
CA GLY E 173 -26.85 3.83 -2.00
C GLY E 173 -25.62 4.00 -1.13
N ARG E 174 -24.70 3.03 -1.21
CA ARG E 174 -23.45 3.02 -0.45
CA ARG E 174 -23.45 3.03 -0.46
C ARG E 174 -22.24 3.32 -1.33
N VAL E 175 -21.24 3.98 -0.75
CA VAL E 175 -19.96 4.15 -1.41
C VAL E 175 -18.88 3.66 -0.44
N VAL E 176 -17.98 2.81 -0.93
CA VAL E 176 -16.85 2.30 -0.15
C VAL E 176 -16.02 3.44 0.47
N ARG E 177 -15.47 3.19 1.66
CA ARG E 177 -14.72 4.18 2.41
C ARG E 177 -13.76 5.04 1.57
N ARG E 178 -12.94 4.38 0.74
CA ARG E 178 -11.98 5.06 -0.13
C ARG E 178 -12.61 6.21 -0.95
N PHE E 179 -13.84 6.01 -1.39
CA PHE E 179 -14.51 6.98 -2.26
C PHE E 179 -15.53 7.92 -1.56
N GLN E 180 -15.78 7.69 -0.27
CA GLN E 180 -16.62 8.60 0.51
C GLN E 180 -15.90 9.93 0.62
N GLY E 181 -16.60 11.00 0.27
CA GLY E 181 -16.01 12.36 0.25
C GLY E 181 -15.02 12.62 -0.86
N SER E 182 -14.85 11.67 -1.79
CA SER E 182 -13.81 11.79 -2.82
C SER E 182 -14.10 12.89 -3.85
N MET E 183 -15.36 13.04 -4.26
CA MET E 183 -15.68 14.10 -5.20
C MET E 183 -15.28 15.49 -4.67
N LYS E 184 -15.67 15.81 -3.44
CA LYS E 184 -15.30 17.08 -2.80
C LYS E 184 -13.78 17.25 -2.68
N GLU E 185 -13.08 16.16 -2.36
CA GLU E 185 -11.62 16.14 -2.35
C GLU E 185 -11.03 16.54 -3.70
N TRP E 186 -11.49 15.88 -4.77
CA TRP E 186 -11.00 16.20 -6.10
C TRP E 186 -11.38 17.64 -6.47
N GLN E 187 -12.60 18.05 -6.11
CA GLN E 187 -13.03 19.43 -6.38
CA GLN E 187 -13.05 19.43 -6.34
C GLN E 187 -12.10 20.44 -5.70
N ASP E 188 -11.76 20.19 -4.43
CA ASP E 188 -10.87 21.07 -3.70
C ASP E 188 -9.47 21.09 -4.29
N MET E 189 -9.07 19.97 -4.90
CA MET E 189 -7.76 19.87 -5.56
C MET E 189 -7.76 20.41 -6.97
N GLY E 190 -8.90 20.94 -7.41
CA GLY E 190 -8.98 21.57 -8.72
C GLY E 190 -9.18 20.62 -9.89
N VAL E 191 -9.49 19.36 -9.61
CA VAL E 191 -9.81 18.38 -10.67
C VAL E 191 -11.06 18.85 -11.44
N LEU E 192 -11.02 18.75 -12.76
CA LEU E 192 -12.08 19.28 -13.61
C LEU E 192 -13.27 18.34 -13.79
N ASN E 193 -12.99 17.05 -13.92
CA ASN E 193 -13.98 16.13 -14.48
C ASN E 193 -13.71 14.66 -14.16
N PHE E 194 -14.77 13.85 -14.34
CA PHE E 194 -14.71 12.40 -14.24
C PHE E 194 -14.93 11.77 -15.60
N GLU E 195 -14.12 10.77 -15.93
CA GLU E 195 -14.43 9.81 -17.01
C GLU E 195 -13.76 8.46 -16.66
N MET E 196 -13.65 7.53 -17.62
CA MET E 196 -13.28 6.15 -17.23
C MET E 196 -12.15 5.49 -18.00
N GLU E 197 -11.47 6.20 -18.91
CA GLU E 197 -10.45 5.56 -19.75
C GLU E 197 -9.09 6.26 -19.80
N SER E 198 -9.05 7.53 -19.43
CA SER E 198 -7.82 8.35 -19.62
C SER E 198 -6.61 7.84 -18.82
N ALA E 199 -6.83 7.41 -17.58
CA ALA E 199 -5.71 6.93 -16.76
C ALA E 199 -5.02 5.73 -17.42
N THR E 200 -5.79 4.74 -17.85
CA THR E 200 -5.22 3.60 -18.57
C THR E 200 -4.53 4.03 -19.86
N LEU E 201 -5.24 4.80 -20.68
CA LEU E 201 -4.71 5.20 -21.98
C LEU E 201 -3.42 6.00 -21.86
N LEU E 202 -3.44 7.01 -21.02
CA LEU E 202 -2.29 7.90 -20.91
C LEU E 202 -1.09 7.19 -20.27
N THR E 203 -1.34 6.38 -19.23
CA THR E 203 -0.23 5.66 -18.59
C THR E 203 0.37 4.62 -19.54
N MET E 204 -0.50 3.82 -20.17
CA MET E 204 -0.04 2.82 -21.11
CA MET E 204 -0.03 2.82 -21.12
C MET E 204 0.82 3.47 -22.21
N CYS E 205 0.32 4.55 -22.81
CA CYS E 205 1.04 5.15 -23.93
C CYS E 205 2.35 5.83 -23.53
N ALA E 206 2.30 6.63 -22.46
CA ALA E 206 3.47 7.40 -22.00
C ALA E 206 4.63 6.49 -21.57
N SER E 207 4.31 5.26 -21.16
CA SER E 207 5.30 4.28 -20.75
C SER E 207 5.69 3.28 -21.86
N SER E 208 5.08 3.42 -23.04
CA SER E 208 5.28 2.47 -24.14
C SER E 208 5.72 3.11 -25.46
N GLY E 209 6.05 4.40 -25.44
CA GLY E 209 6.54 5.08 -26.63
C GLY E 209 5.45 5.37 -27.64
N LEU E 210 4.23 5.56 -27.13
CA LEU E 210 3.09 5.93 -27.96
C LEU E 210 2.62 7.32 -27.57
N LYS E 211 2.04 8.04 -28.52
CA LYS E 211 1.58 9.41 -28.27
C LYS E 211 0.06 9.39 -28.07
N ALA E 212 -0.40 9.95 -26.97
CA ALA E 212 -1.83 9.98 -26.70
C ALA E 212 -2.32 11.27 -26.05
N GLY E 213 -3.60 11.57 -26.25
CA GLY E 213 -4.26 12.68 -25.57
C GLY E 213 -5.75 12.44 -25.48
N CYS E 214 -6.42 13.24 -24.66
CA CYS E 214 -7.85 13.08 -24.41
CA CYS E 214 -7.85 13.07 -24.41
C CYS E 214 -8.56 14.42 -24.46
N VAL E 215 -9.64 14.47 -25.24
CA VAL E 215 -10.55 15.60 -25.24
C VAL E 215 -11.96 15.07 -24.94
N ALA E 216 -12.73 15.84 -24.18
CA ALA E 216 -14.06 15.38 -23.76
C ALA E 216 -15.08 16.51 -23.71
N GLY E 217 -16.31 16.21 -24.12
CA GLY E 217 -17.40 17.16 -24.00
C GLY E 217 -18.16 16.96 -22.69
N VAL E 218 -18.44 18.06 -22.00
CA VAL E 218 -19.14 18.01 -20.71
C VAL E 218 -20.64 17.80 -20.93
N ILE E 219 -21.15 16.69 -20.41
CA ILE E 219 -22.58 16.34 -20.59
C ILE E 219 -23.39 16.50 -19.29
N ILE E 220 -22.69 16.69 -18.17
CA ILE E 220 -23.34 16.87 -16.88
C ILE E 220 -22.42 17.64 -15.94
N ASN E 221 -23.02 18.48 -15.08
CA ASN E 221 -22.26 19.08 -13.99
C ASN E 221 -22.67 18.43 -12.66
N ARG E 222 -21.72 17.76 -12.04
CA ARG E 222 -22.00 16.94 -10.86
C ARG E 222 -22.27 17.75 -9.58
N THR E 223 -22.04 19.05 -9.61
CA THR E 223 -22.34 19.87 -8.43
C THR E 223 -23.85 19.99 -8.23
N GLN E 224 -24.62 19.57 -9.24
CA GLN E 224 -26.07 19.75 -9.22
CA GLN E 224 -26.08 19.76 -9.25
C GLN E 224 -26.90 18.51 -9.59
N LYS E 225 -26.26 17.53 -10.26
CA LYS E 225 -27.00 16.37 -10.78
C LYS E 225 -26.11 15.13 -10.92
N GLU E 226 -26.72 13.94 -10.79
CA GLU E 226 -26.00 12.66 -10.94
C GLU E 226 -26.15 11.98 -12.31
N ILE E 227 -27.37 11.97 -12.85
CA ILE E 227 -27.65 11.26 -14.09
C ILE E 227 -27.74 12.23 -15.27
N PRO E 228 -26.91 12.02 -16.32
CA PRO E 228 -26.98 12.91 -17.47
C PRO E 228 -28.31 12.78 -18.21
N ASP E 229 -28.77 13.87 -18.81
CA ASP E 229 -29.98 13.82 -19.63
C ASP E 229 -29.64 13.74 -21.12
N HIS E 230 -30.49 13.04 -21.88
CA HIS E 230 -30.22 12.68 -23.27
C HIS E 230 -30.36 13.83 -24.26
N ALA E 231 -31.05 14.89 -23.87
CA ALA E 231 -31.33 16.04 -24.74
C ALA E 231 -30.06 16.82 -25.14
N THR E 232 -29.27 17.21 -24.14
CA THR E 232 -28.06 18.00 -24.35
C THR E 232 -26.87 17.16 -24.83
N LEU E 233 -27.04 15.85 -24.78
CA LEU E 233 -25.99 14.89 -25.10
C LEU E 233 -25.60 14.95 -26.58
N LYS E 234 -26.61 15.02 -27.46
CA LYS E 234 -26.41 14.95 -28.91
C LYS E 234 -25.58 16.11 -29.49
N GLU E 235 -25.92 17.35 -29.14
CA GLU E 235 -25.16 18.54 -29.54
C GLU E 235 -23.69 18.51 -29.05
N THR E 236 -23.49 18.18 -27.79
CA THR E 236 -22.15 18.14 -27.20
C THR E 236 -21.27 17.11 -27.93
N GLU E 237 -21.85 15.94 -28.21
CA GLU E 237 -21.15 14.86 -28.90
C GLU E 237 -20.73 15.24 -30.32
N ALA E 238 -21.64 15.91 -31.04
CA ALA E 238 -21.36 16.34 -32.41
C ALA E 238 -20.17 17.32 -32.49
N ARG E 239 -20.11 18.25 -31.55
CA ARG E 239 -19.03 19.25 -31.52
C ARG E 239 -17.71 18.62 -31.06
N SER E 240 -17.82 17.63 -30.18
CA SER E 240 -16.64 16.91 -29.69
C SER E 240 -15.91 16.17 -30.81
N ILE E 241 -16.67 15.55 -31.70
CA ILE E 241 -16.05 14.77 -32.77
C ILE E 241 -15.49 15.65 -33.90
N LYS E 242 -16.08 16.83 -34.11
CA LYS E 242 -15.50 17.79 -35.06
C LYS E 242 -14.12 18.25 -34.56
N VAL E 243 -14.02 18.48 -33.25
CA VAL E 243 -12.78 18.93 -32.63
C VAL E 243 -11.70 17.85 -32.73
N VAL E 244 -12.04 16.59 -32.39
CA VAL E 244 -11.02 15.55 -32.44
C VAL E 244 -10.51 15.32 -33.86
N VAL E 245 -11.39 15.51 -34.85
CA VAL E 245 -10.96 15.37 -36.23
C VAL E 245 -9.97 16.46 -36.60
N GLU E 246 -10.25 17.69 -36.16
CA GLU E 246 -9.35 18.83 -36.41
CA GLU E 246 -9.35 18.80 -36.45
C GLU E 246 -8.04 18.64 -35.67
N ALA E 247 -8.11 18.03 -34.49
CA ALA E 247 -6.89 17.73 -33.73
C ALA E 247 -6.05 16.69 -34.48
N ALA E 248 -6.71 15.72 -35.11
CA ALA E 248 -5.99 14.75 -35.93
C ALA E 248 -5.31 15.44 -37.10
N ARG E 249 -6.00 16.39 -37.73
CA ARG E 249 -5.44 17.15 -38.83
C ARG E 249 -4.13 17.83 -38.42
N LYS E 250 -4.12 18.40 -37.22
CA LYS E 250 -2.94 19.10 -36.68
C LYS E 250 -1.78 18.17 -36.35
N MET E 251 -2.07 16.88 -36.15
CA MET E 251 -1.03 15.90 -35.82
C MET E 251 -0.36 15.24 -37.04
N LEU E 252 -0.97 15.39 -38.23
CA LEU E 252 -0.41 14.77 -39.43
C LEU E 252 0.91 15.43 -39.87
N LYS E 253 1.86 14.61 -40.28
CA LYS E 253 3.16 15.10 -40.75
C LYS E 253 3.10 15.51 -42.22
N LYS F 3 -36.98 6.20 -14.67
CA LYS F 3 -37.59 4.94 -15.19
C LYS F 3 -36.63 4.16 -16.09
N THR F 4 -35.88 4.84 -16.95
CA THR F 4 -34.97 4.16 -17.90
C THR F 4 -33.53 4.32 -17.48
N VAL F 5 -32.83 3.20 -17.27
CA VAL F 5 -31.42 3.25 -16.81
C VAL F 5 -30.50 3.82 -17.90
N PHE F 6 -29.45 4.54 -17.47
CA PHE F 6 -28.69 5.40 -18.39
C PHE F 6 -27.94 4.69 -19.52
N HIS F 7 -27.25 3.59 -19.20
CA HIS F 7 -26.47 2.86 -20.21
C HIS F 7 -27.28 1.76 -20.91
N LEU F 8 -28.01 0.96 -20.14
CA LEU F 8 -28.72 -0.21 -20.70
C LEU F 8 -29.95 0.14 -21.54
N GLY F 9 -30.59 1.27 -21.20
CA GLY F 9 -31.70 1.79 -22.01
C GLY F 9 -32.98 1.00 -21.86
N VAL F 10 -33.14 0.34 -20.72
CA VAL F 10 -34.34 -0.44 -20.38
C VAL F 10 -34.98 0.02 -19.07
N THR F 11 -36.26 -0.33 -18.89
CA THR F 11 -37.03 -0.01 -17.70
C THR F 11 -37.29 -1.28 -16.89
N GLU F 12 -37.78 -1.12 -15.66
CA GLU F 12 -38.14 -2.27 -14.85
C GLU F 12 -39.26 -3.06 -15.52
N ALA F 13 -40.24 -2.34 -16.06
CA ALA F 13 -41.32 -3.01 -16.80
C ALA F 13 -40.81 -3.88 -17.96
N ASP F 14 -39.75 -3.44 -18.66
CA ASP F 14 -39.16 -4.20 -19.77
C ASP F 14 -38.74 -5.60 -19.35
N LEU F 15 -38.38 -5.75 -18.07
CA LEU F 15 -37.83 -7.00 -17.57
C LEU F 15 -38.88 -8.05 -17.17
N ASN F 16 -40.14 -7.64 -17.14
CA ASN F 16 -41.25 -8.55 -16.82
C ASN F 16 -41.02 -9.37 -15.53
N GLY F 17 -40.50 -8.72 -14.50
CA GLY F 17 -40.29 -9.34 -13.20
C GLY F 17 -39.05 -10.18 -13.03
N ALA F 18 -38.15 -10.16 -14.03
CA ALA F 18 -36.91 -10.94 -13.94
C ALA F 18 -36.08 -10.56 -12.70
N THR F 19 -35.66 -11.56 -11.94
CA THR F 19 -34.73 -11.35 -10.80
C THR F 19 -33.37 -11.99 -11.05
N LEU F 20 -33.23 -12.65 -12.20
CA LEU F 20 -32.01 -13.34 -12.55
C LEU F 20 -31.55 -12.91 -13.94
N ALA F 21 -30.25 -12.65 -14.05
CA ALA F 21 -29.63 -12.32 -15.33
C ALA F 21 -28.47 -13.25 -15.65
N ILE F 22 -28.38 -13.62 -16.93
CA ILE F 22 -27.20 -14.30 -17.48
C ILE F 22 -26.40 -13.22 -18.19
N ILE F 23 -25.12 -13.13 -17.83
CA ILE F 23 -24.28 -12.03 -18.32
C ILE F 23 -23.02 -12.48 -19.06
N PRO F 24 -23.13 -12.73 -20.37
CA PRO F 24 -21.96 -13.03 -21.19
C PRO F 24 -21.18 -11.74 -21.48
N GLY F 25 -19.97 -11.89 -22.01
CA GLY F 25 -19.15 -10.72 -22.34
C GLY F 25 -19.48 -10.13 -23.71
N ASP F 26 -19.66 -11.01 -24.68
CA ASP F 26 -19.85 -10.64 -26.09
C ASP F 26 -21.32 -10.33 -26.41
N PRO F 27 -21.61 -9.10 -26.90
CA PRO F 27 -22.99 -8.77 -27.30
C PRO F 27 -23.64 -9.79 -28.23
N ALA F 28 -22.87 -10.37 -29.15
CA ALA F 28 -23.41 -11.36 -30.13
C ALA F 28 -23.82 -12.69 -29.52
N ARG F 29 -23.38 -12.94 -28.28
CA ARG F 29 -23.70 -14.18 -27.57
CA ARG F 29 -23.70 -14.16 -27.55
C ARG F 29 -25.06 -14.10 -26.87
N VAL F 30 -25.60 -12.88 -26.73
CA VAL F 30 -26.84 -12.65 -26.00
C VAL F 30 -28.03 -13.37 -26.61
N GLN F 31 -28.25 -13.15 -27.92
CA GLN F 31 -29.33 -13.82 -28.63
C GLN F 31 -29.18 -15.35 -28.58
N LYS F 32 -27.94 -15.83 -28.72
CA LYS F 32 -27.64 -17.26 -28.70
C LYS F 32 -28.03 -17.91 -27.36
N ILE F 33 -27.80 -17.21 -26.26
CA ILE F 33 -28.24 -17.66 -24.95
C ILE F 33 -29.77 -17.58 -24.83
N ALA F 34 -30.33 -16.44 -25.23
CA ALA F 34 -31.77 -16.19 -25.09
C ALA F 34 -32.62 -17.22 -25.84
N GLU F 35 -32.14 -17.67 -26.99
CA GLU F 35 -32.88 -18.64 -27.81
C GLU F 35 -32.91 -20.07 -27.22
N LEU F 36 -32.07 -20.34 -26.22
CA LEU F 36 -32.10 -21.63 -25.51
C LEU F 36 -33.25 -21.69 -24.51
N MET F 37 -33.87 -20.53 -24.29
CA MET F 37 -35.01 -20.39 -23.40
C MET F 37 -36.28 -20.07 -24.20
N ASP F 38 -37.37 -19.83 -23.49
CA ASP F 38 -38.68 -19.60 -24.11
C ASP F 38 -38.96 -18.13 -24.37
N ASN F 39 -39.64 -17.85 -25.48
CA ASN F 39 -40.10 -16.50 -25.82
C ASN F 39 -39.02 -15.40 -25.73
N PRO F 40 -37.85 -15.62 -26.36
CA PRO F 40 -36.80 -14.58 -26.33
C PRO F 40 -37.23 -13.31 -27.06
N VAL F 41 -37.03 -12.16 -26.43
CA VAL F 41 -37.40 -10.86 -26.98
C VAL F 41 -36.23 -9.87 -26.80
N PHE F 42 -35.81 -9.27 -27.91
CA PHE F 42 -34.80 -8.21 -27.89
C PHE F 42 -35.36 -6.97 -27.18
N LEU F 43 -34.58 -6.41 -26.24
CA LEU F 43 -35.02 -5.22 -25.52
C LEU F 43 -34.29 -3.97 -25.98
N ALA F 44 -32.96 -4.04 -26.06
CA ALA F 44 -32.14 -2.86 -26.38
C ALA F 44 -30.73 -3.26 -26.71
N SER F 45 -30.06 -2.39 -27.47
CA SER F 45 -28.63 -2.48 -27.71
C SER F 45 -28.07 -1.06 -27.70
N HIS F 46 -27.21 -0.79 -26.72
CA HIS F 46 -26.45 0.47 -26.65
CA HIS F 46 -26.45 0.47 -26.65
C HIS F 46 -25.03 0.13 -26.26
N ARG F 47 -24.06 0.68 -27.01
CA ARG F 47 -22.64 0.41 -26.78
C ARG F 47 -22.42 -1.12 -26.75
N GLU F 48 -21.71 -1.63 -25.75
CA GLU F 48 -21.46 -3.08 -25.63
C GLU F 48 -22.60 -3.83 -24.93
N TYR F 49 -23.71 -3.15 -24.71
CA TYR F 49 -24.81 -3.74 -23.93
C TYR F 49 -25.97 -4.13 -24.81
N THR F 50 -26.08 -5.42 -25.08
CA THR F 50 -27.24 -5.98 -25.80
C THR F 50 -28.05 -6.72 -24.76
N VAL F 51 -29.35 -6.41 -24.70
CA VAL F 51 -30.22 -6.93 -23.64
C VAL F 51 -31.43 -7.66 -24.25
N TYR F 52 -31.65 -8.89 -23.80
CA TYR F 52 -32.82 -9.70 -24.17
C TYR F 52 -33.56 -10.13 -22.93
N ARG F 53 -34.84 -10.46 -23.08
CA ARG F 53 -35.59 -11.11 -22.02
C ARG F 53 -36.00 -12.47 -22.59
N ALA F 54 -36.15 -13.46 -21.71
CA ALA F 54 -36.70 -14.76 -22.10
C ALA F 54 -37.40 -15.38 -20.89
N GLU F 55 -37.94 -16.58 -21.05
CA GLU F 55 -38.63 -17.26 -19.97
C GLU F 55 -38.06 -18.65 -19.78
N LEU F 56 -37.83 -18.99 -18.52
CA LEU F 56 -37.27 -20.29 -18.13
C LEU F 56 -38.20 -20.90 -17.09
N ASP F 57 -38.81 -22.04 -17.44
CA ASP F 57 -39.80 -22.69 -16.58
C ASP F 57 -40.84 -21.69 -16.06
N GLY F 58 -41.28 -20.80 -16.95
CA GLY F 58 -42.33 -19.84 -16.64
C GLY F 58 -41.86 -18.52 -16.06
N GLN F 59 -40.60 -18.48 -15.62
CA GLN F 59 -40.05 -17.29 -14.98
C GLN F 59 -39.22 -16.43 -15.91
N SER F 60 -39.37 -15.11 -15.79
CA SER F 60 -38.63 -14.16 -16.62
C SER F 60 -37.15 -14.13 -16.25
N VAL F 61 -36.31 -14.14 -17.27
CA VAL F 61 -34.85 -14.08 -17.14
C VAL F 61 -34.31 -13.01 -18.11
N VAL F 62 -33.28 -12.29 -17.68
CA VAL F 62 -32.63 -11.29 -18.51
C VAL F 62 -31.30 -11.85 -18.99
N VAL F 63 -30.95 -11.57 -20.26
CA VAL F 63 -29.62 -11.86 -20.78
C VAL F 63 -29.01 -10.52 -21.21
N CYS F 64 -27.83 -10.18 -20.66
CA CYS F 64 -27.25 -8.86 -20.91
C CYS F 64 -25.73 -9.01 -21.04
N SER F 65 -25.17 -8.52 -22.15
CA SER F 65 -23.72 -8.53 -22.33
C SER F 65 -23.04 -7.49 -21.44
N THR F 66 -21.79 -7.77 -21.08
CA THR F 66 -21.03 -6.93 -20.16
C THR F 66 -19.96 -6.12 -20.85
N GLY F 67 -19.54 -6.54 -22.06
CA GLY F 67 -18.30 -6.05 -22.65
C GLY F 67 -17.12 -6.68 -21.92
N ILE F 68 -15.90 -6.32 -22.34
CA ILE F 68 -14.66 -6.80 -21.72
C ILE F 68 -14.31 -5.90 -20.53
N GLY F 69 -14.03 -6.53 -19.39
CA GLY F 69 -13.48 -5.82 -18.24
C GLY F 69 -14.44 -5.51 -17.13
N GLY F 70 -13.90 -5.34 -15.93
CA GLY F 70 -14.66 -4.96 -14.77
C GLY F 70 -15.44 -3.67 -14.87
N PRO F 71 -14.84 -2.60 -15.45
CA PRO F 71 -15.59 -1.34 -15.54
C PRO F 71 -16.94 -1.44 -16.28
N SER F 72 -16.95 -1.99 -17.49
CA SER F 72 -18.21 -2.13 -18.21
C SER F 72 -19.16 -3.13 -17.54
N THR F 73 -18.59 -4.17 -16.95
CA THR F 73 -19.39 -5.16 -16.20
C THR F 73 -20.10 -4.50 -15.01
N SER F 74 -19.39 -3.65 -14.27
CA SER F 74 -19.97 -3.00 -13.08
C SER F 74 -21.18 -2.14 -13.39
N ILE F 75 -21.19 -1.53 -14.59
CA ILE F 75 -22.31 -0.69 -15.03
C ILE F 75 -23.55 -1.54 -15.28
N ALA F 76 -23.38 -2.63 -16.04
CA ALA F 76 -24.50 -3.54 -16.36
C ALA F 76 -25.10 -4.14 -15.09
N VAL F 77 -24.24 -4.61 -14.18
CA VAL F 77 -24.73 -5.22 -12.96
C VAL F 77 -25.50 -4.20 -12.12
N GLU F 78 -24.95 -3.01 -11.95
CA GLU F 78 -25.61 -1.98 -11.16
C GLU F 78 -26.99 -1.63 -11.72
N GLU F 79 -27.03 -1.38 -13.02
CA GLU F 79 -28.26 -0.90 -13.63
C GLU F 79 -29.34 -1.98 -13.62
N LEU F 80 -28.93 -3.23 -13.82
CA LEU F 80 -29.87 -4.35 -13.70
C LEU F 80 -30.36 -4.53 -12.27
N ALA F 81 -29.47 -4.30 -11.30
CA ALA F 81 -29.88 -4.38 -9.91
C ALA F 81 -30.90 -3.29 -9.53
N GLN F 82 -30.73 -2.10 -10.11
CA GLN F 82 -31.68 -1.01 -9.94
C GLN F 82 -33.08 -1.45 -10.38
N LEU F 83 -33.11 -2.35 -11.36
CA LEU F 83 -34.35 -2.80 -11.97
C LEU F 83 -34.86 -4.14 -11.42
N GLY F 84 -34.28 -4.59 -10.32
CA GLY F 84 -34.79 -5.74 -9.58
C GLY F 84 -34.02 -7.04 -9.70
N VAL F 85 -32.96 -7.06 -10.51
CA VAL F 85 -32.17 -8.27 -10.70
C VAL F 85 -31.29 -8.49 -9.46
N ARG F 86 -31.31 -9.70 -8.94
CA ARG F 86 -30.57 -10.03 -7.69
C ARG F 86 -29.56 -11.14 -7.87
N THR F 87 -29.67 -11.89 -8.97
CA THR F 87 -28.81 -13.05 -9.22
C THR F 87 -28.16 -12.94 -10.60
N PHE F 88 -26.83 -13.08 -10.65
CA PHE F 88 -26.04 -12.85 -11.86
C PHE F 88 -25.15 -14.03 -12.21
N LEU F 89 -25.42 -14.64 -13.35
CA LEU F 89 -24.66 -15.81 -13.81
C LEU F 89 -23.76 -15.43 -14.98
N ARG F 90 -22.47 -15.43 -14.72
CA ARG F 90 -21.49 -15.11 -15.74
C ARG F 90 -21.07 -16.36 -16.50
N VAL F 91 -21.04 -16.24 -17.83
CA VAL F 91 -20.48 -17.26 -18.71
C VAL F 91 -19.45 -16.59 -19.63
N GLY F 92 -18.31 -17.25 -19.89
CA GLY F 92 -17.27 -16.65 -20.73
C GLY F 92 -16.15 -17.56 -21.18
N THR F 93 -15.14 -16.97 -21.82
CA THR F 93 -13.98 -17.73 -22.29
C THR F 93 -12.85 -17.54 -21.32
N THR F 94 -11.90 -18.47 -21.35
CA THR F 94 -10.78 -18.42 -20.41
C THR F 94 -9.55 -19.17 -20.93
N GLY F 95 -8.39 -18.70 -20.48
CA GLY F 95 -7.12 -19.36 -20.78
C GLY F 95 -6.64 -20.09 -19.56
N ALA F 96 -6.50 -21.41 -19.68
CA ALA F 96 -6.03 -22.23 -18.55
C ALA F 96 -4.52 -22.12 -18.40
N ILE F 97 -4.04 -22.19 -17.17
CA ILE F 97 -2.60 -22.11 -16.91
C ILE F 97 -2.03 -23.38 -16.25
N GLN F 98 -2.88 -24.37 -16.01
CA GLN F 98 -2.46 -25.65 -15.46
C GLN F 98 -2.45 -26.70 -16.56
N PRO F 99 -1.39 -27.54 -16.60
CA PRO F 99 -1.23 -28.59 -17.61
C PRO F 99 -2.39 -29.58 -17.65
N HIS F 100 -3.02 -29.85 -16.52
CA HIS F 100 -4.06 -30.88 -16.44
C HIS F 100 -5.43 -30.43 -16.95
N VAL F 101 -5.60 -29.12 -17.09
CA VAL F 101 -6.84 -28.54 -17.63
C VAL F 101 -6.73 -28.48 -19.15
N ASN F 102 -7.67 -29.13 -19.84
CA ASN F 102 -7.62 -29.20 -21.29
C ASN F 102 -8.59 -28.24 -21.97
N VAL F 103 -8.28 -27.86 -23.21
CA VAL F 103 -9.20 -27.08 -24.02
C VAL F 103 -10.48 -27.90 -24.14
N GLY F 104 -11.62 -27.28 -23.88
CA GLY F 104 -12.92 -27.98 -23.86
C GLY F 104 -13.46 -28.21 -22.46
N ASP F 105 -12.56 -28.27 -21.48
CA ASP F 105 -12.95 -28.38 -20.06
C ASP F 105 -13.69 -27.12 -19.62
N MET F 106 -14.36 -27.23 -18.48
CA MET F 106 -15.04 -26.08 -17.87
C MET F 106 -14.52 -25.79 -16.48
N ILE F 107 -14.52 -24.51 -16.13
CA ILE F 107 -14.04 -24.06 -14.83
C ILE F 107 -15.15 -23.29 -14.11
N VAL F 108 -15.38 -23.65 -12.85
CA VAL F 108 -16.26 -22.83 -12.01
C VAL F 108 -15.37 -22.20 -10.95
N THR F 109 -15.34 -20.87 -10.98
CA THR F 109 -14.50 -20.06 -10.07
C THR F 109 -15.02 -20.12 -8.61
N THR F 110 -14.15 -20.53 -7.70
CA THR F 110 -14.46 -20.56 -6.25
C THR F 110 -13.96 -19.29 -5.57
N GLY F 111 -13.06 -18.59 -6.23
CA GLY F 111 -12.53 -17.30 -5.77
C GLY F 111 -11.61 -16.72 -6.82
N SER F 112 -11.50 -15.39 -6.84
CA SER F 112 -10.68 -14.71 -7.84
C SER F 112 -9.51 -13.92 -7.23
N VAL F 113 -8.35 -14.03 -7.87
CA VAL F 113 -7.22 -13.16 -7.56
C VAL F 113 -7.58 -11.81 -8.15
N ARG F 114 -7.58 -10.78 -7.31
CA ARG F 114 -8.08 -9.47 -7.70
C ARG F 114 -7.00 -8.64 -8.39
N LEU F 115 -6.80 -8.91 -9.68
CA LEU F 115 -5.78 -8.19 -10.48
C LEU F 115 -6.46 -7.10 -11.30
N ASP F 116 -7.51 -6.53 -10.72
CA ASP F 116 -8.34 -5.52 -11.33
C ASP F 116 -8.33 -4.26 -10.50
N GLY F 117 -9.03 -3.24 -10.97
CA GLY F 117 -9.23 -2.01 -10.20
C GLY F 117 -10.66 -1.84 -9.72
N ALA F 118 -11.65 -2.28 -10.49
CA ALA F 118 -13.04 -1.99 -10.13
C ALA F 118 -13.52 -2.64 -8.83
N SER F 119 -12.96 -3.80 -8.49
CA SER F 119 -13.32 -4.48 -7.25
C SER F 119 -13.11 -3.56 -6.03
N LEU F 120 -12.03 -2.78 -6.09
CA LEU F 120 -11.66 -1.85 -5.04
C LEU F 120 -12.66 -0.69 -4.87
N HIS F 121 -13.56 -0.52 -5.85
CA HIS F 121 -14.58 0.52 -5.76
C HIS F 121 -15.80 0.06 -4.96
N PHE F 122 -15.78 -1.22 -4.56
CA PHE F 122 -16.86 -1.83 -3.78
C PHE F 122 -16.39 -2.33 -2.42
N ALA F 123 -15.15 -2.82 -2.36
CA ALA F 123 -14.60 -3.36 -1.12
C ALA F 123 -13.08 -3.27 -1.13
N PRO F 124 -12.47 -3.10 0.06
CA PRO F 124 -11.01 -3.01 0.10
C PRO F 124 -10.40 -4.34 -0.30
N MET F 125 -9.10 -4.34 -0.63
CA MET F 125 -8.46 -5.53 -1.18
C MET F 125 -8.57 -6.79 -0.29
N GLU F 126 -8.68 -6.58 1.03
CA GLU F 126 -8.78 -7.68 2.00
CA GLU F 126 -8.77 -7.71 1.98
C GLU F 126 -10.03 -8.56 1.81
N PHE F 127 -11.07 -7.96 1.24
CA PHE F 127 -12.35 -8.65 1.05
C PHE F 127 -12.22 -9.72 -0.05
N PRO F 128 -12.83 -10.91 0.17
CA PRO F 128 -12.65 -12.01 -0.79
C PRO F 128 -13.55 -11.88 -2.02
N ALA F 129 -12.97 -12.06 -3.21
CA ALA F 129 -13.73 -12.10 -4.47
C ALA F 129 -14.29 -13.52 -4.63
N VAL F 130 -15.43 -13.75 -3.96
CA VAL F 130 -16.02 -15.08 -3.81
CA VAL F 130 -16.02 -15.09 -3.89
C VAL F 130 -17.43 -15.14 -4.43
N PRO F 131 -17.78 -16.28 -5.09
CA PRO F 131 -19.12 -16.45 -5.60
C PRO F 131 -20.14 -16.80 -4.50
N ASP F 132 -21.41 -16.53 -4.77
CA ASP F 132 -22.48 -17.11 -3.99
C ASP F 132 -22.39 -18.63 -4.06
N PHE F 133 -22.50 -19.29 -2.91
CA PHE F 133 -22.30 -20.74 -2.83
C PHE F 133 -23.34 -21.52 -3.62
N ASP F 134 -24.59 -21.08 -3.56
CA ASP F 134 -25.68 -21.71 -4.34
C ASP F 134 -25.44 -21.61 -5.84
N VAL F 135 -24.96 -20.46 -6.32
CA VAL F 135 -24.66 -20.27 -7.75
C VAL F 135 -23.52 -21.19 -8.18
N ALA F 136 -22.45 -21.22 -7.38
CA ALA F 136 -21.29 -22.07 -7.70
C ALA F 136 -21.66 -23.55 -7.73
N THR F 137 -22.49 -23.95 -6.77
CA THR F 137 -23.04 -25.30 -6.68
C THR F 137 -23.88 -25.66 -7.92
N ALA F 138 -24.75 -24.74 -8.34
CA ALA F 138 -25.60 -24.98 -9.50
C ALA F 138 -24.77 -25.07 -10.77
N MET F 139 -23.74 -24.22 -10.87
CA MET F 139 -22.85 -24.25 -12.02
C MET F 139 -22.05 -25.55 -12.12
N LYS F 140 -21.51 -26.03 -11.00
CA LYS F 140 -20.83 -27.32 -10.97
C LYS F 140 -21.74 -28.45 -11.45
N ALA F 141 -22.95 -28.52 -10.90
CA ALA F 141 -23.92 -29.56 -11.25
C ALA F 141 -24.31 -29.50 -12.72
N ALA F 142 -24.64 -28.30 -13.21
CA ALA F 142 -24.98 -28.11 -14.62
C ALA F 142 -23.84 -28.55 -15.54
N ALA F 143 -22.61 -28.20 -15.17
CA ALA F 143 -21.44 -28.53 -15.99
C ALA F 143 -21.21 -30.04 -16.05
N GLN F 144 -21.26 -30.69 -14.89
CA GLN F 144 -21.13 -32.14 -14.80
C GLN F 144 -22.20 -32.87 -15.60
N GLU F 145 -23.44 -32.38 -15.47
CA GLU F 145 -24.59 -32.99 -16.15
C GLU F 145 -24.55 -32.85 -17.67
N SER F 146 -23.72 -31.93 -18.18
CA SER F 146 -23.55 -31.77 -19.63
C SER F 146 -22.52 -32.75 -20.20
N GLY F 147 -21.78 -33.43 -19.33
CA GLY F 147 -20.72 -34.35 -19.75
C GLY F 147 -19.35 -33.71 -19.86
N ALA F 148 -19.24 -32.46 -19.42
CA ALA F 148 -17.95 -31.76 -19.43
C ALA F 148 -17.09 -32.20 -18.27
N THR F 149 -15.77 -32.13 -18.46
CA THR F 149 -14.83 -32.24 -17.35
C THR F 149 -14.80 -30.86 -16.68
N VAL F 150 -15.14 -30.82 -15.39
CA VAL F 150 -15.26 -29.56 -14.66
C VAL F 150 -14.21 -29.44 -13.55
N HIS F 151 -13.65 -28.24 -13.42
CA HIS F 151 -12.67 -27.93 -12.39
C HIS F 151 -13.20 -26.81 -11.50
N MET F 152 -13.11 -27.01 -10.19
CA MET F 152 -13.43 -25.97 -9.22
C MET F 152 -12.13 -25.38 -8.72
N GLY F 153 -12.02 -24.05 -8.73
CA GLY F 153 -10.82 -23.44 -8.15
C GLY F 153 -10.67 -21.97 -8.40
N VAL F 154 -9.46 -21.50 -8.13
CA VAL F 154 -9.14 -20.08 -8.14
C VAL F 154 -8.81 -19.58 -9.56
N THR F 155 -9.33 -18.40 -9.88
CA THR F 155 -9.15 -17.76 -11.19
C THR F 155 -8.39 -16.44 -10.99
N ALA F 156 -7.35 -16.20 -11.78
CA ALA F 156 -6.67 -14.89 -11.77
C ALA F 156 -7.43 -13.94 -12.71
N SER F 157 -7.93 -12.82 -12.17
CA SER F 157 -8.82 -11.90 -12.91
C SER F 157 -8.13 -10.56 -13.16
N SER F 158 -7.77 -10.34 -14.43
CA SER F 158 -6.85 -9.27 -14.82
C SER F 158 -7.51 -8.14 -15.58
N ASP F 159 -7.15 -6.89 -15.25
CA ASP F 159 -7.58 -5.71 -16.01
C ASP F 159 -6.96 -5.62 -17.40
N THR F 160 -5.98 -6.46 -17.70
CA THR F 160 -5.42 -6.53 -19.06
C THR F 160 -5.38 -7.95 -19.62
N PHE F 161 -5.40 -8.04 -20.95
CA PHE F 161 -5.27 -9.30 -21.64
C PHE F 161 -3.78 -9.63 -21.81
N TYR F 162 -2.96 -8.60 -21.86
CA TYR F 162 -1.56 -8.77 -22.27
C TYR F 162 -0.57 -8.78 -21.08
N PRO F 163 -0.14 -7.60 -20.56
CA PRO F 163 0.86 -7.73 -19.49
C PRO F 163 0.38 -8.37 -18.17
N GLY F 164 -0.89 -8.15 -17.81
CA GLY F 164 -1.47 -8.72 -16.60
C GLY F 164 -1.64 -10.23 -16.66
N GLN F 165 -1.57 -10.76 -17.88
CA GLN F 165 -1.55 -12.21 -18.09
C GLN F 165 -0.16 -12.69 -18.53
N GLU F 166 0.83 -11.83 -18.28
CA GLU F 166 2.23 -12.07 -18.63
C GLU F 166 2.47 -12.56 -20.07
N ARG F 167 1.86 -11.88 -21.02
CA ARG F 167 2.14 -12.09 -22.44
C ARG F 167 3.26 -11.15 -22.88
N TYR F 168 4.27 -11.72 -23.56
CA TYR F 168 5.44 -10.99 -24.05
C TYR F 168 5.43 -10.72 -25.56
N ASP F 169 4.57 -11.41 -26.30
CA ASP F 169 4.44 -11.23 -27.73
CA ASP F 169 4.46 -11.21 -27.75
C ASP F 169 3.58 -9.99 -28.04
N THR F 170 4.13 -8.83 -27.72
CA THR F 170 3.39 -7.58 -27.74
C THR F 170 4.21 -6.49 -28.41
N PHE F 171 3.61 -5.31 -28.54
CA PHE F 171 4.29 -4.18 -29.16
C PHE F 171 5.64 -3.85 -28.50
N THR F 172 5.66 -3.78 -27.17
CA THR F 172 6.89 -3.43 -26.47
C THR F 172 7.72 -4.67 -26.07
N GLY F 173 7.03 -5.81 -25.90
CA GLY F 173 7.67 -7.03 -25.40
C GLY F 173 8.05 -6.96 -23.93
N ARG F 174 7.52 -5.96 -23.25
CA ARG F 174 7.83 -5.72 -21.84
C ARG F 174 6.64 -6.03 -20.93
N VAL F 175 6.94 -6.53 -19.75
CA VAL F 175 5.96 -6.71 -18.68
C VAL F 175 6.47 -5.99 -17.44
N VAL F 176 5.63 -5.12 -16.89
CA VAL F 176 5.97 -4.34 -15.70
C VAL F 176 6.36 -5.26 -14.52
N ARG F 177 7.24 -4.75 -13.65
CA ARG F 177 7.80 -5.48 -12.52
C ARG F 177 6.76 -6.34 -11.79
N ARG F 178 5.64 -5.72 -11.44
CA ARG F 178 4.56 -6.40 -10.73
C ARG F 178 4.20 -7.76 -11.34
N PHE F 179 4.17 -7.82 -12.68
CA PHE F 179 3.70 -9.01 -13.37
C PHE F 179 4.78 -9.93 -13.96
N GLN F 180 6.04 -9.52 -13.86
CA GLN F 180 7.14 -10.40 -14.25
C GLN F 180 7.14 -11.62 -13.35
N GLY F 181 7.15 -12.81 -13.96
CA GLY F 181 7.13 -14.08 -13.24
C GLY F 181 5.79 -14.41 -12.58
N SER F 182 4.75 -13.62 -12.88
CA SER F 182 3.46 -13.79 -12.21
C SER F 182 2.73 -15.06 -12.63
N MET F 183 2.84 -15.45 -13.91
CA MET F 183 2.16 -16.68 -14.35
C MET F 183 2.66 -17.90 -13.57
N LYS F 184 3.98 -18.05 -13.45
CA LYS F 184 4.58 -19.14 -12.69
CA LYS F 184 4.56 -19.16 -12.70
C LYS F 184 4.13 -19.12 -11.24
N GLU F 185 4.09 -17.90 -10.66
CA GLU F 185 3.61 -17.73 -9.29
C GLU F 185 2.16 -18.24 -9.10
N TRP F 186 1.25 -17.82 -9.98
CA TRP F 186 -0.13 -18.30 -9.87
C TRP F 186 -0.21 -19.81 -10.12
N GLN F 187 0.59 -20.30 -11.08
CA GLN F 187 0.63 -21.74 -11.37
C GLN F 187 1.01 -22.54 -10.12
N ASP F 188 2.08 -22.10 -9.47
CA ASP F 188 2.55 -22.75 -8.24
C ASP F 188 1.54 -22.62 -7.08
N MET F 189 0.70 -21.59 -7.12
CA MET F 189 -0.34 -21.41 -6.10
C MET F 189 -1.64 -22.18 -6.42
N GLY F 190 -1.65 -22.91 -7.54
CA GLY F 190 -2.79 -23.74 -7.91
C GLY F 190 -3.90 -23.02 -8.67
N VAL F 191 -3.64 -21.77 -9.07
CA VAL F 191 -4.61 -21.00 -9.85
C VAL F 191 -4.86 -21.70 -11.20
N LEU F 192 -6.13 -21.77 -11.62
CA LEU F 192 -6.51 -22.56 -12.79
C LEU F 192 -6.41 -21.80 -14.11
N ASN F 193 -6.75 -20.50 -14.09
CA ASN F 193 -7.03 -19.78 -15.33
C ASN F 193 -6.97 -18.25 -15.21
N PHE F 194 -6.81 -17.59 -16.35
CA PHE F 194 -6.93 -16.14 -16.48
C PHE F 194 -8.24 -15.77 -17.18
N GLU F 195 -8.92 -14.75 -16.66
CA GLU F 195 -9.97 -14.04 -17.40
C GLU F 195 -9.98 -12.59 -16.92
N MET F 196 -11.00 -11.80 -17.25
CA MET F 196 -10.92 -10.34 -17.03
C MET F 196 -12.10 -9.64 -16.32
N GLU F 197 -13.05 -10.42 -15.81
CA GLU F 197 -14.26 -9.84 -15.22
C GLU F 197 -14.68 -10.33 -13.84
N SER F 198 -14.26 -11.55 -13.47
CA SER F 198 -14.75 -12.19 -12.24
C SER F 198 -14.42 -11.45 -10.94
N ALA F 199 -13.22 -10.88 -10.84
CA ALA F 199 -12.85 -10.17 -9.60
C ALA F 199 -13.82 -9.03 -9.35
N THR F 200 -14.11 -8.27 -10.40
CA THR F 200 -15.05 -7.16 -10.27
C THR F 200 -16.45 -7.68 -9.94
N LEU F 201 -16.93 -8.64 -10.72
CA LEU F 201 -18.28 -9.16 -10.55
C LEU F 201 -18.50 -9.74 -9.15
N LEU F 202 -17.61 -10.64 -8.75
CA LEU F 202 -17.77 -11.35 -7.48
C LEU F 202 -17.65 -10.41 -6.28
N THR F 203 -16.67 -9.49 -6.31
CA THR F 203 -16.52 -8.54 -5.20
C THR F 203 -17.72 -7.60 -5.08
N MET F 204 -18.13 -7.02 -6.21
CA MET F 204 -19.27 -6.13 -6.24
CA MET F 204 -19.28 -6.13 -6.25
C MET F 204 -20.52 -6.81 -5.69
N CYS F 205 -20.79 -8.03 -6.15
CA CYS F 205 -22.01 -8.72 -5.75
C CYS F 205 -21.96 -9.20 -4.29
N ALA F 206 -20.83 -9.81 -3.91
CA ALA F 206 -20.68 -10.33 -2.54
C ALA F 206 -20.73 -9.22 -1.47
N SER F 207 -20.40 -8.00 -1.86
CA SER F 207 -20.45 -6.85 -0.94
C SER F 207 -21.73 -6.01 -1.06
N SER F 208 -22.64 -6.43 -1.95
CA SER F 208 -23.83 -5.62 -2.28
C SER F 208 -25.16 -6.36 -2.15
N GLY F 209 -25.12 -7.57 -1.58
CA GLY F 209 -26.33 -8.39 -1.36
C GLY F 209 -26.88 -8.95 -2.66
N LEU F 210 -25.99 -9.21 -3.61
CA LEU F 210 -26.36 -9.85 -4.87
C LEU F 210 -25.67 -11.20 -4.97
N LYS F 211 -26.33 -12.15 -5.65
CA LYS F 211 -25.79 -13.50 -5.80
C LYS F 211 -25.13 -13.63 -7.16
N ALA F 212 -23.87 -14.04 -7.18
CA ALA F 212 -23.12 -14.15 -8.43
C ALA F 212 -22.24 -15.39 -8.50
N GLY F 213 -21.97 -15.82 -9.72
CA GLY F 213 -21.04 -16.91 -9.99
C GLY F 213 -20.52 -16.83 -11.41
N CYS F 214 -19.43 -17.55 -11.64
CA CYS F 214 -18.75 -17.56 -12.94
CA CYS F 214 -18.75 -17.55 -12.94
C CYS F 214 -18.47 -18.98 -13.42
N VAL F 215 -18.79 -19.24 -14.68
CA VAL F 215 -18.49 -20.51 -15.32
C VAL F 215 -17.84 -20.19 -16.67
N ALA F 216 -16.77 -20.90 -17.03
CA ALA F 216 -16.08 -20.61 -18.28
C ALA F 216 -15.61 -21.86 -19.04
N GLY F 217 -15.60 -21.74 -20.36
CA GLY F 217 -15.05 -22.77 -21.23
C GLY F 217 -13.62 -22.43 -21.53
N VAL F 218 -12.74 -23.43 -21.41
CA VAL F 218 -11.32 -23.26 -21.71
C VAL F 218 -11.09 -23.23 -23.21
N ILE F 219 -10.62 -22.09 -23.72
CA ILE F 219 -10.38 -21.93 -25.17
C ILE F 219 -8.91 -22.12 -25.56
N ILE F 220 -8.01 -21.83 -24.64
CA ILE F 220 -6.57 -22.11 -24.81
C ILE F 220 -5.92 -22.57 -23.50
N ASN F 221 -4.81 -23.30 -23.63
CA ASN F 221 -3.95 -23.61 -22.50
C ASN F 221 -2.58 -22.98 -22.71
N ARG F 222 -2.20 -22.07 -21.80
CA ARG F 222 -0.94 -21.32 -21.89
C ARG F 222 0.34 -22.18 -21.75
N THR F 223 0.17 -23.45 -21.38
CA THR F 223 1.29 -24.39 -21.22
C THR F 223 1.41 -25.33 -22.42
N GLN F 224 0.40 -25.35 -23.27
CA GLN F 224 0.35 -26.28 -24.40
C GLN F 224 0.68 -25.56 -25.70
N LYS F 225 1.48 -26.21 -26.53
CA LYS F 225 1.85 -25.67 -27.84
C LYS F 225 0.87 -26.09 -28.93
N GLU F 226 0.18 -27.22 -28.69
CA GLU F 226 -0.86 -27.70 -29.58
C GLU F 226 -1.89 -26.62 -29.84
N ILE F 227 -2.31 -26.50 -31.10
CA ILE F 227 -3.34 -25.56 -31.51
C ILE F 227 -4.71 -26.25 -31.39
N PRO F 228 -5.64 -25.65 -30.62
CA PRO F 228 -6.99 -26.21 -30.43
C PRO F 228 -7.70 -26.54 -31.74
N ASP F 229 -8.46 -27.63 -31.71
CA ASP F 229 -9.25 -28.11 -32.85
C ASP F 229 -10.44 -27.17 -33.07
N HIS F 230 -10.70 -26.81 -34.34
CA HIS F 230 -11.83 -25.92 -34.68
C HIS F 230 -13.17 -26.49 -34.18
N ALA F 231 -13.34 -27.79 -34.37
CA ALA F 231 -14.54 -28.51 -33.94
C ALA F 231 -14.76 -28.44 -32.43
N THR F 232 -13.69 -28.66 -31.66
CA THR F 232 -13.78 -28.64 -30.20
C THR F 232 -14.14 -27.25 -29.66
N LEU F 233 -13.56 -26.21 -30.27
CA LEU F 233 -13.85 -24.82 -29.88
C LEU F 233 -15.32 -24.47 -30.11
N LYS F 234 -15.87 -24.94 -31.23
CA LYS F 234 -17.28 -24.76 -31.56
C LYS F 234 -18.18 -25.48 -30.55
N GLU F 235 -17.87 -26.73 -30.23
CA GLU F 235 -18.61 -27.49 -29.22
C GLU F 235 -18.48 -26.85 -27.84
N THR F 236 -17.28 -26.33 -27.53
CA THR F 236 -16.99 -25.68 -26.25
C THR F 236 -17.90 -24.46 -26.04
N GLU F 237 -18.03 -23.64 -27.09
CA GLU F 237 -18.85 -22.45 -27.03
C GLU F 237 -20.31 -22.84 -26.87
N ALA F 238 -20.75 -23.84 -27.63
CA ALA F 238 -22.10 -24.39 -27.52
C ALA F 238 -22.40 -24.93 -26.12
N ARG F 239 -21.48 -25.71 -25.57
CA ARG F 239 -21.70 -26.34 -24.26
C ARG F 239 -21.75 -25.32 -23.13
N SER F 240 -20.86 -24.33 -23.15
CA SER F 240 -20.84 -23.29 -22.12
C SER F 240 -22.20 -22.61 -21.91
N ILE F 241 -22.89 -22.31 -23.00
CA ILE F 241 -24.18 -21.62 -22.89
C ILE F 241 -25.32 -22.53 -22.47
N LYS F 242 -25.28 -23.79 -22.92
CA LYS F 242 -26.24 -24.79 -22.42
C LYS F 242 -26.06 -24.95 -20.91
N VAL F 243 -24.81 -25.01 -20.45
CA VAL F 243 -24.52 -25.14 -19.04
C VAL F 243 -25.06 -23.96 -18.23
N VAL F 244 -24.78 -22.74 -18.67
CA VAL F 244 -25.20 -21.57 -17.90
C VAL F 244 -26.73 -21.47 -17.78
N VAL F 245 -27.43 -21.88 -18.84
CA VAL F 245 -28.89 -21.90 -18.82
C VAL F 245 -29.43 -22.94 -17.82
N GLU F 246 -28.81 -24.12 -17.79
CA GLU F 246 -29.23 -25.15 -16.84
CA GLU F 246 -29.23 -25.16 -16.83
C GLU F 246 -28.87 -24.72 -15.41
N ALA F 247 -27.77 -24.00 -15.27
CA ALA F 247 -27.42 -23.46 -13.95
C ALA F 247 -28.50 -22.46 -13.49
N ALA F 248 -28.97 -21.61 -14.41
CA ALA F 248 -30.07 -20.67 -14.13
C ALA F 248 -31.34 -21.42 -13.71
N ARG F 249 -31.66 -22.50 -14.43
CA ARG F 249 -32.83 -23.33 -14.11
C ARG F 249 -32.79 -23.80 -12.65
N LYS F 250 -31.62 -24.29 -12.24
CA LYS F 250 -31.38 -24.76 -10.87
C LYS F 250 -31.51 -23.66 -9.81
N MET F 251 -31.16 -22.43 -10.17
CA MET F 251 -31.28 -21.30 -9.24
C MET F 251 -32.73 -20.84 -9.04
N LEU F 252 -33.58 -21.06 -10.04
CA LEU F 252 -34.97 -20.63 -9.96
C LEU F 252 -35.80 -21.67 -9.21
N LYS F 253 -36.36 -21.23 -8.08
CA LYS F 253 -37.24 -22.04 -7.21
C LYS F 253 -37.16 -23.56 -7.40
NA NA G . -1.27 -18.53 19.84
N3 CYT H . -14.82 -12.94 18.33
C4 CYT H . -16.00 -13.13 18.96
N1 CYT H . -14.34 -15.23 18.55
C2 CYT H . -13.99 -13.97 18.12
O2 CYT H . -12.90 -13.79 17.54
N4 CYT H . -16.83 -12.08 19.16
C5 CYT H . -16.37 -14.39 19.40
C6 CYT H . -15.49 -15.46 19.17
C TRS I . -11.10 -16.73 18.88
C1 TRS I . -11.55 -16.41 17.44
C2 TRS I . -11.45 -15.62 19.87
C3 TRS I . -9.59 -16.92 18.92
N TRS I . -11.80 -17.96 19.34
O1 TRS I . -11.16 -17.37 16.44
O2 TRS I . -11.32 -16.05 21.24
O3 TRS I . -9.23 -18.14 18.25
C1 GOL J . 7.88 -17.92 18.64
C1 GOL J . 9.13 -16.91 18.34
O1 GOL J . 6.99 -17.73 19.74
O1 GOL J . 8.95 -15.69 19.04
C2 GOL J . 8.74 -19.14 18.90
C2 GOL J . 8.04 -17.94 18.64
O2 GOL J . 10.09 -18.72 19.14
O2 GOL J . 7.25 -17.54 19.74
C3 GOL J . 8.66 -20.07 17.70
C3 GOL J . 8.71 -19.26 18.96
O3 GOL J . 9.48 -21.24 17.90
O3 GOL J . 8.55 -20.16 17.86
N3 CYT K . 12.75 -18.23 14.95
C4 CYT K . 13.85 -18.95 15.23
N1 CYT K . 12.05 -18.36 17.20
C2 CYT K . 11.85 -17.94 15.92
O2 CYT K . 10.84 -17.27 15.65
N4 CYT K . 14.74 -19.25 14.26
C5 CYT K . 14.06 -19.41 16.53
C6 CYT K . 13.13 -19.09 17.51
C1 GOL L . 11.84 22.66 9.99
C1 GOL L . 11.90 23.63 9.85
O1 GOL L . 11.75 23.93 10.63
O1 GOL L . 11.37 24.77 10.54
C2 GOL L . 12.91 21.80 10.67
C2 GOL L . 12.02 22.46 10.83
O2 GOL L . 13.76 21.23 9.68
O2 GOL L . 12.76 22.89 11.97
C3 GOL L . 12.23 20.69 11.47
C3 GOL L . 12.71 21.27 10.16
O3 GOL L . 13.12 19.59 11.74
O3 GOL L . 14.05 21.62 9.78
C1 PEG M . -4.24 11.44 25.31
O1 PEG M . -4.18 12.45 24.29
C2 PEG M . -2.93 11.37 26.07
O2 PEG M . -2.30 10.10 25.87
C3 PEG M . -0.95 10.20 25.39
C4 PEG M . 0.03 9.84 26.50
O4 PEG M . 1.12 10.77 26.52
N3 CYT N . 7.75 21.71 13.52
C4 CYT N . 7.57 22.62 14.49
N1 CYT N . 10.06 22.16 13.50
C2 CYT N . 8.98 21.49 13.03
O2 CYT N . 9.13 20.65 12.12
N4 CYT N . 6.33 22.83 14.97
C5 CYT N . 8.65 23.33 15.00
C6 CYT N . 9.92 23.07 14.49
N3 CYT O . -0.60 9.01 7.86
C4 CYT O . -1.34 9.55 8.83
N1 CYT O . -1.81 6.99 8.06
C2 CYT O . -0.82 7.74 7.48
O2 CYT O . -0.14 7.24 6.58
N4 CYT O . -1.13 10.83 9.21
C5 CYT O . -2.36 8.82 9.43
C6 CYT O . -2.57 7.51 9.02
NA NA P . 16.84 21.34 1.94
C1 EDO Q . 27.21 4.51 -10.38
O1 EDO Q . 26.35 3.49 -9.83
C2 EDO Q . 27.00 5.81 -9.63
O2 EDO Q . 27.32 5.63 -8.24
N3 CYT R . 20.72 13.92 -10.34
C4 CYT R . 21.67 14.04 -11.29
N1 CYT R . 20.62 16.25 -10.12
C2 CYT R . 20.20 15.02 -9.76
O2 CYT R . 19.33 14.90 -8.89
N4 CYT R . 22.19 12.94 -11.88
C5 CYT R . 22.11 15.30 -11.67
C6 CYT R . 21.57 16.42 -11.06
N3 CYT S . 8.69 0.89 -7.95
C4 CYT S . 8.92 1.92 -7.12
N1 CYT S . 10.81 1.18 -8.92
C2 CYT S . 9.62 0.52 -8.84
O2 CYT S . 9.40 -0.44 -9.60
N4 CYT S . 7.97 2.28 -6.22
C5 CYT S . 10.13 2.62 -7.18
C6 CYT S . 11.09 2.21 -8.12
C1 GOL T . 19.07 18.41 -6.32
C1 GOL T . 18.56 17.88 -8.08
O1 GOL T . 18.43 19.63 -5.93
O1 GOL T . 17.20 18.35 -8.23
C2 GOL T . 20.47 18.70 -6.86
C2 GOL T . 19.12 18.26 -6.71
O2 GOL T . 20.42 18.75 -8.29
O2 GOL T . 18.39 19.36 -6.18
C3 GOL T . 21.41 17.59 -6.42
C3 GOL T . 20.59 18.64 -6.85
O3 GOL T . 22.75 17.88 -6.86
O3 GOL T . 21.41 17.77 -6.07
NA NA U . -15.80 -2.72 -22.29
C1 GOL V . -18.62 8.16 -26.66
C1 GOL V . -18.55 8.39 -26.39
O1 GOL V . -18.32 7.77 -28.00
O1 GOL V . -18.50 8.21 -27.81
C2 GOL V . -17.47 7.71 -25.77
C2 GOL V . -17.36 7.66 -25.77
O2 GOL V . -16.24 8.16 -26.34
O2 GOL V . -16.16 8.16 -26.38
C3 GOL V . -17.62 8.26 -24.36
C3 GOL V . -17.29 7.86 -24.26
O3 GOL V . -16.91 7.42 -23.44
O3 GOL V . -18.08 9.00 -23.88
O5' CTN W . -21.12 6.81 -19.59
C5' CTN W . -19.90 6.07 -19.54
C4' CTN W . -18.84 6.76 -20.40
O4' CTN W . -18.98 8.19 -20.40
C1' CTN W . -17.99 8.84 -19.62
N1 CTN W . -18.65 9.61 -18.49
C6 CTN W . -19.59 10.53 -18.77
C5 CTN W . -20.26 11.26 -17.78
C4 CTN W . -19.90 11.06 -16.44
N3 CTN W . -18.95 10.15 -16.15
C2 CTN W . -18.33 9.43 -17.12
O2 CTN W . -17.48 8.61 -16.80
N4 CTN W . -20.49 11.76 -15.44
C2' CTN W . -16.94 7.75 -19.28
O2' CTN W . -15.66 8.00 -19.90
C3' CTN W . -17.48 6.43 -19.82
O3' CTN W . -16.70 5.88 -20.89
C1 EDO X . -1.56 -13.30 -27.73
O1 EDO X . -0.37 -13.82 -27.10
C2 EDO X . -2.38 -14.46 -28.27
O2 EDO X . -3.28 -13.95 -29.28
C1 EDO Y . 0.88 -2.02 -8.95
O1 EDO Y . 2.24 -1.67 -8.70
C2 EDO Y . 0.09 -1.99 -7.66
O2 EDO Y . -0.66 -3.20 -7.55
O5' CTN Z . -10.53 -12.23 -25.10
C5' CTN Z . -10.72 -11.46 -23.91
C4' CTN Z . -11.88 -12.04 -23.11
O4' CTN Z . -11.77 -13.47 -22.96
C1' CTN Z . -11.28 -13.86 -21.67
N1 CTN Z . -9.92 -14.50 -21.81
C6 CTN Z . -9.80 -15.59 -22.60
C5 CTN Z . -8.57 -16.25 -22.78
C4 CTN Z . -7.42 -15.78 -22.12
N3 CTN Z . -7.53 -14.69 -21.32
C2 CTN Z . -8.72 -14.06 -21.16
O2 CTN Z . -8.74 -13.08 -20.42
N4 CTN Z . -6.22 -16.40 -22.27
C2' CTN Z . -11.45 -12.61 -20.78
O2' CTN Z . -12.46 -12.76 -19.78
C3' CTN Z . -11.86 -11.47 -21.71
O3' CTN Z . -13.18 -10.95 -21.42
#